data_4LK6
#
_entry.id   4LK6
#
_cell.length_a   89.068
_cell.length_b   150.829
_cell.length_c   185.817
_cell.angle_alpha   90.00
_cell.angle_beta   90.00
_cell.angle_gamma   90.00
#
_symmetry.space_group_name_H-M   'P 21 21 21'
#
loop_
_entity.id
_entity.type
_entity.pdbx_description
1 polymer 'PA-I galactophilic lectin'
2 non-polymer 'CALCIUM ION'
3 non-polymer '2-[(E)-(3-chloro-4-hydroxyphenyl)(3-chloro-4-oxocyclohexa-2,5-dien-1-ylidene)methyl]benzenesulfonic acid'
4 non-polymer beta-D-galactopyranose
5 water water
#
_entity_poly.entity_id   1
_entity_poly.type   'polypeptide(L)'
_entity_poly.pdbx_seq_one_letter_code
;AWKGEVLANNEAGQVTSIIYNPGDVITIVAAGWASYGPTQKWGPQGDREHPDQGLICHDAFCGALVMKIGNSGTIPVNTG
LFRWVAPNNVQGAITLIYNDVPGTYGNNSGSFSVNIGKDQS
;
_entity_poly.pdbx_strand_id   A,B,C,D,E,F,G,H,I,J,K,L
#
loop_
_chem_comp.id
_chem_comp.type
_chem_comp.name
_chem_comp.formula
CA non-polymer 'CALCIUM ION' 'Ca 2'
GAL D-saccharide, beta linking beta-D-galactopyranose 'C6 H12 O6'
LRD non-polymer '2-[(E)-(3-chloro-4-hydroxyphenyl)(3-chloro-4-oxocyclohexa-2,5-dien-1-ylidene)methyl]benzenesulfonic acid' 'C19 H12 Cl2 O5 S'
#
# COMPACT_ATOMS: atom_id res chain seq x y z
N ALA A 1 -12.18 27.28 5.29
CA ALA A 1 -12.63 27.03 3.93
C ALA A 1 -13.72 28.00 3.51
N TRP A 2 -13.96 28.10 2.21
CA TRP A 2 -14.97 29.02 1.68
C TRP A 2 -15.79 28.41 0.56
N LYS A 3 -17.05 28.80 0.48
CA LYS A 3 -17.93 28.35 -0.59
C LYS A 3 -19.00 29.41 -0.86
N GLY A 4 -19.15 29.78 -2.13
CA GLY A 4 -20.12 30.80 -2.50
C GLY A 4 -20.30 30.97 -3.99
N GLU A 5 -21.02 32.01 -4.37
CA GLU A 5 -21.33 32.28 -5.77
C GLU A 5 -20.55 33.47 -6.29
N VAL A 6 -20.19 33.42 -7.58
CA VAL A 6 -19.53 34.54 -8.23
C VAL A 6 -20.33 34.95 -9.46
N LEU A 7 -21.09 36.05 -9.35
CA LEU A 7 -21.94 36.51 -10.43
C LEU A 7 -21.14 37.11 -11.58
N ALA A 8 -21.54 36.76 -12.81
CA ALA A 8 -20.85 37.23 -14.00
C ALA A 8 -21.01 38.74 -14.20
N ASN A 9 -22.07 39.31 -13.62
CA ASN A 9 -22.35 40.73 -13.76
C ASN A 9 -21.84 41.55 -12.58
N ASN A 10 -20.94 40.96 -11.79
CA ASN A 10 -20.35 41.65 -10.65
C ASN A 10 -18.94 42.15 -10.98
N GLU A 11 -18.87 43.36 -11.52
CA GLU A 11 -17.60 43.93 -11.96
C GLU A 11 -16.60 44.08 -10.82
N ALA A 12 -17.12 44.25 -9.60
CA ALA A 12 -16.27 44.41 -8.43
C ALA A 12 -15.70 43.06 -7.97
N GLY A 13 -16.41 41.99 -8.29
CA GLY A 13 -15.99 40.65 -7.92
C GLY A 13 -16.49 40.24 -6.55
N GLN A 14 -16.49 38.94 -6.29
CA GLN A 14 -16.94 38.40 -5.01
C GLN A 14 -15.76 38.20 -4.06
N VAL A 15 -15.85 38.80 -2.88
CA VAL A 15 -14.80 38.66 -1.87
C VAL A 15 -15.04 37.40 -1.02
N THR A 16 -13.97 36.71 -0.69
CA THR A 16 -14.07 35.49 0.11
C THR A 16 -13.46 35.69 1.50
N SER A 17 -13.65 34.70 2.36
CA SER A 17 -13.12 34.75 3.72
C SER A 17 -11.65 34.32 3.75
N ILE A 18 -11.19 33.75 2.64
CA ILE A 18 -9.81 33.26 2.55
C ILE A 18 -8.82 34.41 2.40
N ILE A 19 -7.73 34.33 3.15
CA ILE A 19 -6.64 35.30 3.04
C ILE A 19 -5.32 34.56 2.85
N TYR A 20 -4.80 34.60 1.63
CA TYR A 20 -3.58 33.86 1.30
C TYR A 20 -2.35 34.44 1.99
N ASN A 21 -1.72 33.62 2.83
CA ASN A 21 -0.48 34.00 3.50
C ASN A 21 0.72 33.32 2.86
N PRO A 22 1.89 33.95 2.94
CA PRO A 22 3.12 33.41 2.33
C PRO A 22 3.35 31.96 2.74
N GLY A 23 3.59 31.09 1.75
CA GLY A 23 3.87 29.70 2.01
C GLY A 23 2.65 28.81 1.97
N ASP A 24 1.47 29.42 2.09
CA ASP A 24 0.21 28.68 2.09
C ASP A 24 -0.01 27.94 0.77
N VAL A 25 -0.65 26.79 0.85
CA VAL A 25 -1.01 26.00 -0.32
C VAL A 25 -2.53 25.90 -0.42
N ILE A 26 -3.09 26.37 -1.53
CA ILE A 26 -4.54 26.42 -1.69
C ILE A 26 -5.04 25.52 -2.81
N THR A 27 -6.35 25.26 -2.80
CA THR A 27 -6.99 24.47 -3.83
C THR A 27 -8.38 25.03 -4.14
N ILE A 28 -8.67 25.21 -5.43
CA ILE A 28 -9.95 25.76 -5.86
C ILE A 28 -10.65 24.84 -6.84
N VAL A 29 -11.98 24.78 -6.75
CA VAL A 29 -12.78 24.01 -7.68
C VAL A 29 -14.03 24.81 -8.07
N ALA A 30 -14.09 25.22 -9.34
CA ALA A 30 -15.18 26.05 -9.82
C ALA A 30 -16.07 25.32 -10.82
N ALA A 31 -17.37 25.52 -10.68
CA ALA A 31 -18.35 24.91 -11.58
C ALA A 31 -19.50 25.87 -11.84
N GLY A 32 -20.33 25.56 -12.84
CA GLY A 32 -21.47 26.39 -13.18
C GLY A 32 -21.41 26.91 -14.61
N TRP A 33 -22.35 27.78 -14.95
CA TRP A 33 -22.42 28.34 -16.29
C TRP A 33 -22.70 29.84 -16.26
N ALA A 34 -21.97 30.59 -17.07
CA ALA A 34 -22.15 32.03 -17.15
C ALA A 34 -21.99 32.53 -18.58
N SER A 35 -22.43 33.76 -18.84
CA SER A 35 -22.33 34.36 -20.16
C SER A 35 -21.77 35.77 -20.09
N TYR A 36 -20.88 36.10 -21.02
CA TYR A 36 -20.29 37.43 -21.08
C TYR A 36 -21.13 38.36 -21.95
N GLY A 37 -22.43 38.09 -22.03
CA GLY A 37 -23.32 38.90 -22.82
C GLY A 37 -24.29 38.13 -23.70
N PRO A 38 -23.76 37.21 -24.52
CA PRO A 38 -24.59 36.40 -25.43
C PRO A 38 -25.67 35.62 -24.71
N THR A 39 -26.31 34.69 -25.42
CA THR A 39 -27.39 33.90 -24.85
C THR A 39 -26.91 32.56 -24.30
N GLN A 40 -26.00 31.90 -25.02
CA GLN A 40 -25.44 30.65 -24.54
C GLN A 40 -24.45 30.91 -23.40
N LYS A 41 -24.10 29.86 -22.67
CA LYS A 41 -23.24 30.00 -21.51
C LYS A 41 -22.02 29.09 -21.58
N TRP A 42 -20.89 29.60 -21.09
CA TRP A 42 -19.65 28.83 -21.08
C TRP A 42 -19.25 28.47 -19.65
N GLY A 43 -18.30 27.54 -19.53
CA GLY A 43 -17.84 27.11 -18.22
C GLY A 43 -16.82 28.06 -17.63
N PRO A 44 -16.20 27.64 -16.51
CA PRO A 44 -15.19 28.44 -15.80
C PRO A 44 -13.98 28.76 -16.66
N GLN A 45 -13.74 27.96 -17.70
CA GLN A 45 -12.59 28.19 -18.58
C GLN A 45 -12.85 29.35 -19.55
N GLY A 46 -14.12 29.64 -19.79
CA GLY A 46 -14.50 30.75 -20.65
C GLY A 46 -14.71 30.35 -22.11
N ASP A 47 -14.72 31.35 -22.99
CA ASP A 47 -14.93 31.12 -24.41
C ASP A 47 -13.61 31.15 -25.17
N ARG A 48 -13.13 29.97 -25.56
CA ARG A 48 -11.84 29.85 -26.25
C ARG A 48 -11.85 30.47 -27.64
N GLU A 49 -13.03 30.59 -28.24
CA GLU A 49 -13.16 31.14 -29.58
C GLU A 49 -13.31 32.66 -29.59
N HIS A 50 -13.63 33.22 -28.43
CA HIS A 50 -13.81 34.67 -28.31
C HIS A 50 -12.46 35.37 -28.12
N PRO A 51 -12.13 36.30 -29.01
CA PRO A 51 -10.86 37.03 -28.96
C PRO A 51 -10.80 37.97 -27.76
N ASP A 52 -9.58 38.25 -27.28
CA ASP A 52 -9.39 39.16 -26.17
C ASP A 52 -9.56 40.61 -26.62
N GLN A 53 -10.62 41.25 -26.15
CA GLN A 53 -10.93 42.61 -26.57
C GLN A 53 -10.69 43.62 -25.43
N GLY A 54 -9.84 43.23 -24.48
CA GLY A 54 -9.50 44.10 -23.37
C GLY A 54 -9.99 43.58 -22.04
N LEU A 55 -9.75 42.29 -21.79
CA LEU A 55 -10.17 41.65 -20.55
C LEU A 55 -9.33 42.14 -19.37
N ILE A 56 -9.87 42.02 -18.17
CA ILE A 56 -9.14 42.37 -16.96
C ILE A 56 -8.02 41.37 -16.71
N CYS A 57 -8.11 40.23 -17.39
CA CYS A 57 -7.08 39.19 -17.30
C CYS A 57 -6.77 38.66 -18.69
N HIS A 58 -5.59 39.01 -19.21
CA HIS A 58 -5.21 38.66 -20.57
C HIS A 58 -4.67 37.23 -20.68
N ASP A 59 -4.50 36.57 -19.54
CA ASP A 59 -4.00 35.20 -19.53
C ASP A 59 -5.14 34.19 -19.40
N ALA A 60 -6.35 34.65 -19.64
CA ALA A 60 -7.53 33.78 -19.57
C ALA A 60 -8.58 34.21 -20.59
N PHE A 61 -9.33 33.25 -21.11
CA PHE A 61 -10.39 33.52 -22.07
C PHE A 61 -11.47 34.42 -21.48
N CYS A 62 -12.26 35.04 -22.34
CA CYS A 62 -13.38 35.85 -21.90
C CYS A 62 -14.45 34.95 -21.29
N GLY A 63 -14.92 35.31 -20.10
CA GLY A 63 -15.91 34.52 -19.40
C GLY A 63 -15.29 33.47 -18.51
N ALA A 64 -13.98 33.61 -18.25
CA ALA A 64 -13.28 32.68 -17.39
C ALA A 64 -13.20 33.20 -15.96
N LEU A 65 -12.96 32.30 -15.02
CA LEU A 65 -12.85 32.69 -13.62
C LEU A 65 -11.43 33.08 -13.26
N VAL A 66 -11.25 34.33 -12.85
CA VAL A 66 -9.94 34.82 -12.41
C VAL A 66 -10.01 35.23 -10.94
N MET A 67 -8.90 35.73 -10.41
CA MET A 67 -8.86 36.15 -9.01
C MET A 67 -7.80 37.21 -8.76
N LYS A 68 -7.89 37.86 -7.60
CA LYS A 68 -6.91 38.84 -7.18
C LYS A 68 -6.59 38.64 -5.69
N ILE A 69 -5.31 38.40 -5.40
CA ILE A 69 -4.88 38.23 -4.02
C ILE A 69 -4.36 39.55 -3.46
N GLY A 70 -5.06 40.08 -2.46
CA GLY A 70 -4.77 41.39 -1.93
C GLY A 70 -5.09 42.44 -2.98
N ASN A 71 -4.05 43.08 -3.51
CA ASN A 71 -4.23 44.02 -4.61
C ASN A 71 -3.17 43.81 -5.70
N SER A 72 -3.12 42.60 -6.24
CA SER A 72 -2.18 42.27 -7.30
C SER A 72 -2.90 42.23 -8.64
N GLY A 73 -2.20 41.78 -9.67
CA GLY A 73 -2.80 41.60 -10.98
C GLY A 73 -3.74 40.41 -10.96
N THR A 74 -4.58 40.29 -11.99
CA THR A 74 -5.51 39.18 -12.08
C THR A 74 -4.79 37.87 -12.36
N ILE A 75 -5.16 36.83 -11.62
CA ILE A 75 -4.55 35.52 -11.78
C ILE A 75 -5.58 34.49 -12.22
N PRO A 76 -5.28 33.77 -13.32
CA PRO A 76 -6.17 32.75 -13.88
C PRO A 76 -6.54 31.68 -12.86
N VAL A 77 -7.81 31.29 -12.84
CA VAL A 77 -8.27 30.22 -11.97
C VAL A 77 -8.96 29.13 -12.79
N ASN A 78 -9.74 29.56 -13.78
CA ASN A 78 -10.46 28.64 -14.66
C ASN A 78 -11.24 27.58 -13.90
N THR A 79 -10.97 26.31 -14.21
CA THR A 79 -11.65 25.19 -13.55
C THR A 79 -11.25 25.09 -12.09
N GLY A 80 -10.08 25.60 -11.76
CA GLY A 80 -9.61 25.59 -10.38
C GLY A 80 -8.12 25.34 -10.25
N LEU A 81 -7.63 25.39 -9.02
CA LEU A 81 -6.22 25.17 -8.74
C LEU A 81 -6.04 23.95 -7.84
N PHE A 82 -4.99 23.18 -8.11
CA PHE A 82 -4.74 21.95 -7.34
C PHE A 82 -3.45 22.05 -6.53
N ARG A 83 -3.59 22.21 -5.22
CA ARG A 83 -2.44 22.33 -4.33
C ARG A 83 -1.44 23.32 -4.90
N TRP A 84 -1.86 24.58 -4.93
CA TRP A 84 -1.17 25.64 -5.66
C TRP A 84 -0.50 26.63 -4.72
N VAL A 85 0.62 27.21 -5.17
CA VAL A 85 1.33 28.20 -4.38
C VAL A 85 1.54 29.47 -5.20
N ALA A 86 1.12 30.60 -4.64
CA ALA A 86 1.22 31.89 -5.32
C ALA A 86 2.67 32.33 -5.49
N PRO A 87 2.92 33.24 -6.44
CA PRO A 87 4.27 33.80 -6.64
C PRO A 87 4.77 34.51 -5.39
N ASN A 88 6.00 34.99 -5.43
CA ASN A 88 6.59 35.67 -4.28
C ASN A 88 6.02 37.08 -4.09
N ASN A 89 5.93 37.50 -2.83
CA ASN A 89 5.44 38.83 -2.50
C ASN A 89 3.94 39.04 -2.75
N VAL A 90 3.23 37.95 -2.98
CA VAL A 90 1.79 38.01 -3.20
C VAL A 90 1.03 37.49 -1.98
N GLN A 91 0.19 38.34 -1.39
CA GLN A 91 -0.56 37.98 -0.19
C GLN A 91 -1.72 38.94 0.03
N GLY A 92 -2.76 38.44 0.70
CA GLY A 92 -3.94 39.24 0.99
C GLY A 92 -5.23 38.45 0.80
N ALA A 93 -6.35 39.14 0.95
CA ALA A 93 -7.66 38.51 0.80
C ALA A 93 -7.87 38.08 -0.66
N ILE A 94 -8.47 36.90 -0.83
CA ILE A 94 -8.74 36.37 -2.17
C ILE A 94 -10.07 36.90 -2.72
N THR A 95 -10.01 37.47 -3.93
CA THR A 95 -11.20 38.01 -4.56
C THR A 95 -11.45 37.35 -5.91
N LEU A 96 -12.57 36.67 -6.04
CA LEU A 96 -12.94 36.00 -7.29
C LEU A 96 -13.66 36.97 -8.21
N ILE A 97 -13.25 37.00 -9.47
CA ILE A 97 -13.84 37.92 -10.44
C ILE A 97 -14.12 37.22 -11.78
N TYR A 98 -15.17 37.67 -12.47
CA TYR A 98 -15.52 37.15 -13.77
C TYR A 98 -14.72 37.88 -14.85
N ASN A 99 -13.92 37.15 -15.61
CA ASN A 99 -13.05 37.76 -16.61
C ASN A 99 -13.82 38.37 -17.78
N ASP A 100 -14.03 39.68 -17.72
CA ASP A 100 -14.73 40.39 -18.77
C ASP A 100 -14.09 41.76 -19.00
N VAL A 101 -14.53 42.46 -20.05
CA VAL A 101 -14.03 43.80 -20.33
C VAL A 101 -14.69 44.83 -19.43
N PRO A 102 -13.85 45.65 -18.75
CA PRO A 102 -14.34 46.67 -17.83
C PRO A 102 -15.43 47.55 -18.44
N GLY A 103 -16.50 47.77 -17.69
CA GLY A 103 -17.58 48.64 -18.13
C GLY A 103 -18.60 47.96 -19.03
N THR A 104 -18.54 46.63 -19.11
CA THR A 104 -19.46 45.89 -19.96
C THR A 104 -20.25 44.84 -19.17
N TYR A 105 -19.97 44.73 -17.89
CA TYR A 105 -20.60 43.73 -17.03
C TYR A 105 -22.13 43.83 -16.98
N GLY A 106 -22.68 44.84 -17.67
CA GLY A 106 -24.11 45.07 -17.67
C GLY A 106 -24.94 43.89 -18.13
N ASN A 107 -24.62 43.36 -19.30
CA ASN A 107 -25.43 42.30 -19.90
C ASN A 107 -24.98 40.89 -19.54
N ASN A 108 -24.22 40.77 -18.44
CA ASN A 108 -23.74 39.48 -17.99
C ASN A 108 -24.80 38.71 -17.19
N SER A 109 -24.75 37.39 -17.29
CA SER A 109 -25.71 36.53 -16.60
C SER A 109 -25.07 35.21 -16.18
N GLY A 110 -25.70 34.53 -15.23
CA GLY A 110 -25.19 33.27 -14.73
C GLY A 110 -24.25 33.46 -13.55
N SER A 111 -23.62 32.38 -13.10
CA SER A 111 -22.69 32.45 -11.98
C SER A 111 -21.87 31.17 -11.86
N PHE A 112 -20.87 31.21 -10.99
CA PHE A 112 -20.01 30.06 -10.74
C PHE A 112 -20.02 29.67 -9.27
N SER A 113 -20.25 28.38 -9.00
CA SER A 113 -20.13 27.86 -7.64
C SER A 113 -18.68 27.48 -7.38
N VAL A 114 -18.07 28.11 -6.38
CA VAL A 114 -16.64 27.95 -6.15
C VAL A 114 -16.31 27.49 -4.73
N ASN A 115 -15.41 26.51 -4.63
CA ASN A 115 -14.90 26.06 -3.34
C ASN A 115 -13.42 26.43 -3.18
N ILE A 116 -13.06 26.89 -1.98
CA ILE A 116 -11.67 27.26 -1.70
C ILE A 116 -11.22 26.72 -0.35
N GLY A 117 -10.07 26.08 -0.33
CA GLY A 117 -9.53 25.51 0.90
C GLY A 117 -8.01 25.42 0.87
N LYS A 118 -7.39 25.43 2.05
CA LYS A 118 -5.95 25.35 2.15
C LYS A 118 -5.50 23.92 2.43
N ASP A 119 -4.53 23.44 1.64
CA ASP A 119 -3.99 22.10 1.83
C ASP A 119 -2.79 22.16 2.78
N GLN A 120 -2.48 21.02 3.39
CA GLN A 120 -1.39 20.96 4.35
C GLN A 120 -0.05 21.32 3.71
N SER A 121 0.71 22.18 4.37
CA SER A 121 2.00 22.62 3.87
C SER A 121 3.08 22.44 4.93
N ALA B 1 6.55 22.81 5.94
CA ALA B 1 6.84 21.89 7.03
C ALA B 1 8.09 22.32 7.79
N TRP B 2 8.33 21.70 8.94
CA TRP B 2 9.51 22.03 9.73
C TRP B 2 9.89 20.87 10.66
N LYS B 3 11.18 20.55 10.68
CA LYS B 3 11.69 19.48 11.54
C LYS B 3 13.03 19.89 12.13
N GLY B 4 13.11 19.89 13.46
CA GLY B 4 14.33 20.28 14.14
C GLY B 4 14.39 19.82 15.58
N GLU B 5 15.50 20.14 16.25
CA GLU B 5 15.69 19.73 17.63
C GLU B 5 15.67 20.92 18.58
N VAL B 6 14.88 20.81 19.65
CA VAL B 6 14.83 21.84 20.68
C VAL B 6 15.72 21.43 21.85
N LEU B 7 16.74 22.24 22.13
CA LEU B 7 17.68 21.94 23.21
C LEU B 7 17.13 22.37 24.57
N ALA B 8 17.36 21.53 25.58
CA ALA B 8 16.91 21.82 26.93
C ALA B 8 17.69 22.97 27.55
N ASN B 9 18.94 23.15 27.11
CA ASN B 9 19.79 24.21 27.64
C ASN B 9 19.55 25.54 26.92
N ASN B 10 18.78 25.49 25.84
CA ASN B 10 18.47 26.70 25.07
C ASN B 10 17.31 27.47 25.70
N GLU B 11 17.66 28.48 26.49
CA GLU B 11 16.66 29.28 27.21
C GLU B 11 15.85 30.16 26.26
N ALA B 12 16.51 30.64 25.21
CA ALA B 12 15.84 31.50 24.23
C ALA B 12 14.83 30.72 23.40
N GLY B 13 15.10 29.43 23.21
CA GLY B 13 14.21 28.57 22.44
C GLY B 13 14.56 28.51 20.97
N GLN B 14 14.15 27.44 20.31
CA GLN B 14 14.41 27.25 18.89
C GLN B 14 13.33 27.95 18.05
N VAL B 15 13.77 28.74 17.07
CA VAL B 15 12.84 29.45 16.21
C VAL B 15 12.61 28.67 14.91
N THR B 16 11.36 28.29 14.67
CA THR B 16 11.01 27.50 13.49
C THR B 16 10.72 28.39 12.29
N SER B 17 10.60 27.75 11.12
CA SER B 17 10.26 28.46 9.90
C SER B 17 8.75 28.59 9.78
N ILE B 18 8.03 28.04 10.76
CA ILE B 18 6.57 28.09 10.78
C ILE B 18 6.07 29.43 11.28
N ILE B 19 5.22 30.07 10.50
CA ILE B 19 4.61 31.35 10.89
C ILE B 19 3.10 31.20 10.96
N TYR B 20 2.57 31.09 12.17
CA TYR B 20 1.14 30.88 12.37
C TYR B 20 0.34 32.12 12.00
N ASN B 21 -0.70 31.93 11.19
CA ASN B 21 -1.60 33.00 10.81
C ASN B 21 -3.02 32.70 11.26
N PRO B 22 -3.82 33.75 11.49
CA PRO B 22 -5.21 33.58 11.93
C PRO B 22 -5.97 32.57 11.08
N GLY B 23 -6.62 31.61 11.72
CA GLY B 23 -7.38 30.59 11.02
C GLY B 23 -6.61 29.30 10.85
N ASP B 24 -5.29 29.41 10.73
CA ASP B 24 -4.43 28.24 10.51
C ASP B 24 -4.72 27.08 11.45
N VAL B 25 -4.46 25.87 10.97
CA VAL B 25 -4.58 24.66 11.77
C VAL B 25 -3.28 23.88 11.68
N ILE B 26 -2.65 23.62 12.82
CA ILE B 26 -1.34 22.97 12.82
C ILE B 26 -1.33 21.65 13.58
N THR B 27 -0.31 20.84 13.30
CA THR B 27 -0.11 19.58 13.98
C THR B 27 1.35 19.42 14.39
N ILE B 28 1.58 19.09 15.66
CA ILE B 28 2.93 18.95 16.18
C ILE B 28 3.16 17.57 16.78
N VAL B 29 4.34 17.01 16.54
CA VAL B 29 4.71 15.73 17.12
C VAL B 29 6.12 15.81 17.72
N ALA B 30 6.21 15.67 19.03
CA ALA B 30 7.48 15.81 19.73
C ALA B 30 7.91 14.52 20.42
N ALA B 31 9.18 14.17 20.27
CA ALA B 31 9.73 12.98 20.92
C ALA B 31 11.13 13.27 21.45
N GLY B 32 11.67 12.33 22.22
CA GLY B 32 13.02 12.47 22.75
C GLY B 32 13.06 12.51 24.27
N TRP B 33 14.27 12.64 24.82
CA TRP B 33 14.46 12.68 26.25
C TRP B 33 15.33 13.87 26.67
N ALA B 34 14.90 14.60 27.67
CA ALA B 34 15.65 15.75 28.17
C ALA B 34 15.59 15.81 29.69
N SER B 35 16.38 16.72 30.27
CA SER B 35 16.43 16.87 31.72
C SER B 35 16.52 18.32 32.14
N TYR B 36 15.94 18.63 33.30
CA TYR B 36 15.97 19.99 33.84
C TYR B 36 17.00 20.10 34.96
N GLY B 37 18.02 19.27 34.90
CA GLY B 37 19.06 19.27 35.92
C GLY B 37 19.56 17.89 36.29
N PRO B 38 18.68 17.05 36.84
CA PRO B 38 19.08 15.70 37.31
C PRO B 38 19.71 14.85 36.21
N THR B 39 20.23 13.68 36.59
CA THR B 39 20.79 12.74 35.62
C THR B 39 19.66 11.98 34.93
N GLN B 40 18.47 12.03 35.53
CA GLN B 40 17.30 11.38 34.93
C GLN B 40 16.78 12.20 33.76
N LYS B 41 15.99 11.56 32.90
CA LYS B 41 15.42 12.22 31.73
C LYS B 41 13.92 11.95 31.62
N TRP B 42 13.18 12.95 31.16
CA TRP B 42 11.74 12.82 31.01
C TRP B 42 11.32 13.08 29.56
N GLY B 43 10.09 12.70 29.23
CA GLY B 43 9.56 12.91 27.90
C GLY B 43 9.05 14.32 27.71
N PRO B 44 8.44 14.60 26.54
CA PRO B 44 7.92 15.93 26.19
C PRO B 44 6.88 16.44 27.18
N GLN B 45 6.32 15.55 27.99
CA GLN B 45 5.31 15.94 28.98
C GLN B 45 5.95 16.42 30.29
N GLY B 46 7.27 16.27 30.39
CA GLY B 46 8.00 16.74 31.56
C GLY B 46 7.92 15.80 32.75
N ASP B 47 8.24 16.32 33.93
CA ASP B 47 8.24 15.53 35.16
C ASP B 47 7.01 15.88 36.00
N ARG B 48 6.11 14.91 36.16
CA ARG B 48 4.85 15.14 36.85
C ARG B 48 5.00 15.23 38.36
N GLU B 49 6.18 14.91 38.87
CA GLU B 49 6.43 14.90 40.31
C GLU B 49 7.43 15.99 40.72
N HIS B 50 7.38 17.13 40.04
CA HIS B 50 8.23 18.26 40.36
C HIS B 50 7.39 19.54 40.43
N PRO B 51 7.44 20.23 41.58
CA PRO B 51 6.62 21.42 41.82
C PRO B 51 6.99 22.59 40.90
N ASP B 52 6.04 23.51 40.72
CA ASP B 52 6.26 24.69 39.89
C ASP B 52 6.98 25.77 40.68
N GLN B 53 8.29 25.89 40.44
CA GLN B 53 9.11 26.86 41.17
C GLN B 53 9.44 28.08 40.32
N GLY B 54 8.48 28.52 39.52
CA GLY B 54 8.67 29.68 38.67
C GLY B 54 8.97 29.31 37.23
N LEU B 55 8.17 28.39 36.69
CA LEU B 55 8.33 27.96 35.31
C LEU B 55 7.81 29.01 34.34
N ILE B 56 8.39 29.06 33.15
CA ILE B 56 7.94 29.99 32.12
C ILE B 56 6.53 29.63 31.64
N CYS B 57 6.11 28.41 31.96
CA CYS B 57 4.76 27.96 31.63
C CYS B 57 4.16 27.22 32.82
N HIS B 58 3.17 27.85 33.45
CA HIS B 58 2.57 27.30 34.67
C HIS B 58 1.52 26.25 34.38
N ASP B 59 1.15 26.10 33.11
CA ASP B 59 0.15 25.13 32.72
C ASP B 59 0.78 23.86 32.16
N ALA B 60 2.08 23.72 32.34
CA ALA B 60 2.80 22.54 31.88
C ALA B 60 3.89 22.15 32.87
N PHE B 61 4.05 20.84 33.07
CA PHE B 61 5.06 20.33 33.99
C PHE B 61 6.46 20.85 33.62
N CYS B 62 7.37 20.78 34.59
CA CYS B 62 8.76 21.16 34.35
C CYS B 62 9.41 20.15 33.42
N GLY B 63 10.27 20.63 32.53
CA GLY B 63 10.95 19.78 31.58
C GLY B 63 10.03 19.33 30.45
N ALA B 64 8.95 20.08 30.25
CA ALA B 64 8.00 19.78 29.18
C ALA B 64 8.18 20.75 28.02
N LEU B 65 7.67 20.38 26.85
CA LEU B 65 7.78 21.21 25.67
C LEU B 65 6.67 22.25 25.60
N VAL B 66 7.05 23.50 25.41
CA VAL B 66 6.08 24.58 25.25
C VAL B 66 6.46 25.44 24.05
N MET B 67 5.71 26.52 23.83
CA MET B 67 5.98 27.40 22.69
C MET B 67 5.41 28.80 22.91
N LYS B 68 5.88 29.74 22.10
CA LYS B 68 5.31 31.09 22.09
C LYS B 68 5.04 31.54 20.66
N ILE B 69 3.79 31.89 20.38
CA ILE B 69 3.41 32.35 19.05
C ILE B 69 3.55 33.86 18.94
N GLY B 70 4.62 34.29 18.28
CA GLY B 70 4.91 35.71 18.15
C GLY B 70 5.38 36.31 19.46
N ASN B 71 4.58 37.22 19.99
CA ASN B 71 4.90 37.86 21.27
C ASN B 71 3.81 37.58 22.31
N SER B 72 3.29 36.36 22.31
CA SER B 72 2.24 35.97 23.25
C SER B 72 2.82 35.25 24.46
N GLY B 73 1.94 34.68 25.28
CA GLY B 73 2.36 33.92 26.43
C GLY B 73 2.67 32.48 26.05
N THR B 74 3.42 31.79 26.90
CA THR B 74 3.80 30.41 26.64
C THR B 74 2.57 29.51 26.53
N ILE B 75 2.59 28.60 25.56
CA ILE B 75 1.48 27.68 25.33
C ILE B 75 1.96 26.23 25.41
N PRO B 76 1.29 25.42 26.22
CA PRO B 76 1.61 23.99 26.39
C PRO B 76 1.64 23.25 25.07
N VAL B 77 2.56 22.29 24.95
CA VAL B 77 2.69 21.50 23.73
C VAL B 77 2.79 20.01 24.05
N ASN B 78 3.70 19.67 24.96
CA ASN B 78 3.93 18.28 25.35
C ASN B 78 4.25 17.36 24.18
N THR B 79 3.54 16.24 24.11
CA THR B 79 3.75 15.27 23.05
C THR B 79 3.39 15.85 21.69
N GLY B 80 2.62 16.93 21.69
CA GLY B 80 2.25 17.60 20.45
C GLY B 80 0.78 17.94 20.38
N LEU B 81 0.39 18.56 19.26
CA LEU B 81 -0.99 18.97 19.06
C LEU B 81 -1.53 18.35 17.77
N PHE B 82 -2.82 18.01 17.77
CA PHE B 82 -3.44 17.37 16.62
C PHE B 82 -4.50 18.26 15.98
N ARG B 83 -4.21 18.74 14.78
CA ARG B 83 -5.12 19.64 14.06
C ARG B 83 -5.66 20.68 15.02
N TRP B 84 -4.77 21.58 15.43
CA TRP B 84 -5.03 22.49 16.55
C TRP B 84 -5.18 23.95 16.08
N VAL B 85 -6.14 24.65 16.66
CA VAL B 85 -6.36 26.05 16.33
C VAL B 85 -6.02 26.95 17.53
N ALA B 86 -5.24 27.99 17.27
CA ALA B 86 -4.80 28.90 18.33
C ALA B 86 -5.96 29.76 18.84
N PRO B 87 -5.86 30.19 20.11
CA PRO B 87 -6.88 31.04 20.74
C PRO B 87 -7.08 32.35 19.97
N ASN B 88 -8.10 33.11 20.35
CA ASN B 88 -8.45 34.34 19.68
C ASN B 88 -7.31 35.36 19.68
N ASN B 89 -7.09 36.00 18.55
CA ASN B 89 -6.07 37.04 18.41
C ASN B 89 -4.63 36.56 18.58
N VAL B 90 -4.43 35.25 18.46
CA VAL B 90 -3.08 34.69 18.55
C VAL B 90 -2.49 34.50 17.16
N GLN B 91 -1.33 35.13 16.93
CA GLN B 91 -0.69 35.07 15.61
C GLN B 91 0.77 35.52 15.66
N GLY B 92 1.59 34.93 14.79
CA GLY B 92 3.00 35.27 14.72
C GLY B 92 3.86 34.05 14.45
N ALA B 93 5.18 34.24 14.52
CA ALA B 93 6.12 33.13 14.32
C ALA B 93 6.06 32.17 15.50
N ILE B 94 6.48 30.93 15.28
CA ILE B 94 6.44 29.92 16.33
C ILE B 94 7.82 29.60 16.89
N THR B 95 7.95 29.72 18.20
CA THR B 95 9.22 29.43 18.89
C THR B 95 9.02 28.34 19.93
N LEU B 96 9.74 27.24 19.78
CA LEU B 96 9.64 26.12 20.71
C LEU B 96 10.63 26.29 21.86
N ILE B 97 10.15 26.07 23.08
CA ILE B 97 10.98 26.28 24.27
C ILE B 97 10.85 25.13 25.26
N TYR B 98 11.96 24.78 25.90
CA TYR B 98 11.97 23.78 26.96
C TYR B 98 11.52 24.44 28.26
N ASN B 99 10.44 23.93 28.83
CA ASN B 99 9.85 24.55 30.02
C ASN B 99 10.72 24.39 31.27
N ASP B 100 11.22 25.52 31.78
CA ASP B 100 12.07 25.52 32.96
C ASP B 100 11.92 26.83 33.70
N VAL B 101 12.87 27.13 34.58
CA VAL B 101 12.87 28.39 35.31
C VAL B 101 13.95 29.31 34.75
N PRO B 102 13.59 30.58 34.49
CA PRO B 102 14.51 31.55 33.89
C PRO B 102 15.87 31.58 34.60
N GLY B 103 16.93 31.29 33.86
CA GLY B 103 18.28 31.36 34.40
C GLY B 103 18.83 30.04 34.88
N THR B 104 18.00 29.01 34.88
CA THR B 104 18.41 27.70 35.37
C THR B 104 18.83 26.77 34.23
N TYR B 105 18.52 27.17 33.00
CA TYR B 105 18.79 26.35 31.82
C TYR B 105 20.23 25.86 31.72
N GLY B 106 21.12 26.47 32.47
CA GLY B 106 22.54 26.16 32.42
C GLY B 106 22.86 24.66 32.48
N ASN B 107 22.36 24.00 33.52
CA ASN B 107 22.69 22.59 33.75
C ASN B 107 21.75 21.62 33.02
N ASN B 108 21.04 22.11 32.03
CA ASN B 108 20.11 21.28 31.26
C ASN B 108 20.80 20.43 30.20
N SER B 109 20.26 19.23 29.99
CA SER B 109 20.80 18.32 28.98
C SER B 109 19.67 17.65 28.21
N GLY B 110 20.00 17.07 27.06
CA GLY B 110 19.01 16.40 26.23
C GLY B 110 18.33 17.33 25.26
N SER B 111 17.43 16.78 24.44
CA SER B 111 16.72 17.56 23.44
C SER B 111 15.44 16.88 23.01
N PHE B 112 14.60 17.62 22.28
CA PHE B 112 13.35 17.09 21.74
C PHE B 112 13.33 17.19 20.23
N SER B 113 13.08 16.07 19.55
CA SER B 113 12.88 16.07 18.11
C SER B 113 11.43 16.42 17.81
N VAL B 114 11.22 17.47 17.03
CA VAL B 114 9.87 17.99 16.82
C VAL B 114 9.53 18.21 15.34
N ASN B 115 8.34 17.76 14.95
CA ASN B 115 7.82 18.03 13.62
C ASN B 115 6.60 18.95 13.68
N ILE B 116 6.64 20.01 12.88
CA ILE B 116 5.52 20.96 12.82
C ILE B 116 5.10 21.19 11.37
N GLY B 117 3.82 20.97 11.08
CA GLY B 117 3.30 21.17 9.75
C GLY B 117 1.90 21.77 9.75
N LYS B 118 1.68 22.75 8.87
CA LYS B 118 0.36 23.33 8.71
C LYS B 118 -0.59 22.31 8.11
N ASP B 119 -1.76 22.14 8.73
CA ASP B 119 -2.74 21.16 8.30
C ASP B 119 -3.79 21.74 7.37
N GLN B 120 -4.55 20.85 6.74
CA GLN B 120 -5.60 21.23 5.81
C GLN B 120 -6.74 21.94 6.53
N SER B 121 -7.37 22.89 5.84
CA SER B 121 -8.36 23.77 6.44
C SER B 121 -9.14 24.51 5.35
N ALA C 1 37.12 -17.78 -8.20
CA ALA C 1 35.74 -18.15 -8.47
C ALA C 1 35.36 -19.44 -7.75
N TRP C 2 34.09 -19.82 -7.83
CA TRP C 2 33.60 -21.00 -7.12
C TRP C 2 33.11 -22.08 -8.06
N LYS C 3 33.51 -23.32 -7.79
CA LYS C 3 33.01 -24.48 -8.51
C LYS C 3 32.67 -25.58 -7.51
N GLY C 4 31.53 -26.23 -7.70
CA GLY C 4 31.12 -27.29 -6.80
C GLY C 4 29.87 -28.03 -7.23
N GLU C 5 29.26 -28.72 -6.29
CA GLU C 5 28.07 -29.52 -6.57
C GLU C 5 26.91 -29.09 -5.67
N VAL C 6 25.70 -29.11 -6.23
CA VAL C 6 24.50 -28.77 -5.48
C VAL C 6 23.54 -29.96 -5.46
N LEU C 7 23.65 -30.79 -4.43
CA LEU C 7 22.80 -31.97 -4.31
C LEU C 7 21.32 -31.59 -4.23
N ALA C 8 20.48 -32.39 -4.88
CA ALA C 8 19.05 -32.14 -4.91
C ALA C 8 18.43 -32.26 -3.52
N ASN C 9 18.87 -33.25 -2.76
CA ASN C 9 18.30 -33.51 -1.44
C ASN C 9 18.82 -32.58 -0.35
N ASN C 10 19.53 -31.53 -0.75
CA ASN C 10 20.05 -30.54 0.20
C ASN C 10 19.09 -29.38 0.36
N GLU C 11 18.07 -29.56 1.19
CA GLU C 11 17.05 -28.54 1.40
C GLU C 11 17.64 -27.25 1.96
N ALA C 12 18.70 -27.38 2.74
CA ALA C 12 19.34 -26.22 3.36
C ALA C 12 20.06 -25.36 2.32
N GLY C 13 20.32 -25.96 1.16
CA GLY C 13 21.00 -25.25 0.09
C GLY C 13 22.50 -25.49 0.10
N GLN C 14 23.21 -24.82 -0.79
CA GLN C 14 24.66 -24.96 -0.90
C GLN C 14 25.34 -23.60 -0.85
N VAL C 15 26.12 -23.37 0.20
CA VAL C 15 26.81 -22.10 0.37
C VAL C 15 28.10 -22.07 -0.45
N THR C 16 28.32 -20.97 -1.16
CA THR C 16 29.51 -20.81 -1.98
C THR C 16 30.47 -19.79 -1.38
N SER C 17 31.68 -19.73 -1.92
CA SER C 17 32.70 -18.80 -1.43
C SER C 17 32.51 -17.42 -2.03
N ILE C 18 31.38 -17.21 -2.70
CA ILE C 18 31.14 -15.94 -3.38
C ILE C 18 30.11 -15.07 -2.67
N ILE C 19 30.50 -13.85 -2.36
CA ILE C 19 29.63 -12.90 -1.68
C ILE C 19 29.28 -11.74 -2.61
N TYR C 20 28.08 -11.78 -3.19
CA TYR C 20 27.67 -10.72 -4.11
C TYR C 20 27.59 -9.38 -3.39
N ASN C 21 28.40 -8.42 -3.86
CA ASN C 21 28.42 -7.08 -3.31
C ASN C 21 27.78 -6.08 -4.26
N PRO C 22 27.29 -4.95 -3.73
CA PRO C 22 26.62 -3.92 -4.52
C PRO C 22 27.42 -3.51 -5.75
N GLY C 23 26.93 -3.87 -6.94
CA GLY C 23 27.58 -3.50 -8.17
C GLY C 23 28.20 -4.67 -8.91
N ASP C 24 28.52 -5.73 -8.17
CA ASP C 24 29.16 -6.91 -8.75
C ASP C 24 28.41 -7.45 -9.97
N VAL C 25 29.17 -7.95 -10.94
CA VAL C 25 28.61 -8.63 -12.10
C VAL C 25 29.04 -10.09 -12.05
N ILE C 26 28.09 -11.00 -12.20
CA ILE C 26 28.38 -12.42 -12.05
C ILE C 26 27.99 -13.24 -13.28
N THR C 27 28.55 -14.44 -13.38
CA THR C 27 28.23 -15.39 -14.44
C THR C 27 28.10 -16.80 -13.87
N ILE C 28 27.01 -17.48 -14.22
CA ILE C 28 26.76 -18.82 -13.72
C ILE C 28 26.54 -19.81 -14.86
N VAL C 29 27.10 -21.01 -14.70
CA VAL C 29 26.88 -22.08 -15.66
C VAL C 29 26.62 -23.39 -14.91
N ALA C 30 25.41 -23.92 -15.06
CA ALA C 30 25.01 -25.13 -14.36
C ALA C 30 24.75 -26.28 -15.32
N ALA C 31 25.03 -27.50 -14.86
CA ALA C 31 24.81 -28.70 -15.66
C ALA C 31 24.59 -29.92 -14.78
N GLY C 32 24.21 -31.04 -15.40
CA GLY C 32 23.97 -32.26 -14.67
C GLY C 32 22.51 -32.69 -14.70
N TRP C 33 22.21 -33.78 -14.00
CA TRP C 33 20.85 -34.30 -13.96
C TRP C 33 20.39 -34.56 -12.53
N ALA C 34 19.21 -34.06 -12.19
CA ALA C 34 18.65 -34.25 -10.85
C ALA C 34 17.15 -34.55 -10.93
N SER C 35 16.59 -35.01 -9.82
CA SER C 35 15.18 -35.36 -9.77
C SER C 35 14.51 -34.87 -8.49
N TYR C 36 13.21 -34.62 -8.58
CA TYR C 36 12.44 -34.16 -7.42
C TYR C 36 11.63 -35.32 -6.85
N GLY C 37 12.03 -36.55 -7.16
CA GLY C 37 11.34 -37.72 -6.67
C GLY C 37 11.28 -38.86 -7.67
N PRO C 38 10.66 -38.61 -8.84
CA PRO C 38 10.52 -39.62 -9.88
C PRO C 38 11.85 -40.28 -10.25
N THR C 39 11.79 -41.51 -10.74
CA THR C 39 12.99 -42.25 -11.12
C THR C 39 13.78 -41.55 -12.23
N GLN C 40 13.08 -40.82 -13.09
CA GLN C 40 13.72 -40.08 -14.17
C GLN C 40 14.21 -38.72 -13.70
N LYS C 41 15.17 -38.16 -14.42
CA LYS C 41 15.80 -36.90 -14.01
C LYS C 41 15.59 -35.77 -15.01
N TRP C 42 15.89 -34.55 -14.57
CA TRP C 42 15.78 -33.37 -15.42
C TRP C 42 17.03 -32.50 -15.28
N GLY C 43 17.15 -31.52 -16.17
CA GLY C 43 18.29 -30.62 -16.16
C GLY C 43 18.09 -29.43 -15.23
N PRO C 44 19.05 -28.50 -15.23
CA PRO C 44 19.02 -27.30 -14.39
C PRO C 44 17.78 -26.43 -14.61
N GLN C 45 17.11 -26.61 -15.74
CA GLN C 45 15.90 -25.83 -16.03
C GLN C 45 14.66 -26.43 -15.36
N GLY C 46 14.76 -27.67 -14.93
CA GLY C 46 13.68 -28.32 -14.21
C GLY C 46 12.69 -29.04 -15.10
N ASP C 47 11.53 -29.37 -14.53
CA ASP C 47 10.49 -30.06 -15.27
C ASP C 47 9.35 -29.10 -15.63
N ARG C 48 9.23 -28.80 -16.92
CA ARG C 48 8.24 -27.84 -17.40
C ARG C 48 6.80 -28.34 -17.24
N GLU C 49 6.65 -29.66 -17.17
CA GLU C 49 5.32 -30.27 -17.05
C GLU C 49 4.75 -30.13 -15.65
N HIS C 50 5.64 -30.12 -14.65
CA HIS C 50 5.23 -30.15 -13.25
C HIS C 50 4.62 -28.83 -12.79
N PRO C 51 3.51 -28.91 -12.03
CA PRO C 51 2.82 -27.74 -11.49
C PRO C 51 3.47 -27.24 -10.19
N ASP C 52 3.10 -26.03 -9.77
CA ASP C 52 3.66 -25.44 -8.57
C ASP C 52 2.87 -25.88 -7.33
N GLN C 53 3.46 -26.77 -6.55
CA GLN C 53 2.79 -27.29 -5.35
C GLN C 53 3.36 -26.70 -4.07
N GLY C 54 3.79 -25.45 -4.15
CA GLY C 54 4.37 -24.77 -2.99
C GLY C 54 5.89 -24.78 -3.02
N LEU C 55 6.46 -24.53 -4.19
CA LEU C 55 7.90 -24.49 -4.35
C LEU C 55 8.51 -23.32 -3.60
N ILE C 56 9.81 -23.39 -3.35
CA ILE C 56 10.53 -22.29 -2.71
C ILE C 56 10.67 -21.13 -3.68
N CYS C 57 10.66 -21.46 -4.97
CA CYS C 57 10.74 -20.45 -6.02
C CYS C 57 9.62 -20.66 -7.03
N HIS C 58 8.70 -19.70 -7.09
CA HIS C 58 7.53 -19.82 -7.96
C HIS C 58 7.79 -19.22 -9.34
N ASP C 59 9.02 -18.75 -9.54
CA ASP C 59 9.42 -18.18 -10.83
C ASP C 59 10.15 -19.21 -11.68
N ALA C 60 10.46 -20.35 -11.08
CA ALA C 60 11.15 -21.42 -11.78
C ALA C 60 10.40 -22.75 -11.64
N PHE C 61 10.68 -23.67 -12.54
CA PHE C 61 10.03 -24.98 -12.52
C PHE C 61 10.52 -25.83 -11.36
N CYS C 62 9.76 -26.88 -11.04
CA CYS C 62 10.15 -27.83 -10.02
C CYS C 62 11.31 -28.69 -10.52
N GLY C 63 12.43 -28.62 -9.81
CA GLY C 63 13.62 -29.35 -10.21
C GLY C 63 14.65 -28.46 -10.87
N ALA C 64 14.36 -27.16 -10.86
CA ALA C 64 15.27 -26.18 -11.45
C ALA C 64 16.23 -25.62 -10.40
N LEU C 65 17.34 -25.07 -10.86
CA LEU C 65 18.34 -24.50 -9.96
C LEU C 65 18.04 -23.03 -9.65
N VAL C 66 17.77 -22.74 -8.39
CA VAL C 66 17.55 -21.37 -7.96
C VAL C 66 18.64 -20.97 -6.97
N MET C 67 18.53 -19.76 -6.41
CA MET C 67 19.55 -19.29 -5.47
C MET C 67 19.03 -18.21 -4.53
N LYS C 68 19.73 -18.04 -3.41
CA LYS C 68 19.46 -16.95 -2.49
C LYS C 68 20.68 -16.06 -2.38
N ILE C 69 20.51 -14.77 -2.62
CA ILE C 69 21.58 -13.81 -2.41
C ILE C 69 21.46 -13.19 -1.03
N GLY C 70 22.26 -13.69 -0.09
CA GLY C 70 22.16 -13.27 1.29
C GLY C 70 20.89 -13.81 1.92
N ASN C 71 20.06 -12.92 2.42
CA ASN C 71 18.77 -13.31 3.00
C ASN C 71 17.60 -12.73 2.21
N SER C 72 17.61 -12.94 0.90
CA SER C 72 16.54 -12.46 0.04
C SER C 72 15.62 -13.60 -0.35
N GLY C 73 14.70 -13.33 -1.27
CA GLY C 73 13.82 -14.36 -1.78
C GLY C 73 14.60 -15.26 -2.73
N THR C 74 13.91 -16.23 -3.33
CA THR C 74 14.54 -17.13 -4.27
C THR C 74 14.67 -16.49 -5.65
N ILE C 75 15.85 -16.63 -6.25
CA ILE C 75 16.10 -16.09 -7.58
C ILE C 75 16.45 -17.19 -8.56
N PRO C 76 15.69 -17.28 -9.66
CA PRO C 76 15.89 -18.31 -10.69
C PRO C 76 17.31 -18.26 -11.27
N VAL C 77 17.88 -19.43 -11.51
CA VAL C 77 19.21 -19.52 -12.12
C VAL C 77 19.16 -20.40 -13.35
N ASN C 78 18.42 -21.51 -13.26
CA ASN C 78 18.27 -22.43 -14.37
C ASN C 78 19.60 -22.90 -14.93
N THR C 79 19.79 -22.73 -16.23
CA THR C 79 21.04 -23.14 -16.88
C THR C 79 22.20 -22.24 -16.49
N GLY C 80 21.87 -21.09 -15.90
CA GLY C 80 22.89 -20.15 -15.46
C GLY C 80 22.59 -18.72 -15.86
N LEU C 81 23.45 -17.80 -15.44
CA LEU C 81 23.30 -16.39 -15.76
C LEU C 81 24.51 -15.89 -16.52
N PHE C 82 24.31 -14.85 -17.34
CA PHE C 82 25.40 -14.31 -18.14
C PHE C 82 25.61 -12.82 -17.86
N ARG C 83 26.75 -12.50 -17.24
CA ARG C 83 27.07 -11.12 -16.90
C ARG C 83 25.85 -10.46 -16.26
N TRP C 84 25.46 -10.98 -15.10
CA TRP C 84 24.21 -10.61 -14.46
C TRP C 84 24.41 -9.61 -13.32
N VAL C 85 23.38 -8.81 -13.07
CA VAL C 85 23.41 -7.84 -11.98
C VAL C 85 22.13 -7.95 -11.15
N ALA C 86 22.28 -7.88 -9.83
CA ALA C 86 21.16 -8.07 -8.92
C ALA C 86 20.34 -6.79 -8.71
N PRO C 87 19.06 -6.96 -8.34
CA PRO C 87 18.18 -5.83 -8.01
C PRO C 87 18.75 -5.01 -6.86
N ASN C 88 18.38 -3.74 -6.80
CA ASN C 88 18.88 -2.84 -5.75
C ASN C 88 18.66 -3.39 -4.35
N ASN C 89 19.52 -2.98 -3.42
CA ASN C 89 19.40 -3.35 -2.01
C ASN C 89 19.60 -4.84 -1.74
N VAL C 90 20.03 -5.58 -2.77
CA VAL C 90 20.26 -7.02 -2.62
C VAL C 90 21.75 -7.33 -2.53
N GLN C 91 22.14 -8.08 -1.50
CA GLN C 91 23.54 -8.42 -1.28
C GLN C 91 23.68 -9.59 -0.31
N GLY C 92 24.90 -10.09 -0.17
CA GLY C 92 25.16 -11.20 0.73
C GLY C 92 25.80 -12.38 0.02
N ALA C 93 25.92 -13.49 0.73
CA ALA C 93 26.52 -14.71 0.18
C ALA C 93 25.54 -15.44 -0.73
N ILE C 94 26.05 -15.93 -1.85
CA ILE C 94 25.23 -16.66 -2.81
C ILE C 94 25.03 -18.11 -2.37
N THR C 95 23.77 -18.53 -2.25
CA THR C 95 23.44 -19.88 -1.83
C THR C 95 22.63 -20.59 -2.92
N LEU C 96 23.21 -21.64 -3.49
CA LEU C 96 22.56 -22.41 -4.55
C LEU C 96 21.59 -23.44 -3.97
N ILE C 97 20.35 -23.43 -4.45
CA ILE C 97 19.33 -24.33 -3.93
C ILE C 97 18.60 -25.06 -5.05
N TYR C 98 18.13 -26.28 -4.74
CA TYR C 98 17.33 -27.06 -5.68
C TYR C 98 15.85 -26.74 -5.45
N ASN C 99 15.19 -26.23 -6.49
CA ASN C 99 13.81 -25.79 -6.38
C ASN C 99 12.83 -26.93 -6.13
N ASP C 100 12.24 -26.95 -4.94
CA ASP C 100 11.28 -27.99 -4.57
C ASP C 100 10.36 -27.49 -3.46
N VAL C 101 9.50 -28.37 -2.98
CA VAL C 101 8.59 -28.03 -1.87
C VAL C 101 9.28 -28.33 -0.53
N PRO C 102 9.28 -27.33 0.37
CA PRO C 102 9.94 -27.45 1.68
C PRO C 102 9.52 -28.72 2.43
N GLY C 103 10.50 -29.54 2.77
CA GLY C 103 10.26 -30.75 3.55
C GLY C 103 10.12 -32.00 2.72
N THR C 104 10.19 -31.86 1.41
CA THR C 104 10.03 -33.01 0.51
C THR C 104 11.37 -33.47 -0.07
N TYR C 105 12.42 -32.72 0.19
CA TYR C 105 13.75 -33.00 -0.36
C TYR C 105 14.24 -34.41 -0.04
N GLY C 106 13.48 -35.15 0.75
CA GLY C 106 13.86 -36.50 1.15
C GLY C 106 14.18 -37.43 0.00
N ASN C 107 13.24 -37.57 -0.94
CA ASN C 107 13.39 -38.52 -2.04
C ASN C 107 14.15 -37.95 -3.24
N ASN C 108 14.75 -36.78 -3.07
CA ASN C 108 15.53 -36.16 -4.14
C ASN C 108 16.72 -37.00 -4.57
N SER C 109 17.09 -36.88 -5.85
CA SER C 109 18.17 -37.67 -6.41
C SER C 109 18.98 -36.88 -7.43
N GLY C 110 20.29 -37.09 -7.45
CA GLY C 110 21.16 -36.42 -8.38
C GLY C 110 21.66 -35.08 -7.89
N SER C 111 22.51 -34.43 -8.68
CA SER C 111 23.08 -33.14 -8.30
C SER C 111 23.41 -32.28 -9.52
N PHE C 112 23.73 -31.02 -9.28
CA PHE C 112 24.11 -30.09 -10.33
C PHE C 112 25.55 -29.61 -10.14
N SER C 113 26.33 -29.69 -11.21
CA SER C 113 27.69 -29.14 -11.20
C SER C 113 27.66 -27.70 -11.65
N VAL C 114 27.95 -26.77 -10.74
CA VAL C 114 27.78 -25.35 -11.02
C VAL C 114 29.10 -24.56 -10.97
N ASN C 115 29.24 -23.62 -11.89
CA ASN C 115 30.38 -22.71 -11.91
C ASN C 115 29.95 -21.26 -11.76
N ILE C 116 30.42 -20.61 -10.70
CA ILE C 116 30.11 -19.20 -10.46
C ILE C 116 31.39 -18.36 -10.40
N GLY C 117 31.35 -17.20 -11.03
CA GLY C 117 32.50 -16.30 -11.04
C GLY C 117 32.10 -14.87 -11.31
N LYS C 118 32.88 -13.93 -10.77
CA LYS C 118 32.60 -12.51 -10.97
C LYS C 118 33.22 -11.99 -12.27
N ASP C 119 32.52 -11.11 -12.95
CA ASP C 119 32.99 -10.55 -14.21
C ASP C 119 33.47 -9.12 -14.03
N GLN C 120 33.97 -8.52 -15.11
CA GLN C 120 34.44 -7.15 -15.08
C GLN C 120 33.28 -6.19 -14.80
N SER C 121 33.59 -5.09 -14.11
CA SER C 121 32.58 -4.10 -13.78
C SER C 121 33.23 -2.79 -13.36
N ALA D 1 -22.75 -3.04 8.21
CA ALA D 1 -23.00 -3.67 6.92
C ALA D 1 -21.83 -3.45 5.98
N TRP D 2 -21.60 -4.41 5.09
CA TRP D 2 -20.49 -4.32 4.14
C TRP D 2 -20.65 -5.29 2.98
N LYS D 3 -20.57 -4.76 1.76
CA LYS D 3 -20.57 -5.59 0.56
C LYS D 3 -19.32 -5.27 -0.26
N GLY D 4 -18.74 -6.30 -0.86
CA GLY D 4 -17.54 -6.12 -1.65
C GLY D 4 -17.08 -7.37 -2.39
N GLU D 5 -15.95 -7.26 -3.07
CA GLU D 5 -15.40 -8.36 -3.84
C GLU D 5 -14.13 -8.89 -3.21
N VAL D 6 -14.02 -10.22 -3.11
CA VAL D 6 -12.83 -10.86 -2.59
C VAL D 6 -12.06 -11.52 -3.73
N LEU D 7 -11.03 -10.82 -4.23
CA LEU D 7 -10.24 -11.31 -5.34
C LEU D 7 -9.40 -12.54 -4.97
N ALA D 8 -9.36 -13.50 -5.87
CA ALA D 8 -8.67 -14.77 -5.61
C ALA D 8 -7.15 -14.61 -5.58
N ASN D 9 -6.64 -13.53 -6.16
CA ASN D 9 -5.21 -13.30 -6.22
C ASN D 9 -4.71 -12.40 -5.08
N ASN D 10 -5.64 -11.86 -4.29
CA ASN D 10 -5.29 -11.01 -3.17
C ASN D 10 -4.82 -11.83 -1.96
N GLU D 11 -3.52 -12.08 -1.91
CA GLU D 11 -2.95 -12.88 -0.83
C GLU D 11 -2.98 -12.13 0.51
N ALA D 12 -2.70 -10.83 0.46
CA ALA D 12 -2.69 -10.01 1.66
C ALA D 12 -4.02 -10.08 2.41
N GLY D 13 -5.07 -10.41 1.68
CA GLY D 13 -6.40 -10.51 2.25
C GLY D 13 -7.20 -9.22 2.11
N GLN D 14 -8.51 -9.35 2.04
CA GLN D 14 -9.39 -8.19 1.90
C GLN D 14 -9.96 -7.76 3.24
N VAL D 15 -9.57 -6.57 3.69
CA VAL D 15 -10.09 -6.04 4.95
C VAL D 15 -11.40 -5.31 4.73
N THR D 16 -12.46 -5.81 5.39
CA THR D 16 -13.78 -5.21 5.26
C THR D 16 -13.87 -3.92 6.08
N SER D 17 -15.05 -3.66 6.62
CA SER D 17 -15.26 -2.51 7.49
C SER D 17 -15.90 -2.96 8.79
N ILE D 18 -15.98 -4.27 8.97
CA ILE D 18 -16.61 -4.86 10.15
C ILE D 18 -15.61 -5.07 11.28
N ILE D 19 -15.97 -4.62 12.46
CA ILE D 19 -15.16 -4.80 13.66
C ILE D 19 -15.91 -5.65 14.67
N TYR D 20 -15.61 -6.95 14.71
CA TYR D 20 -16.31 -7.86 15.60
C TYR D 20 -15.94 -7.63 17.07
N ASN D 21 -16.87 -7.06 17.83
CA ASN D 21 -16.68 -6.85 19.25
C ASN D 21 -17.33 -7.98 20.04
N PRO D 22 -16.86 -8.21 21.27
CA PRO D 22 -17.38 -9.30 22.11
C PRO D 22 -18.91 -9.32 22.17
N GLY D 23 -19.49 -10.50 21.98
CA GLY D 23 -20.93 -10.66 22.06
C GLY D 23 -21.66 -10.42 20.74
N ASP D 24 -20.93 -9.92 19.76
CA ASP D 24 -21.51 -9.62 18.45
C ASP D 24 -22.03 -10.87 17.75
N VAL D 25 -23.06 -10.68 16.92
CA VAL D 25 -23.59 -11.74 16.08
C VAL D 25 -23.55 -11.30 14.63
N ILE D 26 -22.87 -12.07 13.79
CA ILE D 26 -22.71 -11.69 12.39
C ILE D 26 -23.22 -12.75 11.43
N THR D 27 -23.59 -12.32 10.23
CA THR D 27 -24.02 -13.22 9.17
C THR D 27 -23.31 -12.90 7.87
N ILE D 28 -22.77 -13.93 7.23
CA ILE D 28 -22.05 -13.75 5.97
C ILE D 28 -22.65 -14.60 4.86
N VAL D 29 -22.76 -14.01 3.67
CA VAL D 29 -23.26 -14.72 2.50
C VAL D 29 -22.35 -14.44 1.31
N ALA D 30 -21.86 -15.50 0.67
CA ALA D 30 -20.91 -15.35 -0.43
C ALA D 30 -21.28 -16.19 -1.64
N ALA D 31 -21.05 -15.64 -2.83
CA ALA D 31 -21.32 -16.34 -4.08
C ALA D 31 -20.31 -15.94 -5.14
N GLY D 32 -20.33 -16.63 -6.27
CA GLY D 32 -19.42 -16.33 -7.37
C GLY D 32 -18.56 -17.50 -7.78
N TRP D 33 -17.58 -17.24 -8.62
CA TRP D 33 -16.67 -18.29 -9.11
C TRP D 33 -15.23 -17.79 -9.17
N ALA D 34 -14.31 -18.61 -8.66
CA ALA D 34 -12.90 -18.27 -8.68
C ALA D 34 -12.06 -19.51 -8.93
N SER D 35 -10.75 -19.33 -9.10
CA SER D 35 -9.86 -20.44 -9.37
C SER D 35 -8.50 -20.25 -8.69
N TYR D 36 -7.87 -21.37 -8.34
CA TYR D 36 -6.55 -21.34 -7.72
C TYR D 36 -5.47 -21.62 -8.76
N GLY D 37 -5.79 -21.39 -10.02
CA GLY D 37 -4.85 -21.64 -11.11
C GLY D 37 -5.48 -22.23 -12.35
N PRO D 38 -6.11 -23.42 -12.21
CA PRO D 38 -6.73 -24.13 -13.32
C PRO D 38 -7.67 -23.26 -14.15
N THR D 39 -7.99 -23.72 -15.35
CA THR D 39 -8.89 -22.99 -16.24
C THR D 39 -10.34 -23.05 -15.75
N GLN D 40 -10.68 -24.12 -15.05
CA GLN D 40 -12.01 -24.24 -14.44
C GLN D 40 -12.14 -23.30 -13.25
N LYS D 41 -13.33 -23.24 -12.67
CA LYS D 41 -13.58 -22.42 -11.49
C LYS D 41 -14.43 -23.17 -10.47
N TRP D 42 -14.29 -22.77 -9.20
CA TRP D 42 -15.02 -23.41 -8.12
C TRP D 42 -15.76 -22.38 -7.26
N GLY D 43 -16.70 -22.87 -6.45
CA GLY D 43 -17.51 -22.00 -5.61
C GLY D 43 -16.84 -21.65 -4.29
N PRO D 44 -17.55 -20.91 -3.43
CA PRO D 44 -17.05 -20.45 -2.12
C PRO D 44 -16.56 -21.60 -1.24
N GLN D 45 -17.02 -22.82 -1.51
CA GLN D 45 -16.59 -23.98 -0.74
C GLN D 45 -15.27 -24.54 -1.25
N GLY D 46 -14.89 -24.13 -2.45
CA GLY D 46 -13.63 -24.54 -3.03
C GLY D 46 -13.71 -25.85 -3.78
N ASP D 47 -12.56 -26.48 -4.00
CA ASP D 47 -12.50 -27.74 -4.71
C ASP D 47 -12.32 -28.91 -3.73
N ARG D 48 -13.36 -29.71 -3.58
CA ARG D 48 -13.39 -30.79 -2.59
C ARG D 48 -12.45 -31.93 -2.97
N GLU D 49 -11.91 -31.89 -4.18
CA GLU D 49 -11.04 -32.96 -4.66
C GLU D 49 -9.57 -32.55 -4.71
N HIS D 50 -9.26 -31.33 -4.27
CA HIS D 50 -7.88 -30.84 -4.28
C HIS D 50 -7.22 -31.06 -2.93
N PRO D 51 -6.01 -31.64 -2.95
CA PRO D 51 -5.27 -31.92 -1.71
C PRO D 51 -4.76 -30.64 -1.05
N ASP D 52 -4.56 -30.70 0.27
CA ASP D 52 -4.02 -29.57 1.00
C ASP D 52 -2.50 -29.54 0.85
N GLN D 53 -2.00 -28.57 0.08
CA GLN D 53 -0.57 -28.48 -0.19
C GLN D 53 0.06 -27.31 0.55
N GLY D 54 -0.46 -26.99 1.74
CA GLY D 54 0.06 -25.91 2.55
C GLY D 54 -0.85 -24.70 2.54
N LEU D 55 -2.16 -24.95 2.57
CA LEU D 55 -3.15 -23.88 2.56
C LEU D 55 -3.09 -23.07 3.85
N ILE D 56 -3.47 -21.80 3.77
CA ILE D 56 -3.48 -20.93 4.94
C ILE D 56 -4.58 -21.35 5.91
N CYS D 57 -5.46 -22.24 5.46
CA CYS D 57 -6.53 -22.76 6.30
C CYS D 57 -6.77 -24.23 6.03
N HIS D 58 -6.28 -25.09 6.93
CA HIS D 58 -6.41 -26.53 6.76
C HIS D 58 -7.79 -27.03 7.15
N ASP D 59 -8.71 -26.09 7.41
CA ASP D 59 -10.07 -26.43 7.77
C ASP D 59 -11.04 -26.10 6.64
N ALA D 60 -10.48 -25.81 5.47
CA ALA D 60 -11.29 -25.51 4.29
C ALA D 60 -10.55 -25.94 3.02
N PHE D 61 -11.31 -26.36 2.02
CA PHE D 61 -10.72 -26.82 0.77
C PHE D 61 -9.98 -25.70 0.03
N CYS D 62 -9.16 -26.08 -0.93
CA CYS D 62 -8.43 -25.11 -1.74
C CYS D 62 -9.39 -24.33 -2.64
N GLY D 63 -9.34 -23.01 -2.55
CA GLY D 63 -10.21 -22.16 -3.34
C GLY D 63 -11.46 -21.74 -2.58
N ALA D 64 -11.50 -22.07 -1.29
CA ALA D 64 -12.63 -21.71 -0.45
C ALA D 64 -12.44 -20.33 0.17
N LEU D 65 -13.52 -19.76 0.71
CA LEU D 65 -13.46 -18.46 1.34
C LEU D 65 -13.23 -18.60 2.85
N VAL D 66 -12.22 -17.90 3.36
CA VAL D 66 -11.91 -17.94 4.78
C VAL D 66 -11.74 -16.51 5.31
N MET D 67 -11.56 -16.38 6.62
CA MET D 67 -11.43 -15.07 7.24
C MET D 67 -10.53 -15.08 8.47
N LYS D 68 -10.11 -13.89 8.88
CA LYS D 68 -9.34 -13.72 10.10
C LYS D 68 -9.91 -12.58 10.93
N ILE D 69 -10.05 -12.81 12.23
CA ILE D 69 -10.58 -11.78 13.13
C ILE D 69 -9.48 -11.30 14.09
N GLY D 70 -8.96 -10.11 13.82
CA GLY D 70 -7.88 -9.56 14.63
C GLY D 70 -6.62 -10.39 14.54
N ASN D 71 -6.25 -11.02 15.65
CA ASN D 71 -5.07 -11.87 15.70
C ASN D 71 -5.42 -13.34 15.92
N SER D 72 -6.42 -13.81 15.19
CA SER D 72 -6.86 -15.20 15.31
C SER D 72 -6.41 -16.01 14.10
N GLY D 73 -6.49 -17.33 14.22
CA GLY D 73 -6.20 -18.22 13.11
C GLY D 73 -7.28 -18.11 12.06
N THR D 74 -6.98 -18.57 10.84
CA THR D 74 -7.94 -18.52 9.75
C THR D 74 -9.18 -19.36 10.08
N ILE D 75 -10.35 -18.81 9.78
CA ILE D 75 -11.61 -19.48 10.05
C ILE D 75 -12.40 -19.71 8.77
N PRO D 76 -12.86 -20.95 8.55
CA PRO D 76 -13.64 -21.31 7.36
C PRO D 76 -14.93 -20.51 7.27
N VAL D 77 -15.18 -19.89 6.12
CA VAL D 77 -16.40 -19.13 5.89
C VAL D 77 -17.29 -19.83 4.86
N ASN D 78 -16.65 -20.31 3.79
CA ASN D 78 -17.36 -21.00 2.73
C ASN D 78 -18.54 -20.19 2.18
N THR D 79 -19.66 -20.86 1.97
CA THR D 79 -20.85 -20.21 1.45
C THR D 79 -21.32 -19.09 2.36
N GLY D 80 -20.93 -19.15 3.63
CA GLY D 80 -21.27 -18.12 4.58
C GLY D 80 -21.65 -18.64 5.95
N LEU D 81 -21.86 -17.71 6.89
CA LEU D 81 -22.24 -18.07 8.25
C LEU D 81 -23.59 -17.47 8.61
N PHE D 82 -24.42 -18.25 9.30
CA PHE D 82 -25.76 -17.80 9.64
C PHE D 82 -25.89 -17.49 11.13
N ARG D 83 -26.07 -16.21 11.45
CA ARG D 83 -26.17 -15.77 12.84
C ARG D 83 -25.09 -16.42 13.68
N TRP D 84 -23.85 -16.04 13.42
CA TRP D 84 -22.68 -16.72 13.96
C TRP D 84 -22.03 -15.93 15.09
N VAL D 85 -21.46 -16.65 16.04
CA VAL D 85 -20.76 -16.04 17.17
C VAL D 85 -19.31 -16.53 17.24
N ALA D 86 -18.38 -15.59 17.31
CA ALA D 86 -16.96 -15.93 17.36
C ALA D 86 -16.61 -16.62 18.67
N PRO D 87 -15.64 -17.55 18.63
CA PRO D 87 -15.19 -18.29 19.82
C PRO D 87 -14.76 -17.35 20.93
N ASN D 88 -14.66 -17.88 22.15
CA ASN D 88 -14.29 -17.08 23.30
C ASN D 88 -12.97 -16.32 23.10
N ASN D 89 -12.98 -15.03 23.39
CA ASN D 89 -11.78 -14.20 23.32
C ASN D 89 -11.37 -13.79 21.90
N VAL D 90 -12.23 -14.05 20.93
CA VAL D 90 -11.95 -13.67 19.55
C VAL D 90 -12.55 -12.30 19.23
N GLN D 91 -11.70 -11.39 18.76
CA GLN D 91 -12.15 -10.03 18.42
C GLN D 91 -11.23 -9.38 17.40
N GLY D 92 -11.60 -8.18 16.98
CA GLY D 92 -10.80 -7.43 16.02
C GLY D 92 -11.52 -7.23 14.69
N ALA D 93 -10.82 -6.61 13.74
CA ALA D 93 -11.38 -6.38 12.42
C ALA D 93 -11.52 -7.70 11.64
N ILE D 94 -12.28 -7.66 10.56
CA ILE D 94 -12.50 -8.86 9.75
C ILE D 94 -11.82 -8.77 8.39
N THR D 95 -11.10 -9.83 8.02
CA THR D 95 -10.41 -9.89 6.75
C THR D 95 -10.78 -11.14 5.96
N LEU D 96 -11.35 -10.95 4.78
CA LEU D 96 -11.72 -12.06 3.91
C LEU D 96 -10.54 -12.45 3.01
N ILE D 97 -10.24 -13.74 2.96
CA ILE D 97 -9.11 -14.22 2.19
C ILE D 97 -9.46 -15.44 1.35
N TYR D 98 -8.94 -15.48 0.12
CA TYR D 98 -9.09 -16.66 -0.73
C TYR D 98 -8.10 -17.72 -0.28
N ASN D 99 -8.60 -18.92 -0.01
CA ASN D 99 -7.77 -19.99 0.55
C ASN D 99 -6.83 -20.62 -0.47
N ASP D 100 -5.54 -20.31 -0.35
CA ASP D 100 -4.54 -20.85 -1.26
C ASP D 100 -3.18 -20.92 -0.57
N VAL D 101 -2.27 -21.70 -1.14
CA VAL D 101 -0.92 -21.82 -0.60
C VAL D 101 -0.17 -20.50 -0.74
N PRO D 102 0.50 -20.06 0.34
CA PRO D 102 1.22 -18.79 0.36
C PRO D 102 2.23 -18.65 -0.80
N GLY D 103 2.22 -17.51 -1.46
CA GLY D 103 3.18 -17.22 -2.51
C GLY D 103 2.83 -17.76 -3.87
N THR D 104 1.60 -18.24 -4.03
CA THR D 104 1.17 -18.79 -5.32
C THR D 104 -0.08 -18.10 -5.86
N TYR D 105 -0.61 -17.14 -5.12
CA TYR D 105 -1.81 -16.41 -5.52
C TYR D 105 -1.68 -15.74 -6.88
N GLY D 106 -0.50 -15.87 -7.50
CA GLY D 106 -0.23 -15.24 -8.78
C GLY D 106 -1.19 -15.63 -9.90
N ASN D 107 -1.22 -16.92 -10.23
CA ASN D 107 -2.04 -17.41 -11.34
C ASN D 107 -3.53 -17.52 -11.00
N ASN D 108 -3.92 -16.95 -9.87
CA ASN D 108 -5.31 -17.01 -9.42
C ASN D 108 -6.22 -16.04 -10.18
N SER D 109 -7.41 -16.51 -10.51
CA SER D 109 -8.39 -15.69 -11.23
C SER D 109 -9.76 -15.79 -10.57
N GLY D 110 -10.68 -14.94 -11.00
CA GLY D 110 -12.03 -14.93 -10.47
C GLY D 110 -12.12 -14.19 -9.14
N SER D 111 -13.34 -14.14 -8.58
CA SER D 111 -13.56 -13.46 -7.31
C SER D 111 -14.88 -13.89 -6.68
N PHE D 112 -15.07 -13.51 -5.42
CA PHE D 112 -16.30 -13.82 -4.70
C PHE D 112 -17.03 -12.55 -4.27
N SER D 113 -18.34 -12.52 -4.48
CA SER D 113 -19.16 -11.42 -4.03
C SER D 113 -19.68 -11.72 -2.63
N VAL D 114 -19.27 -10.91 -1.65
CA VAL D 114 -19.57 -11.19 -0.25
C VAL D 114 -20.38 -10.09 0.43
N ASN D 115 -21.30 -10.51 1.29
CA ASN D 115 -22.06 -9.58 2.12
C ASN D 115 -21.89 -9.91 3.60
N ILE D 116 -21.60 -8.89 4.39
CA ILE D 116 -21.46 -9.06 5.84
C ILE D 116 -22.28 -8.03 6.60
N GLY D 117 -23.05 -8.50 7.58
CA GLY D 117 -23.86 -7.63 8.40
C GLY D 117 -24.00 -8.15 9.82
N LYS D 118 -24.02 -7.25 10.79
CA LYS D 118 -24.21 -7.62 12.18
C LYS D 118 -25.69 -7.84 12.45
N ASP D 119 -26.02 -8.99 13.03
CA ASP D 119 -27.40 -9.29 13.38
C ASP D 119 -27.72 -8.77 14.78
N GLN D 120 -29.01 -8.70 15.10
CA GLN D 120 -29.43 -8.17 16.39
C GLN D 120 -29.10 -9.13 17.54
N SER D 121 -28.54 -8.58 18.61
CA SER D 121 -28.16 -9.37 19.77
C SER D 121 -28.51 -8.65 21.07
N ALA E 1 -37.04 -18.96 12.44
CA ALA E 1 -35.86 -19.58 11.84
C ALA E 1 -36.14 -21.03 11.45
N TRP E 2 -35.41 -21.52 10.44
CA TRP E 2 -35.59 -22.89 9.97
C TRP E 2 -34.26 -23.54 9.60
N LYS E 3 -34.06 -24.76 10.10
CA LYS E 3 -32.87 -25.54 9.80
C LYS E 3 -33.26 -26.93 9.34
N GLY E 4 -32.64 -27.40 8.25
CA GLY E 4 -32.96 -28.71 7.74
C GLY E 4 -32.14 -29.09 6.52
N GLU E 5 -32.56 -30.14 5.82
CA GLU E 5 -31.85 -30.62 4.64
C GLU E 5 -32.72 -30.60 3.40
N VAL E 6 -32.05 -30.65 2.24
CA VAL E 6 -32.74 -30.70 0.95
C VAL E 6 -32.09 -31.76 0.07
N LEU E 7 -32.61 -32.98 0.14
CA LEU E 7 -32.06 -34.10 -0.62
C LEU E 7 -32.14 -33.85 -2.12
N ALA E 8 -31.07 -34.23 -2.83
CA ALA E 8 -31.01 -34.05 -4.27
C ALA E 8 -32.01 -34.94 -4.98
N ASN E 9 -32.34 -36.08 -4.37
CA ASN E 9 -33.29 -37.02 -4.95
C ASN E 9 -34.71 -36.81 -4.42
N ASN E 10 -35.10 -35.56 -4.27
CA ASN E 10 -36.44 -35.21 -3.82
C ASN E 10 -37.11 -34.25 -4.80
N GLU E 11 -37.70 -34.81 -5.85
CA GLU E 11 -38.32 -34.00 -6.91
C GLU E 11 -39.48 -33.17 -6.37
N ALA E 12 -40.10 -33.64 -5.29
CA ALA E 12 -41.23 -32.93 -4.70
C ALA E 12 -40.77 -31.68 -3.96
N GLY E 13 -39.50 -31.69 -3.54
CA GLY E 13 -38.94 -30.56 -2.82
C GLY E 13 -39.15 -30.65 -1.33
N GLN E 14 -38.40 -29.86 -0.57
CA GLN E 14 -38.50 -29.85 0.88
C GLN E 14 -39.26 -28.62 1.37
N VAL E 15 -40.41 -28.84 1.99
CA VAL E 15 -41.23 -27.74 2.50
C VAL E 15 -40.70 -27.24 3.83
N THR E 16 -40.42 -25.95 3.91
CA THR E 16 -39.90 -25.34 5.12
C THR E 16 -41.02 -24.80 6.00
N SER E 17 -40.68 -24.39 7.21
CA SER E 17 -41.66 -23.84 8.14
C SER E 17 -41.81 -22.34 7.91
N ILE E 18 -41.07 -21.82 6.94
CA ILE E 18 -41.06 -20.38 6.67
C ILE E 18 -42.17 -19.98 5.70
N ILE E 19 -43.08 -19.13 6.17
CA ILE E 19 -44.13 -18.57 5.34
C ILE E 19 -43.77 -17.15 4.94
N TYR E 20 -43.33 -16.96 3.70
CA TYR E 20 -42.93 -15.65 3.22
C TYR E 20 -44.14 -14.79 2.85
N ASN E 21 -44.33 -13.71 3.62
CA ASN E 21 -45.40 -12.76 3.34
C ASN E 21 -44.82 -11.50 2.69
N PRO E 22 -45.67 -10.74 1.99
CA PRO E 22 -45.23 -9.52 1.30
C PRO E 22 -44.44 -8.59 2.23
N GLY E 23 -43.42 -7.93 1.67
CA GLY E 23 -42.63 -6.96 2.43
C GLY E 23 -41.57 -7.59 3.32
N ASP E 24 -41.56 -8.92 3.40
CA ASP E 24 -40.62 -9.62 4.26
C ASP E 24 -39.19 -9.53 3.78
N VAL E 25 -38.25 -9.59 4.72
CA VAL E 25 -36.82 -9.63 4.41
C VAL E 25 -36.23 -10.91 4.99
N ILE E 26 -35.68 -11.75 4.11
CA ILE E 26 -35.17 -13.05 4.54
C ILE E 26 -33.70 -13.27 4.18
N THR E 27 -33.01 -14.04 5.01
CA THR E 27 -31.63 -14.42 4.74
C THR E 27 -31.52 -15.94 4.65
N ILE E 28 -30.85 -16.41 3.61
CA ILE E 28 -30.66 -17.85 3.41
C ILE E 28 -29.18 -18.19 3.28
N VAL E 29 -28.76 -19.24 3.98
CA VAL E 29 -27.39 -19.72 3.89
C VAL E 29 -27.39 -21.21 3.58
N ALA E 30 -26.95 -21.56 2.38
CA ALA E 30 -26.94 -22.95 1.93
C ALA E 30 -25.51 -23.48 1.79
N ALA E 31 -25.28 -24.70 2.25
CA ALA E 31 -23.97 -25.32 2.18
C ALA E 31 -24.08 -26.83 2.05
N GLY E 32 -23.07 -27.45 1.44
CA GLY E 32 -23.05 -28.89 1.28
C GLY E 32 -22.64 -29.32 -0.11
N TRP E 33 -22.66 -30.63 -0.35
CA TRP E 33 -22.29 -31.19 -1.65
C TRP E 33 -23.37 -32.15 -2.14
N ALA E 34 -23.76 -31.99 -3.40
CA ALA E 34 -24.77 -32.85 -4.00
C ALA E 34 -24.47 -33.10 -5.47
N SER E 35 -25.05 -34.16 -6.02
CA SER E 35 -24.82 -34.54 -7.41
C SER E 35 -26.10 -34.77 -8.17
N TYR E 36 -26.04 -34.58 -9.49
CA TYR E 36 -27.18 -34.81 -10.36
C TYR E 36 -26.93 -36.02 -11.26
N GLY E 37 -26.29 -37.04 -10.70
CA GLY E 37 -25.99 -38.25 -11.46
C GLY E 37 -24.52 -38.62 -11.46
N PRO E 38 -23.66 -37.74 -11.98
CA PRO E 38 -22.21 -38.00 -12.06
C PRO E 38 -21.61 -38.37 -10.70
N THR E 39 -20.42 -38.96 -10.73
CA THR E 39 -19.74 -39.36 -9.51
C THR E 39 -19.27 -38.15 -8.72
N GLN E 40 -19.06 -37.04 -9.41
CA GLN E 40 -18.63 -35.80 -8.77
C GLN E 40 -19.80 -35.14 -8.05
N LYS E 41 -19.48 -34.18 -7.17
CA LYS E 41 -20.50 -33.42 -6.46
C LYS E 41 -20.24 -31.93 -6.59
N TRP E 42 -21.31 -31.14 -6.64
CA TRP E 42 -21.18 -29.70 -6.78
C TRP E 42 -21.84 -28.96 -5.61
N GLY E 43 -21.43 -27.71 -5.41
CA GLY E 43 -21.96 -26.91 -4.34
C GLY E 43 -23.36 -26.40 -4.60
N PRO E 44 -23.86 -25.50 -3.75
CA PRO E 44 -25.20 -24.92 -3.85
C PRO E 44 -25.42 -24.15 -5.15
N GLN E 45 -24.36 -23.94 -5.92
CA GLN E 45 -24.47 -23.20 -7.17
C GLN E 45 -24.63 -24.13 -8.39
N GLY E 46 -24.19 -25.37 -8.24
CA GLY E 46 -24.37 -26.36 -9.29
C GLY E 46 -23.22 -26.44 -10.27
N ASP E 47 -23.44 -27.15 -11.38
CA ASP E 47 -22.42 -27.32 -12.41
C ASP E 47 -22.52 -26.20 -13.44
N ARG E 48 -21.54 -25.30 -13.44
CA ARG E 48 -21.54 -24.15 -14.32
C ARG E 48 -21.22 -24.51 -15.76
N GLU E 49 -20.93 -25.79 -16.00
CA GLU E 49 -20.55 -26.23 -17.34
C GLU E 49 -21.61 -27.13 -17.99
N HIS E 50 -22.47 -27.72 -17.16
CA HIS E 50 -23.51 -28.61 -17.67
C HIS E 50 -24.58 -27.84 -18.42
N PRO E 51 -24.88 -28.26 -19.66
CA PRO E 51 -25.87 -27.58 -20.51
C PRO E 51 -27.30 -27.83 -20.03
N ASP E 52 -28.11 -26.76 -20.03
CA ASP E 52 -29.50 -26.86 -19.61
C ASP E 52 -30.29 -27.78 -20.54
N GLN E 53 -30.85 -28.85 -19.98
CA GLN E 53 -31.62 -29.80 -20.76
C GLN E 53 -33.08 -29.83 -20.34
N GLY E 54 -33.54 -28.74 -19.75
CA GLY E 54 -34.92 -28.64 -19.30
C GLY E 54 -35.05 -28.71 -17.80
N LEU E 55 -34.37 -27.81 -17.10
CA LEU E 55 -34.40 -27.77 -15.65
C LEU E 55 -35.66 -27.06 -15.16
N ILE E 56 -36.07 -27.39 -13.93
CA ILE E 56 -37.23 -26.74 -13.33
C ILE E 56 -36.95 -25.25 -13.10
N CYS E 57 -35.69 -24.87 -13.23
CA CYS E 57 -35.27 -23.47 -13.11
C CYS E 57 -34.19 -23.16 -14.13
N HIS E 58 -34.51 -22.28 -15.07
CA HIS E 58 -33.58 -21.93 -16.15
C HIS E 58 -32.64 -20.80 -15.76
N ASP E 59 -32.91 -20.17 -14.62
CA ASP E 59 -32.09 -19.05 -14.16
C ASP E 59 -30.96 -19.52 -13.24
N ALA E 60 -30.89 -20.83 -13.04
CA ALA E 60 -29.85 -21.41 -12.20
C ALA E 60 -29.26 -22.67 -12.82
N PHE E 61 -27.96 -22.86 -12.66
CA PHE E 61 -27.27 -24.01 -13.20
C PHE E 61 -27.87 -25.32 -12.70
N CYS E 62 -27.58 -26.42 -13.42
CA CYS E 62 -28.04 -27.73 -13.00
C CYS E 62 -27.33 -28.15 -11.72
N GLY E 63 -28.09 -28.65 -10.75
CA GLY E 63 -27.54 -29.05 -9.48
C GLY E 63 -27.45 -27.89 -8.50
N ALA E 64 -28.15 -26.81 -8.82
CA ALA E 64 -28.18 -25.64 -7.96
C ALA E 64 -29.40 -25.67 -7.04
N LEU E 65 -29.39 -24.81 -6.03
CA LEU E 65 -30.51 -24.73 -5.08
C LEU E 65 -31.49 -23.65 -5.51
N VAL E 66 -32.75 -24.04 -5.66
CA VAL E 66 -33.80 -23.11 -6.05
C VAL E 66 -35.03 -23.31 -5.16
N MET E 67 -35.88 -22.29 -5.08
CA MET E 67 -37.03 -22.33 -4.19
C MET E 67 -38.33 -21.91 -4.87
N LYS E 68 -39.45 -22.35 -4.30
CA LYS E 68 -40.76 -21.91 -4.73
C LYS E 68 -41.48 -21.22 -3.57
N ILE E 69 -41.95 -20.00 -3.83
CA ILE E 69 -42.70 -19.25 -2.81
C ILE E 69 -44.19 -19.29 -3.11
N GLY E 70 -44.90 -20.17 -2.42
CA GLY E 70 -46.33 -20.36 -2.66
C GLY E 70 -46.55 -21.27 -3.84
N ASN E 71 -47.24 -20.76 -4.87
CA ASN E 71 -47.44 -21.51 -6.09
C ASN E 71 -46.71 -20.84 -7.25
N SER E 72 -45.83 -19.91 -6.92
CA SER E 72 -45.06 -19.18 -7.93
C SER E 72 -44.09 -20.10 -8.67
N GLY E 73 -43.35 -19.53 -9.61
CA GLY E 73 -42.35 -20.27 -10.35
C GLY E 73 -41.16 -20.62 -9.48
N THR E 74 -40.01 -20.85 -10.12
CA THR E 74 -38.80 -21.17 -9.40
C THR E 74 -37.86 -19.98 -9.32
N ILE E 75 -37.25 -19.79 -8.14
CA ILE E 75 -36.33 -18.68 -7.92
C ILE E 75 -34.97 -19.19 -7.48
N PRO E 76 -33.91 -18.75 -8.17
CA PRO E 76 -32.54 -19.16 -7.87
C PRO E 76 -32.13 -18.78 -6.45
N VAL E 77 -31.67 -19.76 -5.68
CA VAL E 77 -31.20 -19.53 -4.33
C VAL E 77 -29.68 -19.60 -4.27
N ASN E 78 -29.12 -20.63 -4.90
CA ASN E 78 -27.68 -20.83 -4.93
C ASN E 78 -27.08 -20.96 -3.53
N THR E 79 -26.03 -20.18 -3.27
CA THR E 79 -25.35 -20.21 -1.98
C THR E 79 -26.20 -19.55 -0.89
N GLY E 80 -27.21 -18.79 -1.30
CA GLY E 80 -28.11 -18.15 -0.35
C GLY E 80 -28.41 -16.70 -0.70
N LEU E 81 -29.24 -16.07 0.12
CA LEU E 81 -29.63 -14.68 -0.09
C LEU E 81 -29.39 -13.85 1.16
N PHE E 82 -28.79 -12.67 0.99
CA PHE E 82 -28.50 -11.80 2.12
C PHE E 82 -29.50 -10.66 2.21
N ARG E 83 -30.43 -10.77 3.15
CA ARG E 83 -31.45 -9.75 3.35
C ARG E 83 -32.12 -9.43 2.01
N TRP E 84 -32.91 -10.38 1.54
CA TRP E 84 -33.45 -10.35 0.18
C TRP E 84 -34.97 -10.18 0.17
N VAL E 85 -35.44 -9.22 -0.63
CA VAL E 85 -36.86 -8.97 -0.78
C VAL E 85 -37.36 -9.53 -2.11
N ALA E 86 -38.38 -10.39 -2.03
CA ALA E 86 -38.93 -11.05 -3.22
C ALA E 86 -39.60 -10.07 -4.17
N PRO E 87 -39.72 -10.46 -5.45
CA PRO E 87 -40.42 -9.66 -6.46
C PRO E 87 -41.85 -9.33 -6.02
N ASN E 88 -42.49 -8.41 -6.71
CA ASN E 88 -43.82 -7.94 -6.34
C ASN E 88 -44.88 -9.03 -6.45
N ASN E 89 -45.75 -9.09 -5.44
CA ASN E 89 -46.91 -9.99 -5.45
C ASN E 89 -46.54 -11.46 -5.31
N VAL E 90 -45.51 -11.75 -4.52
CA VAL E 90 -45.10 -13.13 -4.28
C VAL E 90 -45.22 -13.46 -2.79
N GLN E 91 -45.91 -14.56 -2.48
CA GLN E 91 -46.13 -14.96 -1.10
C GLN E 91 -46.49 -16.43 -0.98
N GLY E 92 -46.48 -16.95 0.25
CA GLY E 92 -46.79 -18.34 0.49
C GLY E 92 -45.62 -19.07 1.14
N ALA E 93 -45.79 -20.38 1.36
CA ALA E 93 -44.76 -21.19 1.98
C ALA E 93 -43.51 -21.26 1.11
N ILE E 94 -42.38 -21.65 1.72
CA ILE E 94 -41.14 -21.79 0.99
C ILE E 94 -40.74 -23.26 0.86
N THR E 95 -40.42 -23.67 -0.36
CA THR E 95 -40.00 -25.05 -0.61
C THR E 95 -38.68 -25.09 -1.38
N LEU E 96 -37.66 -25.65 -0.75
CA LEU E 96 -36.34 -25.75 -1.36
C LEU E 96 -36.27 -26.98 -2.26
N ILE E 97 -35.93 -26.76 -3.53
CA ILE E 97 -35.89 -27.83 -4.51
C ILE E 97 -34.54 -27.92 -5.22
N TYR E 98 -34.05 -29.14 -5.41
CA TYR E 98 -32.82 -29.36 -6.14
C TYR E 98 -33.06 -29.21 -7.63
N ASN E 99 -32.39 -28.24 -8.26
CA ASN E 99 -32.61 -27.95 -9.67
C ASN E 99 -32.14 -29.07 -10.59
N ASP E 100 -33.10 -29.81 -11.13
CA ASP E 100 -32.81 -30.91 -12.02
C ASP E 100 -33.92 -31.05 -13.06
N VAL E 101 -33.66 -31.83 -14.12
CA VAL E 101 -34.66 -32.09 -15.14
C VAL E 101 -35.70 -33.07 -14.61
N PRO E 102 -36.98 -32.71 -14.71
CA PRO E 102 -38.10 -33.52 -14.18
C PRO E 102 -38.01 -34.98 -14.62
N GLY E 103 -38.30 -35.89 -13.68
CA GLY E 103 -38.32 -37.31 -13.98
C GLY E 103 -36.99 -38.00 -13.78
N THR E 104 -35.92 -37.22 -13.63
CA THR E 104 -34.58 -37.76 -13.46
C THR E 104 -33.98 -37.39 -12.11
N TYR E 105 -34.69 -37.72 -11.04
CA TYR E 105 -34.18 -37.47 -9.68
C TYR E 105 -33.75 -38.76 -9.01
N GLY E 106 -33.97 -39.88 -9.69
CA GLY E 106 -33.66 -41.19 -9.14
C GLY E 106 -32.17 -41.39 -8.87
N ASN E 107 -31.34 -40.97 -9.81
CA ASN E 107 -29.89 -41.15 -9.70
C ASN E 107 -29.20 -40.07 -8.88
N ASN E 108 -29.98 -39.14 -8.33
CA ASN E 108 -29.44 -38.06 -7.52
C ASN E 108 -28.91 -38.53 -6.16
N SER E 109 -27.90 -37.83 -5.66
CA SER E 109 -27.31 -38.18 -4.37
C SER E 109 -26.74 -36.94 -3.68
N GLY E 110 -26.69 -36.97 -2.36
CA GLY E 110 -26.20 -35.85 -1.59
C GLY E 110 -27.32 -34.97 -1.07
N SER E 111 -26.95 -33.84 -0.46
CA SER E 111 -27.93 -32.91 0.08
C SER E 111 -27.30 -31.57 0.46
N PHE E 112 -28.15 -30.57 0.64
CA PHE E 112 -27.70 -29.24 1.06
C PHE E 112 -28.23 -28.92 2.45
N SER E 113 -27.36 -28.41 3.31
CA SER E 113 -27.76 -27.96 4.64
C SER E 113 -28.09 -26.46 4.57
N VAL E 114 -29.33 -26.12 4.89
CA VAL E 114 -29.80 -24.75 4.69
C VAL E 114 -30.35 -24.11 5.97
N ASN E 115 -30.08 -22.81 6.13
CA ASN E 115 -30.66 -22.03 7.21
C ASN E 115 -31.47 -20.86 6.66
N ILE E 116 -32.67 -20.68 7.19
CA ILE E 116 -33.53 -19.58 6.76
C ILE E 116 -34.04 -18.78 7.95
N GLY E 117 -33.89 -17.45 7.88
CA GLY E 117 -34.34 -16.58 8.94
C GLY E 117 -34.92 -15.28 8.41
N LYS E 118 -35.80 -14.68 9.18
CA LYS E 118 -36.42 -13.41 8.80
C LYS E 118 -35.71 -12.23 9.46
N ASP E 119 -34.95 -11.47 8.68
CA ASP E 119 -34.26 -10.29 9.17
C ASP E 119 -35.27 -9.22 9.53
N GLN E 120 -34.80 -8.17 10.20
CA GLN E 120 -35.69 -7.07 10.57
C GLN E 120 -35.95 -6.16 9.37
N SER E 121 -37.13 -5.55 9.35
CA SER E 121 -37.52 -4.69 8.24
C SER E 121 -38.48 -3.59 8.70
N ALA F 1 -0.82 10.77 -5.14
CA ALA F 1 -1.32 11.76 -6.09
C ALA F 1 -1.08 11.31 -7.53
N TRP F 2 -2.00 11.65 -8.42
CA TRP F 2 -1.90 11.25 -9.82
C TRP F 2 -2.12 12.43 -10.76
N LYS F 3 -1.42 12.41 -11.89
CA LYS F 3 -1.59 13.46 -12.90
C LYS F 3 -1.29 12.94 -14.30
N GLY F 4 -2.29 13.04 -15.17
CA GLY F 4 -2.14 12.59 -16.54
C GLY F 4 -3.23 13.16 -17.42
N GLU F 5 -3.35 12.64 -18.64
CA GLU F 5 -4.37 13.11 -19.58
C GLU F 5 -5.39 12.05 -19.93
N VAL F 6 -6.61 12.51 -20.22
CA VAL F 6 -7.70 11.64 -20.65
C VAL F 6 -8.14 11.99 -22.05
N LEU F 7 -7.74 11.18 -23.03
CA LEU F 7 -8.09 11.44 -24.42
C LEU F 7 -9.57 11.21 -24.68
N ALA F 8 -10.20 12.13 -25.40
CA ALA F 8 -11.62 12.04 -25.70
C ALA F 8 -11.93 10.82 -26.56
N ASN F 9 -10.98 10.42 -27.40
CA ASN F 9 -11.17 9.29 -28.29
C ASN F 9 -10.82 7.95 -27.64
N ASN F 10 -10.82 7.93 -26.30
CA ASN F 10 -10.51 6.71 -25.56
C ASN F 10 -11.74 6.12 -24.87
N GLU F 11 -12.41 5.22 -25.56
CA GLU F 11 -13.63 4.61 -25.04
C GLU F 11 -13.34 3.74 -23.81
N ALA F 12 -12.12 3.23 -23.73
CA ALA F 12 -11.71 2.37 -22.62
C ALA F 12 -11.49 3.18 -21.34
N GLY F 13 -11.07 4.43 -21.51
CA GLY F 13 -10.81 5.29 -20.37
C GLY F 13 -9.38 5.17 -19.88
N GLN F 14 -8.91 6.20 -19.17
CA GLN F 14 -7.56 6.22 -18.63
C GLN F 14 -7.54 5.82 -17.16
N VAL F 15 -6.89 4.70 -16.87
CA VAL F 15 -6.77 4.22 -15.49
C VAL F 15 -5.74 5.05 -14.73
N THR F 16 -6.02 5.33 -13.46
CA THR F 16 -5.12 6.13 -12.64
C THR F 16 -4.44 5.29 -11.56
N SER F 17 -3.42 5.87 -10.93
CA SER F 17 -2.68 5.18 -9.88
C SER F 17 -3.43 5.23 -8.55
N ILE F 18 -4.53 5.98 -8.53
CA ILE F 18 -5.33 6.14 -7.31
C ILE F 18 -6.31 4.98 -7.11
N ILE F 19 -6.34 4.45 -5.90
CA ILE F 19 -7.29 3.41 -5.54
C ILE F 19 -8.14 3.87 -4.37
N TYR F 20 -9.40 4.21 -4.64
CA TYR F 20 -10.29 4.70 -3.60
C TYR F 20 -10.68 3.61 -2.62
N ASN F 21 -10.37 3.83 -1.34
CA ASN F 21 -10.75 2.91 -0.28
C ASN F 21 -11.80 3.54 0.61
N PRO F 22 -12.67 2.69 1.21
CA PRO F 22 -13.77 3.17 2.05
C PRO F 22 -13.32 4.22 3.06
N GLY F 23 -13.95 5.39 3.03
CA GLY F 23 -13.65 6.45 3.98
C GLY F 23 -12.73 7.53 3.41
N ASP F 24 -12.12 7.23 2.26
CA ASP F 24 -11.21 8.18 1.63
C ASP F 24 -11.91 9.48 1.22
N VAL F 25 -11.16 10.58 1.30
CA VAL F 25 -11.64 11.87 0.84
C VAL F 25 -10.69 12.41 -0.22
N ILE F 26 -11.19 12.52 -1.44
CA ILE F 26 -10.34 12.91 -2.56
C ILE F 26 -10.67 14.29 -3.12
N THR F 27 -9.79 14.79 -3.98
CA THR F 27 -9.99 16.07 -4.67
C THR F 27 -9.50 15.98 -6.10
N ILE F 28 -10.37 16.36 -7.04
CA ILE F 28 -10.02 16.31 -8.45
C ILE F 28 -10.17 17.67 -9.11
N VAL F 29 -9.21 18.02 -9.97
CA VAL F 29 -9.26 19.26 -10.74
C VAL F 29 -8.93 18.98 -12.19
N ALA F 30 -9.90 19.18 -13.08
CA ALA F 30 -9.73 18.86 -14.49
C ALA F 30 -9.77 20.11 -15.36
N ALA F 31 -8.97 20.12 -16.42
CA ALA F 31 -8.93 21.23 -17.36
C ALA F 31 -8.65 20.71 -18.77
N GLY F 32 -8.75 21.59 -19.75
CA GLY F 32 -8.47 21.22 -21.13
C GLY F 32 -9.69 21.36 -22.03
N TRP F 33 -9.51 21.01 -23.31
CA TRP F 33 -10.58 21.12 -24.29
C TRP F 33 -10.71 19.84 -25.10
N ALA F 34 -11.94 19.33 -25.21
CA ALA F 34 -12.19 18.11 -25.97
C ALA F 34 -13.46 18.24 -26.80
N SER F 35 -13.64 17.30 -27.74
CA SER F 35 -14.80 17.32 -28.62
C SER F 35 -15.40 15.92 -28.77
N TYR F 36 -16.73 15.85 -28.84
CA TYR F 36 -17.42 14.58 -29.00
C TYR F 36 -17.77 14.34 -30.48
N GLY F 37 -17.07 15.03 -31.37
CA GLY F 37 -17.33 14.92 -32.79
C GLY F 37 -17.14 16.21 -33.57
N PRO F 38 -17.89 17.26 -33.20
CA PRO F 38 -17.85 18.55 -33.89
C PRO F 38 -16.44 19.13 -33.98
N THR F 39 -16.30 20.24 -34.70
CA THR F 39 -15.00 20.90 -34.83
C THR F 39 -14.63 21.66 -33.57
N GLN F 40 -15.58 22.42 -33.01
CA GLN F 40 -15.33 23.16 -31.80
C GLN F 40 -15.21 22.23 -30.60
N LYS F 41 -14.68 22.74 -29.50
CA LYS F 41 -14.44 21.92 -28.31
C LYS F 41 -15.06 22.54 -27.06
N TRP F 42 -15.38 21.69 -26.09
CA TRP F 42 -16.01 22.13 -24.85
C TRP F 42 -15.13 21.80 -23.64
N GLY F 43 -15.49 22.36 -22.49
CA GLY F 43 -14.75 22.13 -21.26
C GLY F 43 -15.13 20.82 -20.60
N PRO F 44 -14.60 20.57 -19.39
CA PRO F 44 -14.85 19.34 -18.64
C PRO F 44 -16.33 19.18 -18.27
N GLN F 45 -17.09 20.26 -18.30
CA GLN F 45 -18.52 20.20 -17.98
C GLN F 45 -19.33 19.68 -19.16
N GLY F 46 -18.75 19.74 -20.35
CA GLY F 46 -19.40 19.23 -21.55
C GLY F 46 -20.26 20.25 -22.26
N ASP F 47 -21.09 19.78 -23.19
CA ASP F 47 -21.97 20.65 -23.96
C ASP F 47 -23.39 20.62 -23.39
N ARG F 48 -23.77 21.73 -22.77
CA ARG F 48 -25.06 21.82 -22.07
C ARG F 48 -26.25 21.90 -23.03
N GLU F 49 -25.98 22.19 -24.29
CA GLU F 49 -27.05 22.32 -25.28
C GLU F 49 -27.29 21.03 -26.06
N HIS F 50 -26.37 20.07 -25.93
CA HIS F 50 -26.52 18.78 -26.58
C HIS F 50 -27.32 17.83 -25.70
N PRO F 51 -28.31 17.15 -26.28
CA PRO F 51 -29.17 16.22 -25.54
C PRO F 51 -28.49 14.88 -25.27
N ASP F 52 -28.95 14.17 -24.26
CA ASP F 52 -28.41 12.86 -23.93
C ASP F 52 -28.92 11.80 -24.91
N GLN F 53 -28.05 11.35 -25.79
CA GLN F 53 -28.43 10.38 -26.82
C GLN F 53 -27.88 8.99 -26.51
N GLY F 54 -27.76 8.68 -25.22
CA GLY F 54 -27.30 7.38 -24.79
C GLY F 54 -25.87 7.39 -24.27
N LEU F 55 -25.53 8.44 -23.53
CA LEU F 55 -24.20 8.58 -22.96
C LEU F 55 -23.93 7.48 -21.92
N ILE F 56 -22.67 7.31 -21.58
CA ILE F 56 -22.28 6.32 -20.58
C ILE F 56 -22.63 6.82 -19.17
N CYS F 57 -22.86 8.12 -19.05
CA CYS F 57 -23.26 8.73 -17.80
C CYS F 57 -24.39 9.72 -18.02
N HIS F 58 -25.59 9.37 -17.59
CA HIS F 58 -26.78 10.19 -17.83
C HIS F 58 -26.90 11.33 -16.82
N ASP F 59 -25.90 11.45 -15.94
CA ASP F 59 -25.91 12.52 -14.93
C ASP F 59 -24.92 13.62 -15.31
N ALA F 60 -24.44 13.58 -16.55
CA ALA F 60 -23.51 14.59 -17.03
C ALA F 60 -23.69 14.82 -18.52
N PHE F 61 -23.43 16.05 -18.97
CA PHE F 61 -23.56 16.41 -20.37
C PHE F 61 -22.62 15.61 -21.25
N CYS F 62 -22.88 15.63 -22.55
CA CYS F 62 -22.01 14.99 -23.52
C CYS F 62 -20.70 15.78 -23.62
N GLY F 63 -19.58 15.09 -23.51
CA GLY F 63 -18.28 15.74 -23.54
C GLY F 63 -17.79 16.14 -22.17
N ALA F 64 -18.55 15.75 -21.14
CA ALA F 64 -18.18 16.02 -19.76
C ALA F 64 -17.28 14.91 -19.24
N LEU F 65 -16.50 15.21 -18.21
CA LEU F 65 -15.59 14.23 -17.63
C LEU F 65 -16.27 13.41 -16.53
N VAL F 66 -16.37 12.10 -16.75
CA VAL F 66 -16.93 11.19 -15.76
C VAL F 66 -15.86 10.23 -15.27
N MET F 67 -16.23 9.35 -14.35
CA MET F 67 -15.27 8.39 -13.80
C MET F 67 -15.91 7.11 -13.30
N LYS F 68 -15.13 6.03 -13.31
CA LYS F 68 -15.53 4.76 -12.73
C LYS F 68 -14.65 4.46 -11.53
N ILE F 69 -15.27 4.12 -10.40
CA ILE F 69 -14.51 3.71 -9.23
C ILE F 69 -14.59 2.19 -9.05
N GLY F 70 -13.60 1.50 -9.58
CA GLY F 70 -13.58 0.04 -9.52
C GLY F 70 -14.58 -0.58 -10.48
N ASN F 71 -15.62 -1.19 -9.91
CA ASN F 71 -16.65 -1.84 -10.70
C ASN F 71 -17.99 -1.12 -10.60
N SER F 72 -17.94 0.17 -10.28
CA SER F 72 -19.14 0.96 -10.09
C SER F 72 -19.67 1.53 -11.41
N GLY F 73 -20.84 2.16 -11.34
CA GLY F 73 -21.38 2.87 -12.48
C GLY F 73 -20.67 4.20 -12.64
N THR F 74 -20.90 4.87 -13.76
CA THR F 74 -20.26 6.15 -14.03
C THR F 74 -20.62 7.20 -12.99
N ILE F 75 -19.65 8.06 -12.67
CA ILE F 75 -19.86 9.12 -11.70
C ILE F 75 -19.40 10.47 -12.27
N PRO F 76 -20.27 11.48 -12.19
CA PRO F 76 -19.96 12.83 -12.69
C PRO F 76 -18.77 13.45 -11.98
N VAL F 77 -17.82 13.97 -12.76
CA VAL F 77 -16.65 14.65 -12.20
C VAL F 77 -16.63 16.11 -12.65
N ASN F 78 -16.87 16.33 -13.94
CA ASN F 78 -16.89 17.66 -14.52
C ASN F 78 -15.58 18.42 -14.26
N THR F 79 -15.71 19.66 -13.78
CA THR F 79 -14.54 20.48 -13.49
C THR F 79 -13.71 19.88 -12.37
N GLY F 80 -14.33 19.05 -11.55
CA GLY F 80 -13.63 18.37 -10.47
C GLY F 80 -14.45 18.19 -9.21
N LEU F 81 -13.84 17.56 -8.21
CA LEU F 81 -14.48 17.32 -6.93
C LEU F 81 -13.66 17.93 -5.80
N PHE F 82 -14.33 18.54 -4.85
CA PHE F 82 -13.65 19.22 -3.74
C PHE F 82 -13.90 18.53 -2.41
N ARG F 83 -12.85 17.90 -1.87
CA ARG F 83 -12.96 17.19 -0.60
C ARG F 83 -14.19 16.31 -0.62
N TRP F 84 -14.14 15.29 -1.47
CA TRP F 84 -15.31 14.51 -1.84
C TRP F 84 -15.25 13.08 -1.32
N VAL F 85 -16.40 12.57 -0.86
CA VAL F 85 -16.50 11.20 -0.39
C VAL F 85 -17.44 10.41 -1.30
N ALA F 86 -17.08 9.16 -1.60
CA ALA F 86 -17.88 8.32 -2.47
C ALA F 86 -19.04 7.68 -1.73
N PRO F 87 -20.09 7.28 -2.46
CA PRO F 87 -21.25 6.59 -1.86
C PRO F 87 -20.82 5.31 -1.15
N ASN F 88 -21.71 4.78 -0.32
CA ASN F 88 -21.41 3.56 0.43
C ASN F 88 -21.17 2.36 -0.48
N ASN F 89 -20.20 1.53 -0.11
CA ASN F 89 -19.89 0.31 -0.85
C ASN F 89 -19.31 0.56 -2.24
N VAL F 90 -18.65 1.70 -2.41
CA VAL F 90 -17.96 2.00 -3.67
C VAL F 90 -16.46 2.04 -3.41
N GLN F 91 -15.73 1.12 -4.05
CA GLN F 91 -14.30 0.97 -3.80
C GLN F 91 -13.58 0.38 -5.01
N GLY F 92 -12.37 0.86 -5.25
CA GLY F 92 -11.57 0.37 -6.36
C GLY F 92 -10.74 1.47 -7.00
N ALA F 93 -9.99 1.10 -8.04
CA ALA F 93 -9.14 2.04 -8.75
C ALA F 93 -9.99 3.05 -9.53
N ILE F 94 -9.59 4.31 -9.50
CA ILE F 94 -10.29 5.36 -10.22
C ILE F 94 -9.95 5.30 -11.71
N THR F 95 -10.96 5.43 -12.55
CA THR F 95 -10.76 5.39 -13.99
C THR F 95 -11.51 6.53 -14.66
N LEU F 96 -10.77 7.45 -15.28
CA LEU F 96 -11.37 8.61 -15.93
C LEU F 96 -11.80 8.30 -17.36
N ILE F 97 -13.04 8.65 -17.69
CA ILE F 97 -13.57 8.38 -19.03
C ILE F 97 -14.24 9.62 -19.62
N TYR F 98 -14.11 9.78 -20.93
CA TYR F 98 -14.77 10.88 -21.63
C TYR F 98 -16.22 10.51 -21.91
N ASN F 99 -17.15 11.26 -21.31
CA ASN F 99 -18.57 10.94 -21.41
C ASN F 99 -19.11 11.08 -22.83
N ASP F 100 -19.23 9.95 -23.52
CA ASP F 100 -19.75 9.93 -24.88
C ASP F 100 -20.58 8.67 -25.09
N VAL F 101 -21.30 8.61 -26.20
CA VAL F 101 -22.10 7.44 -26.53
C VAL F 101 -21.20 6.28 -26.92
N PRO F 102 -21.44 5.09 -26.36
CA PRO F 102 -20.65 3.90 -26.64
C PRO F 102 -20.52 3.63 -28.14
N GLY F 103 -19.31 3.32 -28.59
CA GLY F 103 -19.08 2.98 -29.98
C GLY F 103 -19.13 4.15 -30.93
N THR F 104 -18.77 5.33 -30.44
CA THR F 104 -18.76 6.53 -31.28
C THR F 104 -17.47 7.33 -31.10
N TYR F 105 -16.69 6.97 -30.09
CA TYR F 105 -15.46 7.69 -29.74
C TYR F 105 -14.52 7.91 -30.92
N GLY F 106 -14.79 7.23 -32.03
CA GLY F 106 -13.93 7.30 -33.21
C GLY F 106 -13.55 8.69 -33.66
N ASN F 107 -14.53 9.59 -33.74
CA ASN F 107 -14.29 10.93 -34.26
C ASN F 107 -13.95 11.96 -33.19
N ASN F 108 -13.68 11.51 -31.97
CA ASN F 108 -13.37 12.41 -30.87
C ASN F 108 -11.96 13.01 -30.96
N SER F 109 -11.81 14.21 -30.42
CA SER F 109 -10.52 14.90 -30.42
C SER F 109 -10.34 15.69 -29.13
N GLY F 110 -9.08 15.98 -28.80
CA GLY F 110 -8.78 16.74 -27.60
C GLY F 110 -8.60 15.85 -26.38
N SER F 111 -8.27 16.46 -25.24
CA SER F 111 -8.07 15.71 -24.01
C SER F 111 -8.23 16.60 -22.78
N PHE F 112 -8.20 15.99 -21.61
CA PHE F 112 -8.34 16.72 -20.35
C PHE F 112 -7.15 16.45 -19.43
N SER F 113 -6.57 17.52 -18.91
CA SER F 113 -5.52 17.41 -17.90
C SER F 113 -6.17 17.30 -16.52
N VAL F 114 -5.86 16.22 -15.80
CA VAL F 114 -6.54 15.95 -14.54
C VAL F 114 -5.58 15.70 -13.38
N ASN F 115 -5.84 16.37 -12.26
CA ASN F 115 -5.11 16.13 -11.03
C ASN F 115 -5.99 15.44 -10.00
N ILE F 116 -5.46 14.39 -9.37
CA ILE F 116 -6.19 13.67 -8.33
C ILE F 116 -5.32 13.43 -7.11
N GLY F 117 -5.85 13.74 -5.93
CA GLY F 117 -5.13 13.54 -4.70
C GLY F 117 -6.06 13.24 -3.55
N LYS F 118 -5.55 12.54 -2.54
CA LYS F 118 -6.35 12.20 -1.36
C LYS F 118 -6.16 13.24 -0.27
N ASP F 119 -7.25 13.86 0.16
CA ASP F 119 -7.22 14.84 1.24
C ASP F 119 -7.17 14.12 2.59
N GLN F 120 -6.90 14.88 3.64
CA GLN F 120 -6.83 14.31 4.99
C GLN F 120 -8.23 14.00 5.51
N SER F 121 -8.34 12.92 6.28
CA SER F 121 -9.62 12.48 6.80
C SER F 121 -9.46 11.88 8.21
N ALA G 1 -10.78 9.69 10.94
CA ALA G 1 -10.23 10.41 12.09
C ALA G 1 -10.71 9.80 13.39
N TRP G 2 -9.87 8.98 14.02
CA TRP G 2 -10.23 8.30 15.25
C TRP G 2 -9.70 9.05 16.47
N LYS G 3 -10.45 8.96 17.57
CA LYS G 3 -10.05 9.58 18.83
C LYS G 3 -10.65 8.82 20.01
N GLY G 4 -9.79 8.29 20.87
CA GLY G 4 -10.23 7.54 22.03
C GLY G 4 -9.14 7.31 23.05
N GLU G 5 -9.34 6.31 23.91
CA GLU G 5 -8.40 6.01 24.97
C GLU G 5 -7.82 4.61 24.81
N VAL G 6 -6.56 4.45 25.20
CA VAL G 6 -5.91 3.14 25.18
C VAL G 6 -5.60 2.70 26.61
N LEU G 7 -6.51 1.92 27.20
CA LEU G 7 -6.35 1.46 28.56
C LEU G 7 -5.08 0.62 28.72
N ALA G 8 -4.39 0.81 29.84
CA ALA G 8 -3.14 0.10 30.08
C ALA G 8 -3.35 -1.39 30.36
N ASN G 9 -4.46 -1.72 31.01
CA ASN G 9 -4.76 -3.11 31.36
C ASN G 9 -5.40 -3.88 30.22
N ASN G 10 -5.63 -3.22 29.10
CA ASN G 10 -6.18 -3.88 27.92
C ASN G 10 -5.09 -4.58 27.12
N GLU G 11 -4.98 -5.90 27.30
CA GLU G 11 -3.92 -6.67 26.67
C GLU G 11 -4.13 -6.88 25.18
N ALA G 12 -5.35 -7.26 24.80
CA ALA G 12 -5.66 -7.54 23.40
C ALA G 12 -5.48 -6.32 22.50
N GLY G 13 -5.48 -5.14 23.11
CA GLY G 13 -5.26 -3.91 22.37
C GLY G 13 -6.56 -3.22 21.96
N GLN G 14 -6.52 -1.90 21.90
CA GLN G 14 -7.67 -1.10 21.50
C GLN G 14 -7.76 -1.00 19.98
N VAL G 15 -8.88 -1.42 19.41
CA VAL G 15 -9.07 -1.37 17.97
C VAL G 15 -9.65 -0.03 17.53
N THR G 16 -9.04 0.57 16.52
CA THR G 16 -9.49 1.86 16.01
C THR G 16 -10.30 1.72 14.74
N SER G 17 -10.94 2.80 14.32
CA SER G 17 -11.78 2.80 13.12
C SER G 17 -10.94 2.96 11.85
N ILE G 18 -9.63 3.08 12.03
CA ILE G 18 -8.72 3.28 10.89
C ILE G 18 -8.35 1.96 10.23
N ILE G 19 -8.33 1.97 8.90
CA ILE G 19 -7.93 0.80 8.11
C ILE G 19 -6.85 1.19 7.12
N TYR G 20 -5.60 1.20 7.59
CA TYR G 20 -4.48 1.65 6.75
C TYR G 20 -4.40 0.90 5.42
N ASN G 21 -4.22 1.65 4.35
CA ASN G 21 -4.08 1.07 3.02
C ASN G 21 -2.74 1.47 2.40
N PRO G 22 -2.24 0.67 1.46
CA PRO G 22 -0.98 0.97 0.78
C PRO G 22 -0.96 2.40 0.23
N GLY G 23 0.13 3.11 0.46
CA GLY G 23 0.26 4.47 -0.03
C GLY G 23 -0.25 5.51 0.95
N ASP G 24 -1.07 5.07 1.89
CA ASP G 24 -1.64 5.97 2.89
C ASP G 24 -0.57 6.69 3.71
N VAL G 25 -0.92 7.87 4.19
CA VAL G 25 -0.05 8.64 5.08
C VAL G 25 -0.86 9.06 6.30
N ILE G 26 -0.36 8.76 7.48
CA ILE G 26 -1.11 9.04 8.71
C ILE G 26 -0.32 9.84 9.72
N THR G 27 -1.04 10.43 10.68
CA THR G 27 -0.43 11.19 11.76
C THR G 27 -1.04 10.80 13.10
N ILE G 28 -0.19 10.47 14.06
CA ILE G 28 -0.64 10.06 15.38
C ILE G 28 -0.09 10.95 16.47
N VAL G 29 -0.95 11.33 17.42
CA VAL G 29 -0.54 12.13 18.57
C VAL G 29 -1.06 11.48 19.85
N ALA G 30 -0.15 10.97 20.66
CA ALA G 30 -0.52 10.28 21.89
C ALA G 30 -0.14 11.10 23.12
N ALA G 31 -1.02 11.13 24.11
CA ALA G 31 -0.77 11.86 25.35
C ALA G 31 -1.35 11.12 26.55
N GLY G 32 -0.94 11.53 27.75
CA GLY G 32 -1.44 10.93 28.97
C GLY G 32 -0.38 10.22 29.78
N TRP G 33 -0.81 9.57 30.87
CA TRP G 33 0.11 8.85 31.73
C TRP G 33 -0.43 7.45 32.04
N ALA G 34 0.48 6.47 32.07
CA ALA G 34 0.09 5.09 32.37
C ALA G 34 1.13 4.42 33.26
N SER G 35 0.88 3.16 33.59
CA SER G 35 1.78 2.41 34.45
C SER G 35 1.69 0.91 34.17
N TYR G 36 2.83 0.23 34.28
CA TYR G 36 2.88 -1.21 34.05
C TYR G 36 2.97 -1.97 35.36
N GLY G 37 2.56 -1.34 36.44
CA GLY G 37 2.62 -1.96 37.75
C GLY G 37 2.85 -1.01 38.91
N PRO G 38 3.97 -0.25 38.86
CA PRO G 38 4.32 0.71 39.91
C PRO G 38 3.23 1.72 40.20
N THR G 39 3.44 2.57 41.20
CA THR G 39 2.47 3.60 41.54
C THR G 39 2.81 4.90 40.82
N GLN G 40 3.99 4.94 40.22
CA GLN G 40 4.43 6.08 39.44
C GLN G 40 4.11 5.84 37.97
N LYS G 41 3.80 6.91 37.25
CA LYS G 41 3.37 6.81 35.86
C LYS G 41 4.37 7.41 34.88
N TRP G 42 4.40 6.83 33.67
CA TRP G 42 5.28 7.32 32.61
C TRP G 42 4.48 7.78 31.41
N GLY G 43 5.14 8.47 30.49
CA GLY G 43 4.48 8.95 29.28
C GLY G 43 4.40 7.89 28.20
N PRO G 44 3.87 8.26 27.03
CA PRO G 44 3.70 7.34 25.89
C PRO G 44 5.01 6.71 25.46
N GLN G 45 6.14 7.28 25.86
CA GLN G 45 7.45 6.72 25.50
C GLN G 45 7.85 5.57 26.43
N GLY G 46 7.18 5.48 27.57
CA GLY G 46 7.42 4.39 28.51
C GLY G 46 8.51 4.69 29.53
N ASP G 47 8.96 3.65 30.22
CA ASP G 47 10.01 3.79 31.23
C ASP G 47 11.36 3.39 30.65
N ARG G 48 12.23 4.36 30.43
CA ARG G 48 13.51 4.12 29.76
C ARG G 48 14.49 3.34 30.63
N GLU G 49 14.16 3.14 31.90
CA GLU G 49 15.09 2.49 32.83
C GLU G 49 14.63 1.09 33.26
N HIS G 50 13.52 0.64 32.69
CA HIS G 50 13.01 -0.70 32.97
C HIS G 50 13.37 -1.64 31.83
N PRO G 51 14.10 -2.73 32.14
CA PRO G 51 14.59 -3.65 31.12
C PRO G 51 13.47 -4.43 30.42
N ASP G 52 13.81 -5.12 29.33
CA ASP G 52 12.85 -5.89 28.57
C ASP G 52 12.74 -7.31 29.12
N GLN G 53 11.68 -7.56 29.88
CA GLN G 53 11.44 -8.88 30.47
C GLN G 53 10.54 -9.73 29.59
N GLY G 54 10.58 -9.50 28.28
CA GLY G 54 9.75 -10.23 27.35
C GLY G 54 8.57 -9.43 26.86
N LEU G 55 8.84 -8.23 26.36
CA LEU G 55 7.80 -7.33 25.86
C LEU G 55 7.20 -7.83 24.56
N ILE G 56 6.07 -7.25 24.18
CA ILE G 56 5.44 -7.57 22.90
C ILE G 56 6.04 -6.72 21.79
N CYS G 57 6.85 -5.75 22.18
CA CYS G 57 7.56 -4.89 21.24
C CYS G 57 8.96 -4.59 21.74
N HIS G 58 9.95 -5.25 21.13
CA HIS G 58 11.33 -5.16 21.57
C HIS G 58 12.02 -3.89 21.08
N ASP G 59 11.28 -3.07 20.33
CA ASP G 59 11.84 -1.84 19.78
C ASP G 59 11.28 -0.60 20.48
N ALA G 60 10.63 -0.81 21.62
CA ALA G 60 10.07 0.29 22.39
C ALA G 60 10.05 -0.04 23.88
N PHE G 61 10.35 0.95 24.70
CA PHE G 61 10.40 0.77 26.15
C PHE G 61 9.10 0.18 26.71
N CYS G 62 9.21 -0.49 27.84
CA CYS G 62 8.04 -1.02 28.54
C CYS G 62 7.19 0.14 29.05
N GLY G 63 5.89 0.08 28.76
CA GLY G 63 4.98 1.13 29.16
C GLY G 63 4.82 2.17 28.06
N ALA G 64 5.32 1.85 26.88
CA ALA G 64 5.20 2.75 25.73
C ALA G 64 4.04 2.32 24.84
N LEU G 65 3.56 3.25 24.02
CA LEU G 65 2.45 2.97 23.12
C LEU G 65 2.94 2.36 21.82
N VAL G 66 2.39 1.19 21.46
CA VAL G 66 2.72 0.53 20.22
C VAL G 66 1.45 0.23 19.43
N MET G 67 1.61 -0.27 18.20
CA MET G 67 0.45 -0.58 17.36
C MET G 67 0.72 -1.77 16.44
N LYS G 68 -0.35 -2.46 16.06
CA LYS G 68 -0.26 -3.54 15.09
C LYS G 68 -1.15 -3.24 13.89
N ILE G 69 -0.58 -3.35 12.69
CA ILE G 69 -1.33 -3.09 11.47
C ILE G 69 -1.59 -4.37 10.71
N GLY G 70 -2.85 -4.82 10.70
CA GLY G 70 -3.22 -6.06 10.06
C GLY G 70 -2.54 -7.24 10.70
N ASN G 71 -1.68 -7.91 9.93
CA ASN G 71 -0.91 -9.04 10.44
C ASN G 71 0.58 -8.77 10.43
N SER G 72 0.98 -7.62 10.97
CA SER G 72 2.38 -7.23 11.02
C SER G 72 2.90 -7.30 12.45
N GLY G 73 4.22 -7.18 12.59
CA GLY G 73 4.84 -7.15 13.91
C GLY G 73 4.62 -5.80 14.55
N THR G 74 4.44 -5.80 15.87
CA THR G 74 4.19 -4.56 16.62
C THR G 74 5.14 -3.45 16.19
N ILE G 75 4.61 -2.24 16.06
CA ILE G 75 5.40 -1.09 15.64
C ILE G 75 5.37 0.01 16.69
N PRO G 76 6.55 0.54 17.06
CA PRO G 76 6.66 1.62 18.03
C PRO G 76 5.86 2.85 17.62
N VAL G 77 4.98 3.32 18.51
CA VAL G 77 4.21 4.54 18.26
C VAL G 77 4.73 5.67 19.12
N ASN G 78 4.93 5.39 20.40
CA ASN G 78 5.44 6.38 21.34
C ASN G 78 4.61 7.66 21.35
N THR G 79 5.29 8.80 21.28
CA THR G 79 4.60 10.08 21.29
C THR G 79 3.73 10.27 20.06
N GLY G 80 3.98 9.48 19.02
CA GLY G 80 3.18 9.52 17.81
C GLY G 80 3.98 9.53 16.54
N LEU G 81 3.28 9.60 15.41
CA LEU G 81 3.92 9.63 14.10
C LEU G 81 3.47 10.85 13.30
N PHE G 82 4.39 11.44 12.56
CA PHE G 82 4.09 12.63 11.78
C PHE G 82 4.17 12.36 10.28
N ARG G 83 3.03 12.39 9.61
CA ARG G 83 2.96 12.11 8.17
C ARG G 83 3.80 10.88 7.86
N TRP G 84 3.36 9.76 8.40
CA TRP G 84 4.13 8.51 8.39
C TRP G 84 3.59 7.52 7.36
N VAL G 85 4.50 6.83 6.68
CA VAL G 85 4.12 5.83 5.69
C VAL G 85 4.57 4.45 6.10
N ALA G 86 3.63 3.50 6.17
CA ALA G 86 3.93 2.15 6.61
C ALA G 86 4.91 1.45 5.66
N PRO G 87 5.72 0.52 6.20
CA PRO G 87 6.71 -0.22 5.42
C PRO G 87 6.07 -0.99 4.26
N ASN G 88 6.90 -1.62 3.44
CA ASN G 88 6.43 -2.35 2.27
C ASN G 88 5.56 -3.54 2.65
N ASN G 89 4.41 -3.65 1.99
CA ASN G 89 3.47 -4.74 2.24
C ASN G 89 2.75 -4.65 3.59
N VAL G 90 2.70 -3.45 4.15
CA VAL G 90 2.00 -3.24 5.42
C VAL G 90 0.62 -2.64 5.19
N GLN G 91 -0.41 -3.36 5.62
CA GLN G 91 -1.79 -2.93 5.40
C GLN G 91 -2.77 -3.70 6.29
N GLY G 92 -3.88 -3.05 6.63
CA GLY G 92 -4.89 -3.65 7.48
C GLY G 92 -5.39 -2.69 8.54
N ALA G 93 -6.20 -3.18 9.46
CA ALA G 93 -6.74 -2.36 10.54
C ALA G 93 -5.65 -1.97 11.53
N ILE G 94 -5.95 -0.98 12.37
CA ILE G 94 -4.98 -0.50 13.35
C ILE G 94 -5.40 -0.81 14.78
N THR G 95 -4.49 -1.39 15.55
CA THR G 95 -4.76 -1.72 16.95
C THR G 95 -3.68 -1.15 17.85
N LEU G 96 -4.05 -0.22 18.72
CA LEU G 96 -3.11 0.40 19.63
C LEU G 96 -3.01 -0.39 20.93
N ILE G 97 -1.81 -0.83 21.27
CA ILE G 97 -1.60 -1.62 22.47
C ILE G 97 -0.60 -0.98 23.42
N TYR G 98 -0.78 -1.22 24.71
CA TYR G 98 0.18 -0.79 25.72
C TYR G 98 1.29 -1.82 25.82
N ASN G 99 2.51 -1.43 25.45
CA ASN G 99 3.64 -2.35 25.41
C ASN G 99 3.94 -2.95 26.78
N ASP G 100 3.95 -4.28 26.83
CA ASP G 100 4.13 -4.99 28.09
C ASP G 100 4.46 -6.46 27.88
N VAL G 101 4.44 -7.23 28.96
CA VAL G 101 4.69 -8.66 28.89
C VAL G 101 3.38 -9.44 28.95
N PRO G 102 3.20 -10.37 28.01
CA PRO G 102 1.96 -11.16 27.92
C PRO G 102 1.53 -11.77 29.24
N GLY G 103 0.38 -11.35 29.75
CA GLY G 103 -0.18 -11.93 30.95
C GLY G 103 0.04 -11.13 32.22
N THR G 104 0.74 -10.01 32.09
CA THR G 104 1.05 -9.18 33.25
C THR G 104 0.18 -7.92 33.32
N TYR G 105 -0.61 -7.69 32.28
CA TYR G 105 -1.45 -6.50 32.19
C TYR G 105 -2.39 -6.33 33.38
N GLY G 106 -2.51 -7.37 34.20
CA GLY G 106 -3.45 -7.38 35.31
C GLY G 106 -3.46 -6.16 36.20
N ASN G 107 -2.27 -5.70 36.60
CA ASN G 107 -2.15 -4.62 37.57
C ASN G 107 -1.82 -3.28 36.94
N ASN G 108 -2.07 -3.15 35.65
CA ASN G 108 -1.80 -1.89 34.95
C ASN G 108 -2.88 -0.86 35.21
N SER G 109 -2.50 0.42 35.16
CA SER G 109 -3.44 1.50 35.38
C SER G 109 -3.16 2.67 34.43
N GLY G 110 -4.12 3.58 34.32
CA GLY G 110 -3.98 4.73 33.46
C GLY G 110 -4.26 4.40 31.99
N SER G 111 -4.25 5.43 31.15
CA SER G 111 -4.49 5.24 29.72
C SER G 111 -3.91 6.39 28.90
N PHE G 112 -3.91 6.22 27.58
CA PHE G 112 -3.38 7.24 26.69
C PHE G 112 -4.45 7.79 25.76
N SER G 113 -4.63 9.11 25.77
CA SER G 113 -5.52 9.77 24.82
C SER G 113 -4.81 9.90 23.48
N VAL G 114 -5.41 9.33 22.44
CA VAL G 114 -4.75 9.26 21.14
C VAL G 114 -5.62 9.76 19.98
N ASN G 115 -4.99 10.46 19.05
CA ASN G 115 -5.66 10.90 17.83
C ASN G 115 -4.99 10.33 16.59
N ILE G 116 -5.79 9.81 15.67
CA ILE G 116 -5.27 9.26 14.42
C ILE G 116 -6.03 9.84 13.22
N GLY G 117 -5.30 10.17 12.18
CA GLY G 117 -5.89 10.72 10.97
C GLY G 117 -5.00 10.54 9.76
N LYS G 118 -5.63 10.35 8.60
CA LYS G 118 -4.88 10.20 7.36
C LYS G 118 -4.56 11.56 6.76
N ASP G 119 -3.30 11.78 6.41
CA ASP G 119 -2.87 13.04 5.81
C ASP G 119 -2.95 12.96 4.29
N GLN G 120 -2.94 14.11 3.63
CA GLN G 120 -3.13 14.16 2.19
C GLN G 120 -1.94 13.57 1.43
N SER G 121 -2.20 12.47 0.72
CA SER G 121 -1.18 11.81 -0.09
C SER G 121 -1.55 11.87 -1.57
N ALA H 1 -40.49 -0.71 7.48
CA ALA H 1 -40.73 -0.08 8.77
C ALA H 1 -41.57 1.17 8.61
N TRP H 2 -42.57 1.31 9.47
CA TRP H 2 -43.48 2.45 9.40
C TRP H 2 -43.11 3.52 10.42
N LYS H 3 -43.41 4.77 10.09
CA LYS H 3 -43.11 5.91 10.97
C LYS H 3 -43.99 7.11 10.62
N GLY H 4 -44.87 7.49 11.53
CA GLY H 4 -45.76 8.61 11.30
C GLY H 4 -46.36 9.15 12.58
N GLU H 5 -47.38 10.00 12.42
CA GLU H 5 -48.05 10.61 13.56
C GLU H 5 -49.44 10.02 13.80
N VAL H 6 -49.81 9.88 15.07
CA VAL H 6 -51.12 9.39 15.43
C VAL H 6 -51.90 10.48 16.18
N LEU H 7 -52.93 11.01 15.53
CA LEU H 7 -53.72 12.10 16.11
C LEU H 7 -54.71 11.59 17.15
N ALA H 8 -54.81 12.32 18.26
CA ALA H 8 -55.67 11.93 19.37
C ALA H 8 -57.15 12.04 19.01
N ASN H 9 -57.48 12.93 18.08
CA ASN H 9 -58.86 13.12 17.67
C ASN H 9 -59.25 12.22 16.50
N ASN H 10 -58.34 11.33 16.12
CA ASN H 10 -58.61 10.38 15.04
C ASN H 10 -59.25 9.10 15.56
N GLU H 11 -60.56 9.17 15.80
CA GLU H 11 -61.30 8.03 16.34
C GLU H 11 -61.19 6.80 15.43
N ALA H 12 -61.11 7.03 14.13
CA ALA H 12 -60.99 5.94 13.17
C ALA H 12 -59.69 5.19 13.34
N GLY H 13 -58.69 5.86 13.89
CA GLY H 13 -57.37 5.26 14.11
C GLY H 13 -56.48 5.44 12.90
N GLN H 14 -55.18 5.54 13.16
CA GLN H 14 -54.20 5.71 12.08
C GLN H 14 -53.80 4.36 11.49
N VAL H 15 -53.81 4.28 10.17
CA VAL H 15 -53.44 3.05 9.47
C VAL H 15 -51.96 3.06 9.12
N THR H 16 -51.32 1.90 9.21
CA THR H 16 -49.89 1.79 8.91
C THR H 16 -49.64 0.78 7.79
N SER H 17 -48.44 0.82 7.22
CA SER H 17 -48.07 -0.09 6.15
C SER H 17 -47.69 -1.46 6.68
N ILE H 18 -47.74 -1.62 8.00
CA ILE H 18 -47.37 -2.87 8.64
C ILE H 18 -48.54 -3.85 8.68
N ILE H 19 -48.30 -5.07 8.22
CA ILE H 19 -49.32 -6.11 8.24
C ILE H 19 -48.82 -7.30 9.05
N TYR H 20 -49.13 -7.31 10.34
CA TYR H 20 -48.64 -8.37 11.23
C TYR H 20 -49.10 -9.75 10.76
N ASN H 21 -48.13 -10.57 10.36
CA ASN H 21 -48.40 -11.93 9.92
C ASN H 21 -48.02 -12.93 11.01
N PRO H 22 -48.69 -14.08 11.04
CA PRO H 22 -48.45 -15.10 12.06
C PRO H 22 -46.97 -15.43 12.23
N GLY H 23 -46.43 -15.15 13.41
CA GLY H 23 -45.04 -15.45 13.70
C GLY H 23 -44.15 -14.22 13.76
N ASP H 24 -44.64 -13.11 13.21
CA ASP H 24 -43.87 -11.88 13.17
C ASP H 24 -43.48 -11.38 14.55
N VAL H 25 -42.28 -10.80 14.64
CA VAL H 25 -41.83 -10.14 15.85
C VAL H 25 -41.75 -8.64 15.57
N ILE H 26 -42.37 -7.84 16.42
CA ILE H 26 -42.45 -6.40 16.19
C ILE H 26 -41.88 -5.58 17.35
N THR H 27 -41.53 -4.33 17.05
CA THR H 27 -41.04 -3.40 18.05
C THR H 27 -41.60 -2.01 17.81
N ILE H 28 -42.24 -1.46 18.84
CA ILE H 28 -42.87 -0.15 18.74
C ILE H 28 -42.25 0.84 19.73
N VAL H 29 -42.11 2.09 19.30
CA VAL H 29 -41.59 3.14 20.17
C VAL H 29 -42.36 4.45 19.95
N ALA H 30 -43.22 4.78 20.90
CA ALA H 30 -44.04 5.98 20.80
C ALA H 30 -43.51 7.11 21.68
N ALA H 31 -43.84 8.34 21.32
CA ALA H 31 -43.41 9.50 22.07
C ALA H 31 -44.23 10.74 21.70
N GLY H 32 -44.35 11.67 22.63
CA GLY H 32 -45.09 12.89 22.39
C GLY H 32 -46.09 13.20 23.49
N TRP H 33 -46.96 14.17 23.24
CA TRP H 33 -47.95 14.59 24.22
C TRP H 33 -49.33 14.74 23.59
N ALA H 34 -50.34 14.18 24.25
CA ALA H 34 -51.72 14.25 23.76
C ALA H 34 -52.70 14.31 24.92
N SER H 35 -53.85 14.91 24.68
CA SER H 35 -54.88 15.06 25.71
C SER H 35 -56.24 14.54 25.27
N TYR H 36 -57.03 14.08 26.23
CA TYR H 36 -58.37 13.58 25.95
C TYR H 36 -59.41 14.65 26.27
N GLY H 37 -58.98 15.89 26.41
CA GLY H 37 -59.88 16.98 26.72
C GLY H 37 -59.24 18.14 27.45
N PRO H 38 -58.75 17.89 28.68
CA PRO H 38 -58.13 18.93 29.50
C PRO H 38 -56.99 19.64 28.77
N THR H 39 -56.65 20.84 29.21
CA THR H 39 -55.55 21.59 28.62
C THR H 39 -54.20 20.94 28.93
N GLN H 40 -54.17 20.10 29.97
CA GLN H 40 -52.97 19.37 30.32
C GLN H 40 -52.80 18.16 29.40
N LYS H 41 -51.56 17.78 29.14
CA LYS H 41 -51.28 16.66 28.25
C LYS H 41 -50.58 15.52 28.97
N TRP H 42 -50.71 14.31 28.42
CA TRP H 42 -50.07 13.13 28.98
C TRP H 42 -49.27 12.38 27.94
N GLY H 43 -48.40 11.48 28.40
CA GLY H 43 -47.55 10.71 27.50
C GLY H 43 -48.26 9.49 26.95
N PRO H 44 -47.53 8.66 26.19
CA PRO H 44 -48.07 7.44 25.56
C PRO H 44 -48.74 6.51 26.55
N GLN H 45 -48.43 6.65 27.84
CA GLN H 45 -49.02 5.79 28.87
C GLN H 45 -50.37 6.33 29.35
N GLY H 46 -50.61 7.62 29.13
CA GLY H 46 -51.90 8.23 29.44
C GLY H 46 -52.05 8.68 30.88
N ASP H 47 -53.27 9.05 31.24
CA ASP H 47 -53.57 9.53 32.59
C ASP H 47 -53.87 8.36 33.52
N ARG H 48 -52.97 8.13 34.46
CA ARG H 48 -53.11 7.02 35.41
C ARG H 48 -54.18 7.31 36.46
N GLU H 49 -54.55 8.57 36.60
CA GLU H 49 -55.53 8.98 37.60
C GLU H 49 -56.95 9.02 37.03
N HIS H 50 -57.08 8.81 35.73
CA HIS H 50 -58.40 8.86 35.08
C HIS H 50 -59.04 7.49 35.03
N PRO H 51 -60.31 7.41 35.49
CA PRO H 51 -61.06 6.16 35.53
C PRO H 51 -61.59 5.74 34.15
N ASP H 52 -61.83 4.45 33.97
CA ASP H 52 -62.34 3.92 32.70
C ASP H 52 -63.84 4.16 32.58
N GLN H 53 -64.23 5.09 31.72
CA GLN H 53 -65.64 5.43 31.54
C GLN H 53 -66.20 4.89 30.23
N GLY H 54 -65.61 3.79 29.74
CA GLY H 54 -66.06 3.17 28.51
C GLY H 54 -65.05 3.30 27.39
N LEU H 55 -63.77 3.12 27.72
CA LEU H 55 -62.70 3.21 26.74
C LEU H 55 -62.80 2.09 25.71
N ILE H 56 -62.14 2.28 24.57
CA ILE H 56 -62.09 1.24 23.55
C ILE H 56 -61.15 0.13 23.99
N CYS H 57 -60.21 0.48 24.86
CA CYS H 57 -59.29 -0.48 25.44
C CYS H 57 -59.33 -0.39 26.96
N HIS H 58 -59.71 -1.48 27.61
CA HIS H 58 -59.88 -1.49 29.06
C HIS H 58 -58.60 -1.91 29.78
N ASP H 59 -57.62 -2.38 29.02
CA ASP H 59 -56.35 -2.81 29.60
C ASP H 59 -55.31 -1.70 29.50
N ALA H 60 -55.78 -0.48 29.30
CA ALA H 60 -54.90 0.69 29.22
C ALA H 60 -55.59 1.92 29.79
N PHE H 61 -54.81 2.95 30.09
CA PHE H 61 -55.35 4.18 30.65
C PHE H 61 -55.95 5.08 29.58
N CYS H 62 -56.81 6.00 30.01
CA CYS H 62 -57.40 6.97 29.10
C CYS H 62 -56.32 7.95 28.63
N GLY H 63 -56.15 8.03 27.31
CA GLY H 63 -55.14 8.91 26.74
C GLY H 63 -53.86 8.17 26.43
N ALA H 64 -53.93 6.84 26.42
CA ALA H 64 -52.78 6.00 26.11
C ALA H 64 -52.83 5.55 24.66
N LEU H 65 -51.75 4.92 24.20
CA LEU H 65 -51.67 4.41 22.84
C LEU H 65 -52.00 2.93 22.77
N VAL H 66 -53.06 2.59 22.06
CA VAL H 66 -53.44 1.20 21.85
C VAL H 66 -53.45 0.90 20.35
N MET H 67 -53.81 -0.33 19.99
CA MET H 67 -53.81 -0.72 18.59
C MET H 67 -54.75 -1.89 18.29
N LYS H 68 -55.28 -1.92 17.07
CA LYS H 68 -56.00 -3.07 16.57
C LYS H 68 -55.15 -3.82 15.56
N ILE H 69 -55.14 -5.14 15.66
CA ILE H 69 -54.47 -5.97 14.66
C ILE H 69 -55.52 -6.63 13.79
N GLY H 70 -55.72 -6.09 12.59
CA GLY H 70 -56.80 -6.54 11.73
C GLY H 70 -58.13 -6.09 12.31
N ASN H 71 -58.99 -7.05 12.61
CA ASN H 71 -60.27 -6.75 13.27
C ASN H 71 -60.38 -7.45 14.61
N SER H 72 -59.37 -7.26 15.46
CA SER H 72 -59.35 -7.87 16.78
C SER H 72 -59.58 -6.84 17.87
N GLY H 73 -59.66 -7.30 19.11
CA GLY H 73 -59.81 -6.40 20.24
C GLY H 73 -58.58 -5.53 20.40
N THR H 74 -58.77 -4.33 20.94
CA THR H 74 -57.67 -3.40 21.14
C THR H 74 -56.58 -3.98 22.04
N ILE H 75 -55.35 -3.56 21.81
CA ILE H 75 -54.22 -4.04 22.59
C ILE H 75 -53.36 -2.88 23.09
N PRO H 76 -53.03 -2.89 24.39
CA PRO H 76 -52.19 -1.85 24.99
C PRO H 76 -50.82 -1.75 24.31
N VAL H 77 -50.42 -0.54 23.94
CA VAL H 77 -49.12 -0.31 23.34
C VAL H 77 -48.29 0.60 24.22
N ASN H 78 -48.92 1.65 24.75
CA ASN H 78 -48.26 2.60 25.64
C ASN H 78 -47.01 3.22 25.01
N THR H 79 -45.90 3.16 25.73
CA THR H 79 -44.65 3.72 25.25
C THR H 79 -44.07 2.90 24.11
N GLY H 80 -44.58 1.68 23.94
CA GLY H 80 -44.14 0.82 22.85
C GLY H 80 -43.97 -0.63 23.28
N LEU H 81 -43.51 -1.45 22.34
CA LEU H 81 -43.28 -2.87 22.61
C LEU H 81 -41.87 -3.27 22.17
N PHE H 82 -41.31 -4.27 22.84
CA PHE H 82 -39.96 -4.72 22.52
C PHE H 82 -39.95 -6.19 22.11
N ARG H 83 -39.70 -6.43 20.82
CA ARG H 83 -39.69 -7.78 20.29
C ARG H 83 -40.93 -8.54 20.75
N TRP H 84 -42.08 -8.05 20.32
CA TRP H 84 -43.36 -8.51 20.82
C TRP H 84 -44.04 -9.48 19.86
N VAL H 85 -44.69 -10.51 20.41
CA VAL H 85 -45.43 -11.48 19.62
C VAL H 85 -46.92 -11.39 19.94
N ALA H 86 -47.76 -11.69 18.95
CA ALA H 86 -49.20 -11.56 19.12
C ALA H 86 -49.86 -12.88 19.51
N PRO H 87 -51.04 -12.80 20.16
CA PRO H 87 -51.83 -13.97 20.53
C PRO H 87 -52.21 -14.80 19.30
N ASN H 88 -52.73 -16.00 19.53
CA ASN H 88 -53.09 -16.90 18.45
C ASN H 88 -54.18 -16.34 17.53
N ASN H 89 -54.12 -16.73 16.26
CA ASN H 89 -55.13 -16.34 15.29
C ASN H 89 -55.30 -14.83 15.15
N VAL H 90 -54.31 -14.07 15.62
CA VAL H 90 -54.33 -12.62 15.50
C VAL H 90 -53.42 -12.17 14.36
N GLN H 91 -54.01 -11.51 13.36
CA GLN H 91 -53.28 -11.10 12.18
C GLN H 91 -54.03 -10.05 11.37
N GLY H 92 -53.31 -9.32 10.53
CA GLY H 92 -53.90 -8.29 9.71
C GLY H 92 -53.15 -6.98 9.81
N ALA H 93 -53.67 -5.94 9.17
CA ALA H 93 -53.05 -4.62 9.19
C ALA H 93 -53.02 -4.05 10.61
N ILE H 94 -51.99 -3.27 10.91
CA ILE H 94 -51.86 -2.66 12.22
C ILE H 94 -52.43 -1.25 12.23
N THR H 95 -53.31 -0.98 13.19
CA THR H 95 -53.95 0.32 13.31
C THR H 95 -53.70 0.93 14.69
N LEU H 96 -53.04 2.08 14.71
CA LEU H 96 -52.76 2.78 15.95
C LEU H 96 -53.93 3.68 16.34
N ILE H 97 -54.36 3.60 17.59
CA ILE H 97 -55.51 4.36 18.06
C ILE H 97 -55.26 5.00 19.41
N TYR H 98 -55.75 6.23 19.57
CA TYR H 98 -55.68 6.92 20.86
C TYR H 98 -56.77 6.41 21.78
N ASN H 99 -56.38 5.66 22.80
CA ASN H 99 -57.36 5.06 23.71
C ASN H 99 -58.28 6.09 24.35
N ASP H 100 -59.56 6.01 24.03
CA ASP H 100 -60.55 6.96 24.50
C ASP H 100 -61.96 6.38 24.34
N VAL H 101 -62.96 7.11 24.82
CA VAL H 101 -64.35 6.65 24.73
C VAL H 101 -64.99 7.02 23.39
N PRO H 102 -65.57 6.03 22.70
CA PRO H 102 -66.18 6.21 21.37
C PRO H 102 -67.17 7.37 21.31
N GLY H 103 -66.86 8.38 20.51
CA GLY H 103 -67.76 9.50 20.31
C GLY H 103 -67.35 10.75 21.05
N THR H 104 -66.19 10.71 21.69
CA THR H 104 -65.71 11.84 22.47
C THR H 104 -64.40 12.41 21.92
N TYR H 105 -63.85 11.76 20.90
CA TYR H 105 -62.58 12.18 20.31
C TYR H 105 -62.59 13.63 19.83
N GLY H 106 -63.76 14.24 19.81
CA GLY H 106 -63.91 15.60 19.32
C GLY H 106 -63.01 16.63 19.98
N ASN H 107 -62.96 16.61 21.30
CA ASN H 107 -62.20 17.61 22.05
C ASN H 107 -60.73 17.23 22.26
N ASN H 108 -60.31 16.13 21.65
CA ASN H 108 -58.93 15.67 21.79
C ASN H 108 -57.93 16.58 21.09
N SER H 109 -56.68 16.53 21.56
CA SER H 109 -55.62 17.33 20.98
C SER H 109 -54.26 16.65 21.19
N GLY H 110 -53.24 17.13 20.47
CA GLY H 110 -51.92 16.54 20.56
C GLY H 110 -51.82 15.25 19.76
N SER H 111 -50.62 14.70 19.67
CA SER H 111 -50.41 13.47 18.90
C SER H 111 -49.19 12.69 19.39
N PHE H 112 -49.15 11.41 19.05
CA PHE H 112 -48.02 10.56 19.37
C PHE H 112 -47.20 10.26 18.13
N SER H 113 -45.87 10.35 18.25
CA SER H 113 -44.97 9.98 17.17
C SER H 113 -44.51 8.54 17.38
N VAL H 114 -44.80 7.68 16.40
CA VAL H 114 -44.58 6.25 16.58
C VAL H 114 -43.67 5.63 15.52
N ASN H 115 -42.85 4.69 15.96
CA ASN H 115 -42.01 3.90 15.05
C ASN H 115 -42.33 2.41 15.18
N ILE H 116 -42.58 1.77 14.05
CA ILE H 116 -42.89 0.34 14.03
C ILE H 116 -42.02 -0.41 13.03
N GLY H 117 -41.53 -1.57 13.43
CA GLY H 117 -40.69 -2.38 12.57
C GLY H 117 -40.61 -3.83 13.03
N LYS H 118 -40.59 -4.75 12.07
CA LYS H 118 -40.49 -6.17 12.39
C LYS H 118 -39.04 -6.55 12.66
N ASP H 119 -38.83 -7.42 13.64
CA ASP H 119 -37.49 -7.84 14.02
C ASP H 119 -37.17 -9.23 13.52
N GLN H 120 -35.98 -9.72 13.84
CA GLN H 120 -35.57 -11.06 13.43
C GLN H 120 -36.45 -12.13 14.05
N SER H 121 -36.85 -13.10 13.23
CA SER H 121 -37.73 -14.17 13.69
C SER H 121 -37.40 -15.48 12.98
N ALA I 1 48.00 -14.14 -20.57
CA ALA I 1 48.53 -12.80 -20.42
C ALA I 1 50.03 -12.77 -20.70
N TRP I 2 50.68 -11.67 -20.32
CA TRP I 2 52.12 -11.53 -20.54
C TRP I 2 52.75 -10.48 -19.64
N LYS I 3 53.72 -10.90 -18.84
CA LYS I 3 54.51 -9.97 -18.04
C LYS I 3 55.99 -10.14 -18.35
N GLY I 4 56.59 -9.10 -18.92
CA GLY I 4 58.00 -9.12 -19.24
C GLY I 4 58.63 -7.77 -19.06
N GLU I 5 59.87 -7.61 -19.53
CA GLU I 5 60.58 -6.35 -19.41
C GLU I 5 61.07 -5.82 -20.75
N VAL I 6 60.93 -4.51 -20.94
CA VAL I 6 61.39 -3.85 -22.16
C VAL I 6 62.70 -3.10 -21.88
N LEU I 7 63.77 -3.55 -22.53
CA LEU I 7 65.07 -2.90 -22.35
C LEU I 7 65.15 -1.61 -23.18
N ALA I 8 65.60 -0.54 -22.53
CA ALA I 8 65.66 0.77 -23.17
C ALA I 8 66.66 0.82 -24.31
N ASN I 9 67.58 -0.15 -24.34
CA ASN I 9 68.60 -0.19 -25.38
C ASN I 9 68.25 -1.14 -26.53
N ASN I 10 67.10 -1.80 -26.42
CA ASN I 10 66.64 -2.72 -27.46
C ASN I 10 65.89 -1.99 -28.56
N GLU I 11 66.64 -1.48 -29.55
CA GLU I 11 66.06 -0.72 -30.64
C GLU I 11 65.06 -1.56 -31.45
N ALA I 12 65.32 -2.86 -31.55
CA ALA I 12 64.46 -3.76 -32.31
C ALA I 12 63.10 -3.92 -31.64
N GLY I 13 63.03 -3.57 -30.36
CA GLY I 13 61.79 -3.70 -29.61
C GLY I 13 61.61 -5.09 -29.03
N GLN I 14 60.79 -5.19 -28.01
CA GLN I 14 60.54 -6.47 -27.34
C GLN I 14 59.24 -7.10 -27.81
N VAL I 15 59.32 -8.33 -28.30
CA VAL I 15 58.15 -9.08 -28.72
C VAL I 15 57.50 -9.80 -27.55
N THR I 16 56.18 -9.67 -27.43
CA THR I 16 55.44 -10.33 -26.36
C THR I 16 54.83 -11.64 -26.86
N SER I 17 53.81 -12.11 -26.17
CA SER I 17 53.09 -13.30 -26.59
C SER I 17 51.67 -12.94 -27.00
N ILE I 18 51.38 -11.64 -26.98
CA ILE I 18 50.04 -11.14 -27.29
C ILE I 18 49.87 -10.90 -28.79
N ILE I 19 48.86 -11.56 -29.37
CA ILE I 19 48.53 -11.36 -30.78
C ILE I 19 47.18 -10.69 -30.88
N TYR I 20 47.18 -9.35 -30.92
CA TYR I 20 45.93 -8.60 -30.96
C TYR I 20 45.08 -8.96 -32.17
N ASN I 21 43.97 -9.65 -31.91
CA ASN I 21 43.03 -10.02 -32.96
C ASN I 21 41.92 -8.99 -33.08
N PRO I 22 41.34 -8.85 -34.29
CA PRO I 22 40.29 -7.87 -34.55
C PRO I 22 39.15 -7.95 -33.52
N GLY I 23 38.84 -6.83 -32.88
CA GLY I 23 37.75 -6.76 -31.94
C GLY I 23 38.18 -6.92 -30.49
N ASP I 24 39.43 -7.32 -30.28
CA ASP I 24 39.95 -7.54 -28.94
C ASP I 24 39.98 -6.27 -28.10
N VAL I 25 39.92 -6.44 -26.78
CA VAL I 25 40.07 -5.34 -25.84
C VAL I 25 41.21 -5.67 -24.90
N ILE I 26 42.19 -4.78 -24.80
CA ILE I 26 43.38 -5.04 -23.99
C ILE I 26 43.65 -3.95 -22.97
N THR I 27 44.38 -4.32 -21.92
CA THR I 27 44.80 -3.38 -20.89
C THR I 27 46.29 -3.55 -20.59
N ILE I 28 47.01 -2.43 -20.58
CA ILE I 28 48.45 -2.46 -20.31
C ILE I 28 48.79 -1.64 -19.08
N VAL I 29 49.75 -2.13 -18.29
CA VAL I 29 50.25 -1.41 -17.14
C VAL I 29 51.77 -1.49 -17.10
N ALA I 30 52.42 -0.34 -17.20
CA ALA I 30 53.88 -0.28 -17.25
C ALA I 30 54.47 0.57 -16.13
N ALA I 31 55.48 0.02 -15.46
CA ALA I 31 56.18 0.73 -14.39
C ALA I 31 57.68 0.50 -14.49
N GLY I 32 58.45 1.34 -13.81
CA GLY I 32 59.90 1.22 -13.82
C GLY I 32 60.60 2.50 -14.23
N TRP I 33 61.93 2.44 -14.30
CA TRP I 33 62.72 3.60 -14.67
C TRP I 33 63.72 3.28 -15.78
N ALA I 34 63.92 4.23 -16.68
CA ALA I 34 64.87 4.07 -17.77
C ALA I 34 65.36 5.43 -18.26
N SER I 35 66.44 5.43 -19.03
CA SER I 35 67.00 6.67 -19.54
C SER I 35 67.33 6.60 -21.02
N TYR I 36 67.27 7.76 -21.68
CA TYR I 36 67.63 7.87 -23.08
C TYR I 36 69.08 8.32 -23.21
N GLY I 37 69.86 8.12 -22.16
CA GLY I 37 71.25 8.52 -22.16
C GLY I 37 71.75 9.04 -20.83
N PRO I 38 71.20 10.18 -20.37
CA PRO I 38 71.61 10.84 -19.12
C PRO I 38 71.64 9.88 -17.93
N THR I 39 72.35 10.28 -16.88
CA THR I 39 72.45 9.47 -15.67
C THR I 39 71.09 9.35 -14.98
N GLN I 40 70.26 10.38 -15.14
CA GLN I 40 68.91 10.37 -14.57
C GLN I 40 68.05 9.31 -15.26
N LYS I 41 66.86 9.09 -14.71
CA LYS I 41 65.91 8.15 -15.30
C LYS I 41 64.49 8.71 -15.28
N TRP I 42 63.70 8.32 -16.27
CA TRP I 42 62.32 8.81 -16.38
C TRP I 42 61.31 7.67 -16.37
N GLY I 43 60.06 8.01 -16.10
CA GLY I 43 58.99 7.03 -16.07
C GLY I 43 58.50 6.66 -17.46
N PRO I 44 57.51 5.77 -17.53
CA PRO I 44 56.93 5.29 -18.79
C PRO I 44 56.40 6.40 -19.67
N GLN I 45 56.19 7.59 -19.10
CA GLN I 45 55.67 8.71 -19.87
C GLN I 45 56.77 9.50 -20.57
N GLY I 46 58.01 9.25 -20.16
CA GLY I 46 59.16 9.90 -20.79
C GLY I 46 59.52 11.22 -20.14
N ASP I 47 60.38 11.98 -20.81
CA ASP I 47 60.82 13.28 -20.31
C ASP I 47 60.00 14.40 -20.95
N ARG I 48 59.12 15.00 -20.15
CA ARG I 48 58.18 16.01 -20.65
C ARG I 48 58.85 17.28 -21.11
N GLU I 49 60.16 17.41 -20.87
CA GLU I 49 60.88 18.63 -21.18
C GLU I 49 61.96 18.43 -22.23
N HIS I 50 61.99 17.25 -22.82
CA HIS I 50 62.98 16.92 -23.84
C HIS I 50 62.38 17.03 -25.24
N PRO I 51 63.04 17.79 -26.12
CA PRO I 51 62.54 18.05 -27.48
C PRO I 51 62.56 16.80 -28.36
N ASP I 52 61.66 16.76 -29.35
CA ASP I 52 61.60 15.67 -30.29
C ASP I 52 62.68 15.84 -31.37
N GLN I 53 63.63 14.91 -31.39
CA GLN I 53 64.75 15.00 -32.34
C GLN I 53 64.73 13.84 -33.33
N GLY I 54 63.54 13.46 -33.79
CA GLY I 54 63.40 12.37 -34.74
C GLY I 54 63.12 11.05 -34.05
N LEU I 55 62.10 11.02 -33.21
CA LEU I 55 61.74 9.81 -32.48
C LEU I 55 60.93 8.86 -33.36
N ILE I 56 60.88 7.59 -32.96
CA ILE I 56 60.09 6.60 -33.69
C ILE I 56 58.61 6.81 -33.43
N CYS I 57 58.28 7.80 -32.61
CA CYS I 57 56.90 8.14 -32.31
C CYS I 57 56.79 9.59 -31.87
N HIS I 58 56.19 10.42 -32.72
CA HIS I 58 56.08 11.84 -32.45
C HIS I 58 54.86 12.17 -31.59
N ASP I 59 54.23 11.14 -31.04
CA ASP I 59 53.07 11.32 -30.19
C ASP I 59 53.39 10.99 -28.73
N ALA I 60 54.68 10.92 -28.42
CA ALA I 60 55.13 10.65 -27.06
C ALA I 60 56.50 11.28 -26.81
N PHE I 61 56.81 11.49 -25.54
CA PHE I 61 58.09 12.10 -25.16
C PHE I 61 59.25 11.13 -25.29
N CYS I 62 60.47 11.66 -25.27
CA CYS I 62 61.67 10.84 -25.35
C CYS I 62 61.82 10.00 -24.08
N GLY I 63 61.81 8.69 -24.24
CA GLY I 63 61.92 7.78 -23.12
C GLY I 63 60.60 7.13 -22.75
N ALA I 64 59.54 7.53 -23.45
CA ALA I 64 58.21 6.97 -23.20
C ALA I 64 58.08 5.59 -23.81
N LEU I 65 57.10 4.83 -23.33
CA LEU I 65 56.86 3.49 -23.84
C LEU I 65 55.88 3.50 -25.00
N VAL I 66 56.30 2.97 -26.14
CA VAL I 66 55.45 2.88 -27.31
C VAL I 66 55.25 1.42 -27.71
N MET I 67 54.51 1.18 -28.78
CA MET I 67 54.28 -0.19 -29.23
C MET I 67 53.91 -0.28 -30.72
N LYS I 68 54.07 -1.48 -31.27
CA LYS I 68 53.68 -1.75 -32.65
C LYS I 68 52.84 -3.02 -32.72
N ILE I 69 51.59 -2.88 -33.15
CA ILE I 69 50.72 -4.03 -33.34
C ILE I 69 50.86 -4.54 -34.78
N GLY I 70 51.46 -5.72 -34.93
CA GLY I 70 51.75 -6.25 -36.25
C GLY I 70 52.86 -5.44 -36.91
N ASN I 71 52.52 -4.76 -38.00
CA ASN I 71 53.47 -3.87 -38.66
C ASN I 71 52.90 -2.45 -38.79
N SER I 72 52.02 -2.09 -37.86
CA SER I 72 51.42 -0.77 -37.84
C SER I 72 52.45 0.29 -37.47
N GLY I 73 52.02 1.53 -37.39
CA GLY I 73 52.88 2.61 -36.93
C GLY I 73 53.18 2.44 -35.45
N THR I 74 53.61 3.52 -34.81
CA THR I 74 53.88 3.49 -33.37
C THR I 74 52.73 4.11 -32.59
N ILE I 75 52.37 3.47 -31.49
CA ILE I 75 51.28 3.95 -30.64
C ILE I 75 51.77 4.20 -29.23
N PRO I 76 51.54 5.41 -28.71
CA PRO I 76 51.91 5.76 -27.34
C PRO I 76 51.25 4.82 -26.33
N VAL I 77 52.02 4.36 -25.35
CA VAL I 77 51.50 3.49 -24.30
C VAL I 77 51.63 4.18 -22.95
N ASN I 78 52.80 4.76 -22.70
CA ASN I 78 53.06 5.45 -21.45
C ASN I 78 52.87 4.55 -20.24
N THR I 79 52.09 5.03 -19.26
CA THR I 79 51.83 4.26 -18.06
C THR I 79 50.95 3.06 -18.33
N GLY I 80 50.33 3.04 -19.51
CA GLY I 80 49.49 1.92 -19.91
C GLY I 80 48.15 2.34 -20.49
N LEU I 81 47.37 1.35 -20.91
CA LEU I 81 46.06 1.61 -21.49
C LEU I 81 44.97 0.84 -20.75
N PHE I 82 43.80 1.45 -20.61
CA PHE I 82 42.70 0.85 -19.86
C PHE I 82 41.56 0.43 -20.78
N ARG I 83 41.33 -0.88 -20.87
CA ARG I 83 40.28 -1.42 -21.74
C ARG I 83 40.28 -0.71 -23.08
N TRP I 84 41.33 -0.98 -23.86
CA TRP I 84 41.64 -0.23 -25.07
C TRP I 84 41.34 -1.04 -26.33
N VAL I 85 40.86 -0.35 -27.36
CA VAL I 85 40.55 -1.00 -28.63
C VAL I 85 41.35 -0.36 -29.76
N ALA I 86 41.99 -1.19 -30.57
CA ALA I 86 42.84 -0.71 -31.67
C ALA I 86 42.00 -0.14 -32.80
N PRO I 87 42.55 0.85 -33.54
CA PRO I 87 41.89 1.46 -34.68
C PRO I 87 41.58 0.44 -35.77
N ASN I 88 40.80 0.84 -36.77
CA ASN I 88 40.40 -0.06 -37.84
C ASN I 88 41.56 -0.73 -38.56
N ASN I 89 41.43 -2.04 -38.78
CA ASN I 89 42.42 -2.81 -39.54
C ASN I 89 43.82 -2.82 -38.93
N VAL I 90 43.90 -2.70 -37.61
CA VAL I 90 45.19 -2.80 -36.93
C VAL I 90 45.27 -4.12 -36.16
N GLN I 91 46.09 -5.04 -36.66
CA GLN I 91 46.19 -6.37 -36.08
C GLN I 91 47.61 -6.92 -36.16
N GLY I 92 47.88 -7.96 -35.36
CA GLY I 92 49.18 -8.58 -35.34
C GLY I 92 49.77 -8.67 -33.94
N ALA I 93 50.98 -9.22 -33.84
CA ALA I 93 51.66 -9.36 -32.55
C ALA I 93 51.99 -7.99 -31.97
N ILE I 94 52.21 -7.95 -30.67
CA ILE I 94 52.51 -6.68 -29.98
C ILE I 94 53.98 -6.54 -29.65
N THR I 95 54.60 -5.48 -30.17
CA THR I 95 56.01 -5.20 -29.90
C THR I 95 56.17 -3.93 -29.08
N LEU I 96 56.75 -4.07 -27.89
CA LEU I 96 56.99 -2.94 -27.02
C LEU I 96 58.36 -2.32 -27.29
N ILE I 97 58.41 -1.00 -27.41
CA ILE I 97 59.66 -0.32 -27.75
C ILE I 97 59.91 0.88 -26.84
N TYR I 98 61.18 1.29 -26.75
CA TYR I 98 61.56 2.47 -25.99
C TYR I 98 61.69 3.65 -26.94
N ASN I 99 60.81 4.64 -26.78
CA ASN I 99 60.76 5.78 -27.70
C ASN I 99 62.05 6.58 -27.73
N ASP I 100 62.83 6.39 -28.79
CA ASP I 100 64.10 7.09 -28.95
C ASP I 100 64.37 7.36 -30.42
N VAL I 101 65.50 8.01 -30.71
CA VAL I 101 65.89 8.30 -32.09
C VAL I 101 66.71 7.14 -32.65
N PRO I 102 66.33 6.65 -33.83
CA PRO I 102 66.97 5.50 -34.47
C PRO I 102 68.50 5.57 -34.45
N GLY I 103 69.13 4.53 -33.92
CA GLY I 103 70.58 4.43 -33.93
C GLY I 103 71.27 5.02 -32.72
N THR I 104 70.49 5.43 -31.72
CA THR I 104 71.05 6.06 -30.53
C THR I 104 70.85 5.18 -29.29
N TYR I 105 70.14 4.08 -29.44
CA TYR I 105 69.83 3.19 -28.33
C TYR I 105 71.07 2.69 -27.60
N GLY I 106 72.25 2.98 -28.13
CA GLY I 106 73.50 2.53 -27.55
C GLY I 106 73.71 2.93 -26.10
N ASN I 107 73.57 4.22 -25.82
CA ASN I 107 73.84 4.74 -24.48
C ASN I 107 72.64 4.60 -23.53
N ASN I 108 71.59 3.93 -23.99
CA ASN I 108 70.39 3.76 -23.18
C ASN I 108 70.57 2.80 -22.01
N SER I 109 69.86 3.08 -20.93
CA SER I 109 69.94 2.25 -19.72
C SER I 109 68.58 2.16 -19.04
N GLY I 110 68.42 1.17 -18.16
CA GLY I 110 67.18 0.97 -17.45
C GLY I 110 66.17 0.18 -18.27
N SER I 111 65.03 -0.13 -17.67
CA SER I 111 64.00 -0.90 -18.35
C SER I 111 62.61 -0.68 -17.74
N PHE I 112 61.58 -1.01 -18.51
CA PHE I 112 60.20 -0.91 -18.03
C PHE I 112 59.59 -2.31 -17.88
N SER I 113 58.96 -2.55 -16.73
CA SER I 113 58.26 -3.80 -16.51
C SER I 113 56.80 -3.65 -16.93
N VAL I 114 56.36 -4.50 -17.86
CA VAL I 114 55.04 -4.35 -18.47
C VAL I 114 54.15 -5.57 -18.32
N ASN I 115 52.88 -5.33 -18.00
CA ASN I 115 51.87 -6.37 -17.97
C ASN I 115 50.82 -6.15 -19.06
N ILE I 116 50.41 -7.25 -19.71
CA ILE I 116 49.41 -7.16 -20.76
C ILE I 116 48.39 -8.29 -20.67
N GLY I 117 47.12 -7.93 -20.79
CA GLY I 117 46.04 -8.90 -20.77
C GLY I 117 44.86 -8.46 -21.61
N LYS I 118 44.10 -9.42 -22.11
CA LYS I 118 42.93 -9.14 -22.94
C LYS I 118 41.66 -9.09 -22.09
N ASP I 119 41.12 -7.89 -21.91
CA ASP I 119 39.87 -7.72 -21.17
C ASP I 119 38.71 -8.33 -21.95
N GLN I 120 37.69 -8.78 -21.22
CA GLN I 120 36.55 -9.45 -21.84
C GLN I 120 35.88 -8.58 -22.91
N SER I 121 35.38 -9.22 -23.96
CA SER I 121 34.73 -8.51 -25.05
C SER I 121 33.51 -9.28 -25.55
N ALA J 1 33.03 0.65 -12.29
CA ALA J 1 34.14 1.35 -12.94
C ALA J 1 34.16 2.81 -12.51
N TRP J 2 35.30 3.47 -12.72
CA TRP J 2 35.45 4.86 -12.33
C TRP J 2 36.57 5.58 -13.09
N LYS J 3 36.40 6.88 -13.25
CA LYS J 3 37.42 7.72 -13.87
C LYS J 3 37.29 9.15 -13.36
N GLY J 4 38.43 9.79 -13.09
CA GLY J 4 38.42 11.15 -12.60
C GLY J 4 39.81 11.70 -12.31
N GLU J 5 39.86 12.97 -11.93
CA GLU J 5 41.13 13.62 -11.63
C GLU J 5 41.47 13.50 -10.16
N VAL J 6 42.76 13.62 -9.85
CA VAL J 6 43.24 13.60 -8.47
C VAL J 6 44.27 14.70 -8.26
N LEU J 7 43.79 15.91 -8.00
CA LEU J 7 44.67 17.06 -7.84
C LEU J 7 45.80 16.81 -6.85
N ALA J 8 46.94 17.44 -7.10
CA ALA J 8 48.11 17.26 -6.26
C ALA J 8 48.02 18.07 -4.97
N ASN J 9 47.18 19.11 -4.97
CA ASN J 9 47.01 19.96 -3.80
C ASN J 9 45.78 19.59 -2.98
N ASN J 10 45.22 18.42 -3.24
CA ASN J 10 44.06 17.93 -2.49
C ASN J 10 44.48 16.99 -1.37
N GLU J 11 44.91 17.58 -0.25
CA GLU J 11 45.37 16.81 0.90
C GLU J 11 44.28 15.89 1.43
N ALA J 12 43.03 16.30 1.24
CA ALA J 12 41.89 15.52 1.69
C ALA J 12 41.76 14.22 0.89
N GLY J 13 42.23 14.25 -0.36
CA GLY J 13 42.19 13.09 -1.23
C GLY J 13 40.86 12.96 -1.94
N GLN J 14 40.92 12.45 -3.17
CA GLN J 14 39.71 12.26 -3.97
C GLN J 14 39.10 10.88 -3.73
N VAL J 15 37.82 10.86 -3.38
CA VAL J 15 37.11 9.61 -3.13
C VAL J 15 36.47 9.08 -4.41
N THR J 16 36.54 7.78 -4.61
CA THR J 16 36.00 7.16 -5.83
C THR J 16 34.73 6.39 -5.55
N SER J 17 34.09 5.90 -6.61
CA SER J 17 32.86 5.12 -6.48
C SER J 17 33.19 3.65 -6.30
N ILE J 18 34.48 3.32 -6.25
CA ILE J 18 34.92 1.95 -6.11
C ILE J 18 34.95 1.50 -4.66
N ILE J 19 34.19 0.45 -4.36
CA ILE J 19 34.17 -0.13 -3.02
C ILE J 19 34.87 -1.48 -3.03
N TYR J 20 36.12 -1.52 -2.55
CA TYR J 20 36.87 -2.76 -2.56
C TYR J 20 36.36 -3.75 -1.53
N ASN J 21 35.89 -4.90 -2.01
CA ASN J 21 35.42 -5.96 -1.14
C ASN J 21 36.37 -7.15 -1.19
N PRO J 22 36.39 -7.96 -0.11
CA PRO J 22 37.27 -9.12 -0.06
C PRO J 22 37.12 -10.02 -1.28
N GLY J 23 38.23 -10.29 -1.96
CA GLY J 23 38.21 -11.15 -3.13
C GLY J 23 38.25 -10.37 -4.43
N ASP J 24 37.89 -9.09 -4.36
CA ASP J 24 37.86 -8.24 -5.54
C ASP J 24 39.22 -8.10 -6.20
N VAL J 25 39.26 -8.30 -7.51
CA VAL J 25 40.47 -8.08 -8.30
C VAL J 25 40.30 -6.82 -9.14
N ILE J 26 41.22 -5.87 -8.98
CA ILE J 26 41.08 -4.58 -9.66
C ILE J 26 42.30 -4.23 -10.50
N THR J 27 42.09 -3.38 -11.51
CA THR J 27 43.17 -2.88 -12.35
C THR J 27 43.14 -1.36 -12.38
N ILE J 28 44.28 -0.75 -12.08
CA ILE J 28 44.39 0.71 -12.04
C ILE J 28 45.40 1.21 -13.07
N VAL J 29 45.06 2.30 -13.75
CA VAL J 29 45.96 2.91 -14.73
C VAL J 29 45.98 4.42 -14.53
N ALA J 30 47.11 4.94 -14.05
CA ALA J 30 47.24 6.36 -13.75
C ALA J 30 48.22 7.05 -14.69
N ALA J 31 47.85 8.25 -15.13
CA ALA J 31 48.70 9.04 -16.02
C ALA J 31 48.56 10.53 -15.74
N GLY J 32 49.56 11.31 -16.13
CA GLY J 32 49.52 12.75 -15.93
C GLY J 32 50.80 13.30 -15.33
N TRP J 33 50.82 14.61 -15.11
CA TRP J 33 51.98 15.27 -14.52
C TRP J 33 51.56 16.14 -13.34
N ALA J 34 52.30 16.04 -12.25
CA ALA J 34 52.01 16.82 -11.05
C ALA J 34 53.27 17.11 -10.26
N SER J 35 53.25 18.19 -9.48
CA SER J 35 54.41 18.61 -8.71
C SER J 35 54.11 18.71 -7.22
N TYR J 36 55.14 18.48 -6.40
CA TYR J 36 55.01 18.59 -4.95
C TYR J 36 55.69 19.87 -4.47
N GLY J 37 55.57 20.93 -5.26
CA GLY J 37 56.19 22.19 -4.91
C GLY J 37 57.07 22.77 -5.99
N PRO J 38 58.15 22.06 -6.34
CA PRO J 38 59.12 22.50 -7.35
C PRO J 38 58.44 22.91 -8.67
N THR J 39 59.21 23.53 -9.57
CA THR J 39 58.67 23.99 -10.84
C THR J 39 58.42 22.83 -11.79
N GLN J 40 59.20 21.78 -11.68
CA GLN J 40 59.06 20.63 -12.56
C GLN J 40 57.81 19.83 -12.19
N LYS J 41 57.50 18.84 -13.01
CA LYS J 41 56.36 17.96 -12.75
C LYS J 41 56.77 16.51 -12.98
N TRP J 42 56.30 15.62 -12.11
CA TRP J 42 56.65 14.20 -12.22
C TRP J 42 55.44 13.35 -12.56
N GLY J 43 55.70 12.10 -12.95
CA GLY J 43 54.65 11.16 -13.27
C GLY J 43 54.05 10.54 -12.02
N PRO J 44 53.17 9.55 -12.20
CA PRO J 44 52.50 8.85 -11.09
C PRO J 44 53.49 8.17 -10.15
N GLN J 45 54.76 8.11 -10.54
CA GLN J 45 55.78 7.45 -9.73
C GLN J 45 56.54 8.45 -8.85
N GLY J 46 56.34 9.74 -9.11
CA GLY J 46 56.95 10.79 -8.30
C GLY J 46 58.43 10.99 -8.52
N ASP J 47 59.05 11.76 -7.64
CA ASP J 47 60.47 12.06 -7.73
C ASP J 47 61.29 11.01 -7.00
N ARG J 48 62.14 10.31 -7.75
CA ARG J 48 62.96 9.24 -7.19
C ARG J 48 64.21 9.78 -6.49
N GLU J 49 64.54 11.03 -6.76
CA GLU J 49 65.73 11.66 -6.17
C GLU J 49 65.41 12.36 -4.86
N HIS J 50 64.14 12.66 -4.63
CA HIS J 50 63.73 13.41 -3.44
C HIS J 50 63.71 12.53 -2.19
N PRO J 51 64.36 12.99 -1.12
CA PRO J 51 64.47 12.26 0.14
C PRO J 51 63.18 12.29 0.94
N ASP J 52 62.94 11.25 1.73
CA ASP J 52 61.73 11.14 2.54
C ASP J 52 61.79 12.12 3.71
N GLN J 53 60.73 12.90 3.88
CA GLN J 53 60.68 13.90 4.96
C GLN J 53 59.34 13.90 5.68
N GLY J 54 58.74 12.72 5.82
CA GLY J 54 57.46 12.59 6.50
C GLY J 54 56.31 12.43 5.53
N LEU J 55 56.48 11.56 4.55
CA LEU J 55 55.45 11.31 3.55
C LEU J 55 54.35 10.42 4.13
N ILE J 56 53.11 10.66 3.70
CA ILE J 56 51.98 9.86 4.15
C ILE J 56 52.16 8.40 3.78
N CYS J 57 53.04 8.16 2.81
CA CYS J 57 53.36 6.80 2.37
C CYS J 57 54.86 6.65 2.17
N HIS J 58 55.53 5.98 3.10
CA HIS J 58 56.97 5.82 3.05
C HIS J 58 57.38 4.74 2.03
N ASP J 59 56.39 4.06 1.46
CA ASP J 59 56.65 2.98 0.53
C ASP J 59 56.63 3.46 -0.92
N ALA J 60 56.45 4.76 -1.10
CA ALA J 60 56.43 5.35 -2.45
C ALA J 60 57.07 6.72 -2.46
N PHE J 61 57.76 7.05 -3.55
CA PHE J 61 58.44 8.33 -3.68
C PHE J 61 57.48 9.51 -3.48
N CYS J 62 58.04 10.67 -3.17
CA CYS J 62 57.26 11.89 -3.03
C CYS J 62 56.70 12.30 -4.39
N GLY J 63 55.42 12.67 -4.41
CA GLY J 63 54.78 13.07 -5.65
C GLY J 63 54.24 11.88 -6.42
N ALA J 64 54.13 10.75 -5.74
CA ALA J 64 53.59 9.54 -6.36
C ALA J 64 52.11 9.37 -6.03
N LEU J 65 51.45 8.46 -6.72
CA LEU J 65 50.03 8.20 -6.49
C LEU J 65 49.84 7.07 -5.50
N VAL J 66 49.09 7.33 -4.44
CA VAL J 66 48.79 6.31 -3.43
C VAL J 66 47.30 6.30 -3.13
N MET J 67 46.85 5.31 -2.36
CA MET J 67 45.43 5.16 -2.06
C MET J 67 45.18 4.60 -0.67
N LYS J 68 43.98 4.88 -0.15
CA LYS J 68 43.52 4.30 1.11
C LYS J 68 42.28 3.45 0.86
N ILE J 69 42.34 2.20 1.31
CA ILE J 69 41.18 1.32 1.21
C ILE J 69 40.45 1.27 2.54
N GLY J 70 39.36 2.04 2.64
CA GLY J 70 38.65 2.19 3.90
C GLY J 70 39.42 3.14 4.80
N ASN J 71 39.86 2.64 5.95
CA ASN J 71 40.71 3.42 6.84
C ASN J 71 42.01 2.69 7.17
N SER J 72 42.57 2.02 6.17
CA SER J 72 43.82 1.29 6.34
C SER J 72 45.01 2.22 6.10
N GLY J 73 46.20 1.65 6.02
CA GLY J 73 47.39 2.42 5.74
C GLY J 73 47.40 2.90 4.30
N THR J 74 48.49 3.54 3.89
CA THR J 74 48.62 4.01 2.52
C THR J 74 49.33 2.98 1.65
N ILE J 75 48.75 2.68 0.50
CA ILE J 75 49.29 1.68 -0.40
C ILE J 75 49.76 2.31 -1.72
N PRO J 76 50.99 1.99 -2.13
CA PRO J 76 51.57 2.52 -3.38
C PRO J 76 50.74 2.13 -4.60
N VAL J 77 50.52 3.09 -5.50
CA VAL J 77 49.78 2.84 -6.72
C VAL J 77 50.66 3.13 -7.95
N ASN J 78 51.30 4.30 -7.94
CA ASN J 78 52.17 4.71 -9.03
C ASN J 78 51.47 4.68 -10.39
N THR J 79 52.11 4.05 -11.37
CA THR J 79 51.55 3.97 -12.71
C THR J 79 50.25 3.18 -12.72
N GLY J 80 50.05 2.35 -11.69
CA GLY J 80 48.84 1.57 -11.57
C GLY J 80 49.08 0.14 -11.15
N LEU J 81 48.00 -0.61 -11.02
CA LEU J 81 48.07 -2.02 -10.60
C LEU J 81 47.40 -2.90 -11.64
N PHE J 82 48.05 -4.00 -12.00
CA PHE J 82 47.53 -4.91 -13.01
C PHE J 82 46.86 -6.13 -12.37
N ARG J 83 45.52 -6.15 -12.37
CA ARG J 83 44.76 -7.24 -11.78
C ARG J 83 45.36 -7.61 -10.43
N TRP J 84 45.13 -6.73 -9.47
CA TRP J 84 45.83 -6.77 -8.18
C TRP J 84 44.87 -7.03 -7.02
N VAL J 85 45.25 -7.94 -6.14
CA VAL J 85 44.43 -8.28 -4.98
C VAL J 85 45.04 -7.66 -3.72
N ALA J 86 44.20 -6.99 -2.93
CA ALA J 86 44.65 -6.31 -1.73
C ALA J 86 45.05 -7.28 -0.62
N PRO J 87 45.83 -6.80 0.36
CA PRO J 87 46.27 -7.61 1.50
C PRO J 87 45.09 -8.14 2.32
N ASN J 88 45.40 -8.84 3.41
CA ASN J 88 44.38 -9.42 4.26
C ASN J 88 43.61 -8.37 5.06
N ASN J 89 42.32 -8.63 5.31
CA ASN J 89 41.47 -7.76 6.10
C ASN J 89 41.07 -6.47 5.39
N VAL J 90 41.96 -5.96 4.55
CA VAL J 90 41.75 -4.67 3.89
C VAL J 90 40.47 -4.62 3.07
N GLN J 91 39.64 -3.60 3.35
CA GLN J 91 38.44 -3.36 2.55
C GLN J 91 37.83 -1.99 2.87
N GLY J 92 36.89 -1.57 2.05
CA GLY J 92 36.27 -0.27 2.19
C GLY J 92 36.27 0.49 0.88
N ALA J 93 36.04 1.80 0.95
CA ALA J 93 36.05 2.64 -0.24
C ALA J 93 37.49 3.04 -0.61
N ILE J 94 37.70 3.38 -1.87
CA ILE J 94 39.02 3.75 -2.35
C ILE J 94 39.17 5.27 -2.48
N THR J 95 40.25 5.80 -1.92
CA THR J 95 40.53 7.23 -1.98
C THR J 95 41.91 7.48 -2.55
N LEU J 96 41.97 8.08 -3.74
CA LEU J 96 43.24 8.39 -4.38
C LEU J 96 43.83 9.68 -3.82
N ILE J 97 45.06 9.59 -3.32
CA ILE J 97 45.70 10.74 -2.68
C ILE J 97 47.09 10.99 -3.25
N TYR J 98 47.43 12.27 -3.42
CA TYR J 98 48.76 12.65 -3.87
C TYR J 98 49.75 12.55 -2.71
N ASN J 99 50.75 11.69 -2.85
CA ASN J 99 51.70 11.45 -1.77
C ASN J 99 52.55 12.69 -1.48
N ASP J 100 52.59 13.08 -0.20
CA ASP J 100 53.33 14.26 0.21
C ASP J 100 53.49 14.29 1.73
N VAL J 101 53.86 15.45 2.26
CA VAL J 101 54.00 15.63 3.70
C VAL J 101 52.87 16.52 4.21
N PRO J 102 52.13 16.05 5.22
CA PRO J 102 50.95 16.74 5.76
C PRO J 102 51.16 18.24 5.95
N GLY J 103 50.28 19.05 5.36
CA GLY J 103 50.32 20.48 5.53
C GLY J 103 51.00 21.23 4.41
N THR J 104 51.84 20.53 3.65
CA THR J 104 52.62 21.16 2.59
C THR J 104 51.88 21.17 1.25
N TYR J 105 50.66 20.65 1.23
CA TYR J 105 49.88 20.54 0.01
C TYR J 105 49.49 21.89 -0.59
N GLY J 106 49.95 22.97 0.05
CA GLY J 106 49.63 24.31 -0.40
C GLY J 106 50.21 24.64 -1.76
N ASN J 107 51.53 24.49 -1.88
CA ASN J 107 52.24 24.85 -3.11
C ASN J 107 52.01 23.86 -4.26
N ASN J 108 51.40 22.73 -3.94
CA ASN J 108 51.19 21.67 -4.94
C ASN J 108 50.39 22.12 -6.17
N SER J 109 50.60 21.42 -7.27
CA SER J 109 49.90 21.71 -8.52
C SER J 109 49.94 20.50 -9.44
N GLY J 110 48.97 20.41 -10.34
CA GLY J 110 48.88 19.30 -11.27
C GLY J 110 47.81 18.30 -10.88
N SER J 111 47.74 17.19 -11.61
CA SER J 111 46.73 16.16 -11.35
C SER J 111 47.01 14.89 -12.14
N PHE J 112 46.38 13.79 -11.70
CA PHE J 112 46.51 12.51 -12.38
C PHE J 112 45.17 12.02 -12.91
N SER J 113 45.13 11.64 -14.18
CA SER J 113 43.94 11.04 -14.77
C SER J 113 43.94 9.54 -14.50
N VAL J 114 43.01 9.09 -13.66
CA VAL J 114 43.03 7.70 -13.19
C VAL J 114 41.82 6.89 -13.66
N ASN J 115 42.06 5.62 -13.96
CA ASN J 115 41.00 4.68 -14.30
C ASN J 115 41.00 3.49 -13.35
N ILE J 116 39.86 3.21 -12.74
CA ILE J 116 39.73 2.08 -11.83
C ILE J 116 38.61 1.15 -12.27
N GLY J 117 38.91 -0.15 -12.33
CA GLY J 117 37.93 -1.13 -12.74
C GLY J 117 38.18 -2.50 -12.13
N LYS J 118 37.10 -3.24 -11.90
CA LYS J 118 37.20 -4.58 -11.34
C LYS J 118 37.29 -5.62 -12.46
N ASP J 119 38.31 -6.46 -12.40
CA ASP J 119 38.49 -7.52 -13.37
C ASP J 119 37.72 -8.77 -12.93
N GLN J 120 37.84 -9.85 -13.68
CA GLN J 120 37.19 -11.09 -13.34
C GLN J 120 37.81 -11.70 -12.08
N SER J 121 37.03 -12.50 -11.37
CA SER J 121 37.50 -13.14 -10.14
C SER J 121 36.62 -14.33 -9.77
N ALA K 1 30.92 -10.71 -27.76
CA ALA K 1 29.56 -10.60 -27.26
C ALA K 1 28.55 -10.91 -28.35
N TRP K 2 27.88 -12.05 -28.20
CA TRP K 2 26.85 -12.47 -29.17
C TRP K 2 25.61 -13.00 -28.47
N LYS K 3 24.45 -12.69 -29.05
CA LYS K 3 23.18 -13.19 -28.53
C LYS K 3 22.18 -13.41 -29.67
N GLY K 4 21.73 -14.65 -29.82
CA GLY K 4 20.79 -14.99 -30.86
C GLY K 4 19.98 -16.22 -30.53
N GLU K 5 19.50 -16.91 -31.56
CA GLU K 5 18.71 -18.12 -31.35
C GLU K 5 19.17 -19.27 -32.24
N VAL K 6 18.91 -20.49 -31.80
CA VAL K 6 19.26 -21.67 -32.56
C VAL K 6 18.07 -22.61 -32.65
N LEU K 7 17.65 -22.92 -33.87
CA LEU K 7 16.48 -23.76 -34.09
C LEU K 7 16.87 -25.23 -34.23
N ALA K 8 15.98 -26.12 -33.80
CA ALA K 8 16.24 -27.55 -33.84
C ALA K 8 16.17 -28.10 -35.26
N ASN K 9 15.50 -27.37 -36.15
CA ASN K 9 15.37 -27.81 -37.53
C ASN K 9 16.52 -27.36 -38.43
N ASN K 10 17.21 -26.30 -38.02
CA ASN K 10 18.36 -25.81 -38.76
C ASN K 10 19.49 -26.83 -38.76
N GLU K 11 19.60 -27.60 -39.83
CA GLU K 11 20.57 -28.69 -39.91
C GLU K 11 21.98 -28.18 -40.20
N ALA K 12 22.07 -27.15 -41.03
CA ALA K 12 23.37 -26.58 -41.40
C ALA K 12 24.06 -25.95 -40.20
N GLY K 13 23.26 -25.46 -39.25
CA GLY K 13 23.79 -24.85 -38.05
C GLY K 13 23.61 -23.34 -38.04
N GLN K 14 23.74 -22.74 -36.86
CA GLN K 14 23.62 -21.30 -36.70
C GLN K 14 24.99 -20.65 -36.53
N VAL K 15 25.39 -19.86 -37.52
CA VAL K 15 26.69 -19.19 -37.48
C VAL K 15 26.63 -17.98 -36.54
N THR K 16 27.74 -17.73 -35.86
CA THR K 16 27.82 -16.61 -34.92
C THR K 16 28.90 -15.61 -35.34
N SER K 17 28.92 -14.45 -34.67
CA SER K 17 29.88 -13.41 -34.98
C SER K 17 31.05 -13.43 -34.00
N ILE K 18 31.47 -14.64 -33.63
CA ILE K 18 32.59 -14.79 -32.70
C ILE K 18 33.65 -15.74 -33.25
N ILE K 19 34.79 -15.17 -33.65
CA ILE K 19 35.91 -15.94 -34.16
C ILE K 19 36.84 -16.33 -33.01
N TYR K 20 37.00 -17.63 -32.80
CA TYR K 20 37.87 -18.12 -31.74
C TYR K 20 39.32 -18.19 -32.21
N ASN K 21 40.17 -17.34 -31.64
CA ASN K 21 41.58 -17.34 -31.96
C ASN K 21 42.38 -18.07 -30.89
N PRO K 22 43.54 -18.64 -31.27
CA PRO K 22 44.38 -19.37 -30.31
C PRO K 22 44.64 -18.54 -29.05
N GLY K 23 44.33 -19.12 -27.89
CA GLY K 23 44.54 -18.43 -26.63
C GLY K 23 43.26 -17.85 -26.06
N ASP K 24 42.28 -17.60 -26.94
CA ASP K 24 41.00 -17.03 -26.53
C ASP K 24 40.32 -17.85 -25.44
N VAL K 25 39.66 -17.15 -24.53
CA VAL K 25 38.86 -17.80 -23.49
C VAL K 25 37.42 -17.34 -23.62
N ILE K 26 36.49 -18.27 -23.61
CA ILE K 26 35.08 -17.95 -23.86
C ILE K 26 34.13 -18.51 -22.79
N THR K 27 32.99 -17.86 -22.64
CA THR K 27 31.94 -18.31 -21.74
C THR K 27 30.59 -18.31 -22.44
N ILE K 28 29.88 -19.43 -22.36
CA ILE K 28 28.60 -19.57 -23.05
C ILE K 28 27.49 -20.02 -22.10
N VAL K 29 26.32 -19.40 -22.25
CA VAL K 29 25.15 -19.77 -21.47
C VAL K 29 23.99 -20.10 -22.40
N ALA K 30 23.44 -21.30 -22.27
CA ALA K 30 22.38 -21.76 -23.16
C ALA K 30 21.11 -22.14 -22.41
N ALA K 31 19.98 -21.58 -22.85
CA ALA K 31 18.69 -21.89 -22.26
C ALA K 31 17.63 -22.03 -23.35
N GLY K 32 16.50 -22.64 -23.00
CA GLY K 32 15.41 -22.81 -23.95
C GLY K 32 14.85 -24.22 -23.98
N TRP K 33 13.86 -24.44 -24.83
CA TRP K 33 13.23 -25.75 -24.95
C TRP K 33 13.07 -26.15 -26.42
N ALA K 34 13.59 -27.32 -26.77
CA ALA K 34 13.50 -27.81 -28.14
C ALA K 34 13.21 -29.30 -28.16
N SER K 35 12.91 -29.83 -29.34
CA SER K 35 12.57 -31.24 -29.49
C SER K 35 13.16 -31.83 -30.77
N TYR K 36 13.18 -33.15 -30.83
CA TYR K 36 13.68 -33.84 -32.01
C TYR K 36 12.61 -34.76 -32.60
N GLY K 37 11.36 -34.31 -32.56
CA GLY K 37 10.26 -35.09 -33.08
C GLY K 37 9.04 -35.14 -32.19
N PRO K 38 9.15 -35.84 -31.05
CA PRO K 38 8.05 -35.99 -30.09
C PRO K 38 7.50 -34.65 -29.63
N THR K 39 6.29 -34.65 -29.09
CA THR K 39 5.65 -33.42 -28.63
C THR K 39 6.38 -32.87 -27.41
N GLN K 40 7.00 -33.75 -26.63
CA GLN K 40 7.73 -33.34 -25.45
C GLN K 40 8.98 -32.56 -25.84
N LYS K 41 9.42 -31.68 -24.95
CA LYS K 41 10.60 -30.85 -25.21
C LYS K 41 11.68 -31.09 -24.15
N TRP K 42 12.93 -30.92 -24.56
CA TRP K 42 14.06 -31.11 -23.66
C TRP K 42 14.93 -29.86 -23.55
N GLY K 43 15.84 -29.84 -22.59
CA GLY K 43 16.72 -28.71 -22.39
C GLY K 43 17.96 -28.78 -23.24
N PRO K 44 18.88 -27.81 -23.06
CA PRO K 44 20.13 -27.72 -23.81
C PRO K 44 20.98 -28.98 -23.71
N GLN K 45 20.69 -29.83 -22.72
CA GLN K 45 21.45 -31.06 -22.53
C GLN K 45 20.88 -32.23 -23.33
N GLY K 46 19.63 -32.11 -23.75
CA GLY K 46 19.02 -33.10 -24.61
C GLY K 46 18.26 -34.19 -23.87
N ASP K 47 18.06 -35.31 -24.56
CA ASP K 47 17.33 -36.44 -24.01
C ASP K 47 18.30 -37.52 -23.54
N ARG K 48 18.39 -37.71 -22.23
CA ARG K 48 19.35 -38.66 -21.65
C ARG K 48 18.91 -40.11 -21.80
N GLU K 49 17.69 -40.31 -22.28
CA GLU K 49 17.15 -41.67 -22.42
C GLU K 49 17.01 -42.09 -23.88
N HIS K 50 17.39 -41.20 -24.80
CA HIS K 50 17.30 -41.50 -26.23
C HIS K 50 18.63 -42.02 -26.77
N PRO K 51 18.61 -43.22 -27.36
CA PRO K 51 19.82 -43.88 -27.87
C PRO K 51 20.44 -43.15 -29.05
N ASP K 52 21.76 -43.26 -29.19
CA ASP K 52 22.48 -42.60 -30.28
C ASP K 52 22.26 -43.33 -31.59
N GLN K 53 21.34 -42.81 -32.40
CA GLN K 53 21.02 -43.41 -33.69
C GLN K 53 21.87 -42.85 -34.82
N GLY K 54 23.08 -42.41 -34.48
CA GLY K 54 24.00 -41.86 -35.46
C GLY K 54 23.99 -40.35 -35.47
N LEU K 55 24.15 -39.75 -34.29
CA LEU K 55 24.13 -38.30 -34.16
C LEU K 55 25.37 -37.66 -34.76
N ILE K 56 25.29 -36.36 -35.03
CA ILE K 56 26.44 -35.62 -35.55
C ILE K 56 27.52 -35.51 -34.48
N CYS K 57 27.10 -35.59 -33.22
CA CYS K 57 28.03 -35.55 -32.10
C CYS K 57 27.79 -36.74 -31.17
N HIS K 58 28.73 -37.68 -31.16
CA HIS K 58 28.59 -38.88 -30.35
C HIS K 58 28.88 -38.64 -28.88
N ASP K 59 29.44 -37.48 -28.56
CA ASP K 59 29.78 -37.14 -27.19
C ASP K 59 28.69 -36.30 -26.51
N ALA K 60 27.51 -36.30 -27.11
CA ALA K 60 26.37 -35.56 -26.57
C ALA K 60 25.07 -36.34 -26.72
N PHE K 61 24.00 -35.82 -26.14
CA PHE K 61 22.70 -36.47 -26.22
C PHE K 61 21.88 -35.90 -27.39
N CYS K 62 20.91 -36.68 -27.86
CA CYS K 62 20.03 -36.25 -28.92
C CYS K 62 19.13 -35.13 -28.43
N GLY K 63 19.33 -33.93 -28.98
CA GLY K 63 18.57 -32.77 -28.56
C GLY K 63 19.45 -31.76 -27.86
N ALA K 64 20.69 -32.15 -27.59
CA ALA K 64 21.65 -31.26 -26.93
C ALA K 64 22.22 -30.25 -27.92
N LEU K 65 22.76 -29.15 -27.38
CA LEU K 65 23.33 -28.10 -28.21
C LEU K 65 24.84 -28.25 -28.33
N VAL K 66 25.30 -28.68 -29.50
CA VAL K 66 26.73 -28.80 -29.76
C VAL K 66 27.19 -27.65 -30.66
N MET K 67 28.48 -27.64 -30.99
CA MET K 67 29.03 -26.57 -31.82
C MET K 67 30.20 -27.03 -32.68
N LYS K 68 30.61 -26.15 -33.59
CA LYS K 68 31.79 -26.38 -34.41
C LYS K 68 32.66 -25.12 -34.45
N ILE K 69 33.91 -25.26 -34.05
CA ILE K 69 34.84 -24.14 -34.11
C ILE K 69 35.62 -24.17 -35.42
N GLY K 70 35.23 -23.30 -36.35
CA GLY K 70 35.83 -23.28 -37.68
C GLY K 70 35.40 -24.47 -38.51
N ASN K 71 36.36 -25.32 -38.85
CA ASN K 71 36.07 -26.52 -39.61
C ASN K 71 36.45 -27.78 -38.83
N SER K 72 36.27 -27.72 -37.51
CA SER K 72 36.57 -28.85 -36.64
C SER K 72 35.39 -29.82 -36.59
N GLY K 73 35.46 -30.77 -35.67
CA GLY K 73 34.37 -31.70 -35.46
C GLY K 73 33.28 -31.07 -34.62
N THR K 74 32.41 -31.89 -34.06
CA THR K 74 31.34 -31.40 -33.20
C THR K 74 31.73 -31.47 -31.73
N ILE K 75 31.74 -30.30 -31.07
CA ILE K 75 32.08 -30.22 -29.66
C ILE K 75 30.85 -29.97 -28.80
N PRO K 76 30.65 -30.80 -27.77
CA PRO K 76 29.53 -30.67 -26.85
C PRO K 76 29.51 -29.31 -26.15
N VAL K 77 28.34 -28.70 -26.07
CA VAL K 77 28.19 -27.42 -25.39
C VAL K 77 27.14 -27.51 -24.29
N ASN K 78 26.08 -28.27 -24.57
CA ASN K 78 25.00 -28.48 -23.62
C ASN K 78 24.47 -27.18 -23.03
N THR K 79 24.53 -27.07 -21.71
CA THR K 79 24.02 -25.89 -21.00
C THR K 79 24.96 -24.70 -21.15
N GLY K 80 26.22 -24.97 -21.51
CA GLY K 80 27.19 -23.90 -21.71
C GLY K 80 28.59 -24.28 -21.26
N LEU K 81 29.50 -23.31 -21.35
CA LEU K 81 30.89 -23.52 -20.99
C LEU K 81 31.41 -22.34 -20.18
N PHE K 82 32.01 -22.61 -19.02
CA PHE K 82 32.52 -21.56 -18.15
C PHE K 82 34.01 -21.33 -18.36
N ARG K 83 34.36 -20.20 -18.96
CA ARG K 83 35.75 -19.85 -19.22
C ARG K 83 36.49 -21.03 -19.83
N TRP K 84 36.01 -21.46 -21.00
CA TRP K 84 36.50 -22.67 -21.65
C TRP K 84 37.51 -22.35 -22.75
N VAL K 85 38.48 -23.23 -22.91
CA VAL K 85 39.53 -23.07 -23.92
C VAL K 85 39.56 -24.28 -24.87
N ALA K 86 39.62 -24.01 -26.17
CA ALA K 86 39.60 -25.06 -27.17
C ALA K 86 40.94 -25.80 -27.23
N PRO K 87 40.90 -27.08 -27.64
CA PRO K 87 42.10 -27.90 -27.82
C PRO K 87 43.08 -27.26 -28.79
N ASN K 88 44.31 -27.78 -28.83
CA ASN K 88 45.35 -27.22 -29.68
C ASN K 88 44.98 -27.22 -31.16
N ASN K 89 45.48 -26.23 -31.88
CA ASN K 89 45.24 -26.11 -33.33
C ASN K 89 43.83 -25.63 -33.68
N VAL K 90 42.86 -25.97 -32.84
CA VAL K 90 41.46 -25.62 -33.09
C VAL K 90 41.25 -24.11 -33.10
N GLN K 91 40.59 -23.61 -34.14
CA GLN K 91 40.29 -22.20 -34.27
C GLN K 91 39.31 -21.93 -35.40
N GLY K 92 38.83 -20.71 -35.50
CA GLY K 92 37.89 -20.33 -36.55
C GLY K 92 36.57 -19.82 -36.01
N ALA K 93 35.61 -19.59 -36.89
CA ALA K 93 34.30 -19.09 -36.51
C ALA K 93 33.48 -20.15 -35.79
N ILE K 94 32.70 -19.72 -34.80
CA ILE K 94 31.88 -20.63 -34.02
C ILE K 94 30.52 -20.87 -34.67
N THR K 95 30.07 -22.12 -34.66
CA THR K 95 28.78 -22.48 -35.24
C THR K 95 27.99 -23.37 -34.30
N LEU K 96 26.81 -22.89 -33.88
CA LEU K 96 25.97 -23.63 -32.96
C LEU K 96 25.00 -24.55 -33.69
N ILE K 97 25.07 -25.84 -33.38
CA ILE K 97 24.21 -26.83 -34.04
C ILE K 97 23.35 -27.59 -33.04
N TYR K 98 22.20 -28.06 -33.50
CA TYR K 98 21.31 -28.88 -32.69
C TYR K 98 21.64 -30.35 -32.91
N ASN K 99 22.29 -30.97 -31.92
CA ASN K 99 22.71 -32.36 -32.04
C ASN K 99 21.57 -33.28 -32.44
N ASP K 100 21.75 -34.02 -33.53
CA ASP K 100 20.72 -34.89 -34.05
C ASP K 100 21.24 -35.68 -35.24
N VAL K 101 20.56 -36.78 -35.57
CA VAL K 101 20.93 -37.60 -36.73
C VAL K 101 20.81 -36.80 -38.02
N PRO K 102 21.85 -36.87 -38.86
CA PRO K 102 21.90 -36.15 -40.13
C PRO K 102 20.68 -36.43 -41.03
N GLY K 103 20.03 -35.38 -41.49
CA GLY K 103 18.94 -35.50 -42.43
C GLY K 103 17.61 -35.92 -41.82
N THR K 104 17.29 -35.36 -40.66
CA THR K 104 16.03 -35.66 -39.99
C THR K 104 15.46 -34.43 -39.30
N TYR K 105 16.19 -33.31 -39.39
CA TYR K 105 15.83 -32.08 -38.70
C TYR K 105 14.48 -31.51 -39.14
N GLY K 106 13.89 -32.12 -40.17
CA GLY K 106 12.64 -31.63 -40.71
C GLY K 106 11.52 -31.47 -39.70
N ASN K 107 11.32 -32.49 -38.87
CA ASN K 107 10.22 -32.49 -37.92
C ASN K 107 10.61 -31.92 -36.54
N ASN K 108 11.73 -31.22 -36.49
CA ASN K 108 12.20 -30.63 -35.25
C ASN K 108 11.54 -29.29 -34.93
N SER K 109 11.24 -29.06 -33.66
CA SER K 109 10.62 -27.82 -33.22
C SER K 109 11.26 -27.32 -31.93
N GLY K 110 11.22 -26.01 -31.72
CA GLY K 110 11.80 -25.41 -30.54
C GLY K 110 13.07 -24.65 -30.85
N SER K 111 13.62 -23.96 -29.85
CA SER K 111 14.82 -23.16 -30.04
C SER K 111 15.55 -22.88 -28.74
N PHE K 112 16.87 -22.76 -28.83
CA PHE K 112 17.69 -22.42 -27.67
C PHE K 112 18.22 -20.99 -27.77
N SER K 113 17.99 -20.19 -26.75
CA SER K 113 18.57 -18.86 -26.66
C SER K 113 19.97 -18.96 -26.07
N VAL K 114 20.93 -18.27 -26.69
CA VAL K 114 22.33 -18.42 -26.29
C VAL K 114 23.08 -17.10 -26.19
N ASN K 115 23.93 -17.00 -25.15
CA ASN K 115 24.85 -15.87 -25.00
C ASN K 115 26.29 -16.35 -25.05
N ILE K 116 27.11 -15.67 -25.86
CA ILE K 116 28.53 -16.01 -25.96
C ILE K 116 29.39 -14.77 -25.78
N GLY K 117 30.49 -14.92 -25.05
CA GLY K 117 31.39 -13.82 -24.81
C GLY K 117 32.80 -14.27 -24.52
N LYS K 118 33.76 -13.38 -24.75
CA LYS K 118 35.16 -13.66 -24.46
C LYS K 118 35.52 -13.16 -23.07
N ASP K 119 36.18 -14.00 -22.29
CA ASP K 119 36.61 -13.63 -20.95
C ASP K 119 37.99 -12.96 -21.01
N GLN K 120 38.49 -12.55 -19.85
CA GLN K 120 39.81 -11.95 -19.79
C GLN K 120 40.91 -13.01 -19.73
N SER K 121 41.93 -12.84 -20.54
CA SER K 121 43.01 -13.82 -20.63
C SER K 121 44.34 -13.16 -21.00
N ALA L 1 -28.76 -7.78 24.58
CA ALA L 1 -30.13 -7.60 25.06
C ALA L 1 -30.18 -7.61 26.59
N TRP L 2 -30.65 -6.51 27.16
CA TRP L 2 -30.73 -6.37 28.61
C TRP L 2 -32.09 -5.87 29.08
N LYS L 3 -32.55 -6.40 30.21
CA LYS L 3 -33.78 -5.95 30.83
C LYS L 3 -33.57 -5.73 32.32
N GLY L 4 -34.32 -4.79 32.90
CA GLY L 4 -34.20 -4.51 34.32
C GLY L 4 -35.05 -3.33 34.77
N GLU L 5 -34.64 -2.71 35.87
CA GLU L 5 -35.37 -1.57 36.41
C GLU L 5 -34.43 -0.42 36.78
N VAL L 6 -34.99 0.78 36.86
CA VAL L 6 -34.21 1.96 37.19
C VAL L 6 -34.91 2.80 38.27
N LEU L 7 -34.52 2.58 39.51
CA LEU L 7 -35.10 3.31 40.63
C LEU L 7 -34.91 4.82 40.47
N ALA L 8 -35.92 5.58 40.89
CA ALA L 8 -35.89 7.03 40.76
C ALA L 8 -34.98 7.68 41.80
N ASN L 9 -34.86 7.04 42.96
CA ASN L 9 -34.06 7.58 44.05
C ASN L 9 -32.57 7.29 43.89
N ASN L 10 -32.25 6.31 43.05
CA ASN L 10 -30.86 5.92 42.83
C ASN L 10 -30.13 6.93 41.95
N GLU L 11 -29.28 7.75 42.58
CA GLU L 11 -28.55 8.78 41.88
C GLU L 11 -27.39 8.21 41.08
N ALA L 12 -27.12 6.92 41.29
CA ALA L 12 -26.03 6.25 40.59
C ALA L 12 -26.53 5.53 39.33
N GLY L 13 -27.84 5.34 39.26
CA GLY L 13 -28.45 4.68 38.11
C GLY L 13 -28.24 3.17 38.12
N GLN L 14 -28.55 2.54 36.99
CA GLN L 14 -28.40 1.10 36.85
C GLN L 14 -27.41 0.76 35.72
N VAL L 15 -26.31 0.11 36.08
CA VAL L 15 -25.32 -0.30 35.09
C VAL L 15 -25.77 -1.55 34.35
N THR L 16 -26.07 -1.39 33.07
CA THR L 16 -26.53 -2.50 32.24
C THR L 16 -25.35 -3.29 31.69
N SER L 17 -25.59 -4.55 31.33
CA SER L 17 -24.56 -5.41 30.79
C SER L 17 -24.34 -5.14 29.30
N ILE L 18 -24.87 -4.02 28.82
CA ILE L 18 -24.75 -3.66 27.41
C ILE L 18 -23.67 -2.60 27.19
N ILE L 19 -22.84 -2.83 26.18
CA ILE L 19 -21.77 -1.90 25.85
C ILE L 19 -21.88 -1.44 24.40
N TYR L 20 -22.02 -0.13 24.20
CA TYR L 20 -22.19 0.42 22.86
C TYR L 20 -20.86 0.59 22.14
N ASN L 21 -20.69 -0.15 21.05
CA ASN L 21 -19.51 -0.02 20.21
C ASN L 21 -19.81 0.84 19.00
N PRO L 22 -18.78 1.48 18.42
CA PRO L 22 -18.98 2.32 17.24
C PRO L 22 -19.70 1.57 16.13
N GLY L 23 -20.70 2.21 15.54
CA GLY L 23 -21.47 1.60 14.47
C GLY L 23 -22.69 0.86 14.96
N ASP L 24 -22.63 0.36 16.19
CA ASP L 24 -23.74 -0.37 16.78
C ASP L 24 -25.06 0.39 16.69
N VAL L 25 -26.12 -0.34 16.37
CA VAL L 25 -27.47 0.22 16.35
C VAL L 25 -28.26 -0.37 17.52
N ILE L 26 -28.95 0.49 18.26
CA ILE L 26 -29.67 0.03 19.45
C ILE L 26 -31.10 0.56 19.51
N THR L 27 -31.97 -0.21 20.17
CA THR L 27 -33.35 0.20 20.40
C THR L 27 -33.69 0.05 21.89
N ILE L 28 -34.29 1.10 22.46
CA ILE L 28 -34.65 1.10 23.87
C ILE L 28 -36.13 1.34 24.06
N VAL L 29 -36.75 0.58 24.96
CA VAL L 29 -38.16 0.76 25.29
C VAL L 29 -38.34 0.93 26.80
N ALA L 30 -38.77 2.11 27.20
CA ALA L 30 -38.93 2.43 28.61
C ALA L 30 -40.39 2.58 29.01
N ALA L 31 -40.73 2.14 30.21
CA ALA L 31 -42.09 2.27 30.72
C ALA L 31 -42.10 2.23 32.25
N GLY L 32 -43.22 2.63 32.85
CA GLY L 32 -43.34 2.66 34.29
C GLY L 32 -43.62 4.06 34.81
N TRP L 33 -43.87 4.16 36.11
CA TRP L 33 -44.16 5.45 36.73
C TRP L 33 -43.20 5.76 37.87
N ALA L 34 -42.77 7.01 37.95
CA ALA L 34 -41.86 7.45 39.00
C ALA L 34 -42.12 8.92 39.35
N SER L 35 -41.50 9.38 40.42
CA SER L 35 -41.70 10.76 40.86
C SER L 35 -40.45 11.37 41.47
N TYR L 36 -40.27 12.67 41.26
CA TYR L 36 -39.16 13.40 41.84
C TYR L 36 -39.61 14.13 43.10
N GLY L 37 -40.30 13.41 43.99
CA GLY L 37 -40.76 13.99 45.23
C GLY L 37 -42.26 13.97 45.41
N PRO L 38 -42.98 14.79 44.62
CA PRO L 38 -44.43 14.94 44.73
C PRO L 38 -45.18 13.61 44.78
N THR L 39 -46.40 13.64 45.31
CA THR L 39 -47.21 12.44 45.44
C THR L 39 -47.57 11.86 44.09
N GLN L 40 -47.83 12.72 43.11
CA GLN L 40 -48.18 12.29 41.76
C GLN L 40 -46.94 11.71 41.07
N LYS L 41 -47.18 10.81 40.12
CA LYS L 41 -46.09 10.18 39.38
C LYS L 41 -46.16 10.52 37.89
N TRP L 42 -45.00 10.51 37.24
CA TRP L 42 -44.93 10.83 35.82
C TRP L 42 -44.30 9.67 35.03
N GLY L 43 -44.37 9.76 33.71
CA GLY L 43 -43.83 8.73 32.84
C GLY L 43 -42.39 8.97 32.46
N PRO L 44 -41.82 8.09 31.62
CA PRO L 44 -40.44 8.15 31.15
C PRO L 44 -40.08 9.50 30.51
N GLN L 45 -41.08 10.28 30.12
CA GLN L 45 -40.83 11.57 29.50
C GLN L 45 -40.74 12.69 30.54
N GLY L 46 -41.21 12.43 31.74
CA GLY L 46 -41.09 13.37 32.84
C GLY L 46 -42.20 14.39 32.93
N ASP L 47 -41.97 15.42 33.75
CA ASP L 47 -42.95 16.48 33.96
C ASP L 47 -42.72 17.61 32.98
N ARG L 48 -43.70 17.87 32.11
CA ARG L 48 -43.56 18.86 31.06
C ARG L 48 -43.85 20.28 31.54
N GLU L 49 -44.30 20.41 32.78
CA GLU L 49 -44.63 21.73 33.34
C GLU L 49 -43.76 22.07 34.55
N HIS L 50 -42.65 21.38 34.69
CA HIS L 50 -41.71 21.65 35.78
C HIS L 50 -40.43 22.28 35.23
N PRO L 51 -39.99 23.39 35.85
CA PRO L 51 -38.80 24.13 35.41
C PRO L 51 -37.50 23.39 35.72
N ASP L 52 -36.45 23.72 34.99
CA ASP L 52 -35.15 23.09 35.18
C ASP L 52 -34.42 23.73 36.36
N GLN L 53 -34.32 22.99 37.47
CA GLN L 53 -33.63 23.48 38.65
C GLN L 53 -32.25 22.86 38.82
N GLY L 54 -31.56 22.64 37.70
CA GLY L 54 -30.22 22.11 37.73
C GLY L 54 -30.16 20.61 37.48
N LEU L 55 -31.05 20.12 36.62
CA LEU L 55 -31.10 18.70 36.28
C LEU L 55 -29.80 18.27 35.61
N ILE L 56 -29.47 16.99 35.73
CA ILE L 56 -28.25 16.46 35.12
C ILE L 56 -28.32 16.55 33.60
N CYS L 57 -29.53 16.68 33.08
CA CYS L 57 -29.75 16.77 31.64
C CYS L 57 -30.66 17.94 31.28
N HIS L 58 -30.10 18.94 30.61
CA HIS L 58 -30.85 20.12 30.22
C HIS L 58 -31.55 19.93 28.87
N ASP L 59 -31.78 18.67 28.51
CA ASP L 59 -32.44 18.35 27.25
C ASP L 59 -33.64 17.44 27.47
N ALA L 60 -33.99 17.21 28.74
CA ALA L 60 -35.13 16.36 29.08
C ALA L 60 -35.85 16.91 30.30
N PHE L 61 -37.18 16.89 30.26
CA PHE L 61 -38.00 17.34 31.37
C PHE L 61 -37.61 16.63 32.66
N CYS L 62 -37.87 17.27 33.79
CA CYS L 62 -37.56 16.68 35.09
C CYS L 62 -38.33 15.38 35.30
N GLY L 63 -37.61 14.32 35.62
CA GLY L 63 -38.23 13.02 35.84
C GLY L 63 -38.25 12.18 34.58
N ALA L 64 -37.48 12.60 33.58
CA ALA L 64 -37.39 11.87 32.31
C ALA L 64 -36.16 10.97 32.28
N LEU L 65 -36.32 9.77 31.74
CA LEU L 65 -35.23 8.81 31.66
C LEU L 65 -34.12 9.26 30.73
N VAL L 66 -32.90 9.36 31.26
CA VAL L 66 -31.73 9.69 30.46
C VAL L 66 -30.69 8.58 30.61
N MET L 67 -29.58 8.71 29.90
CA MET L 67 -28.56 7.66 29.94
C MET L 67 -27.14 8.20 29.76
N LYS L 68 -26.17 7.36 30.11
CA LYS L 68 -24.77 7.63 29.85
C LYS L 68 -24.17 6.49 29.04
N ILE L 69 -23.29 6.83 28.11
CA ILE L 69 -22.60 5.82 27.32
C ILE L 69 -21.09 5.96 27.51
N GLY L 70 -20.56 5.32 28.53
CA GLY L 70 -19.14 5.41 28.84
C GLY L 70 -18.80 6.76 29.44
N ASN L 71 -17.73 7.38 28.93
CA ASN L 71 -17.29 8.68 29.42
C ASN L 71 -18.10 9.82 28.82
N SER L 72 -19.20 9.50 28.15
CA SER L 72 -20.03 10.50 27.52
C SER L 72 -20.78 11.33 28.56
N GLY L 73 -21.65 12.22 28.09
CA GLY L 73 -22.44 13.07 28.96
C GLY L 73 -23.84 12.52 29.17
N THR L 74 -24.84 13.38 28.99
CA THR L 74 -26.22 12.97 29.16
C THR L 74 -27.03 13.14 27.88
N ILE L 75 -27.58 12.03 27.39
CA ILE L 75 -28.40 12.04 26.19
C ILE L 75 -29.82 11.55 26.48
N PRO L 76 -30.82 12.34 26.08
CA PRO L 76 -32.24 12.07 26.36
C PRO L 76 -32.71 10.74 25.77
N VAL L 77 -33.24 9.87 26.61
CA VAL L 77 -33.81 8.60 26.16
C VAL L 77 -35.33 8.69 26.14
N ASN L 78 -35.91 9.13 27.25
CA ASN L 78 -37.36 9.27 27.36
C ASN L 78 -38.08 7.94 27.20
N THR L 79 -39.12 7.94 26.37
CA THR L 79 -39.91 6.75 26.11
C THR L 79 -39.07 5.65 25.46
N GLY L 80 -38.01 6.05 24.77
CA GLY L 80 -37.11 5.09 24.15
C GLY L 80 -36.48 5.59 22.86
N LEU L 81 -35.68 4.73 22.24
CA LEU L 81 -35.01 5.05 20.99
C LEU L 81 -35.25 3.93 19.98
N PHE L 82 -35.53 4.31 18.73
CA PHE L 82 -35.81 3.32 17.69
C PHE L 82 -34.66 3.21 16.70
N ARG L 83 -33.89 2.13 16.81
CA ARG L 83 -32.75 1.89 15.92
C ARG L 83 -31.89 3.15 15.84
N TRP L 84 -31.44 3.59 17.01
CA TRP L 84 -30.73 4.86 17.16
C TRP L 84 -29.22 4.68 17.06
N VAL L 85 -28.54 5.70 16.55
CA VAL L 85 -27.09 5.69 16.42
C VAL L 85 -26.46 6.85 17.19
N ALA L 86 -25.49 6.53 18.03
CA ALA L 86 -24.82 7.53 18.86
C ALA L 86 -23.98 8.49 18.02
N PRO L 87 -23.74 9.70 18.55
CA PRO L 87 -22.90 10.71 17.88
C PRO L 87 -21.49 10.21 17.66
N ASN L 88 -20.62 11.09 17.18
CA ASN L 88 -19.24 10.72 16.88
C ASN L 88 -18.40 10.56 18.15
N ASN L 89 -17.59 9.50 18.20
CA ASN L 89 -16.67 9.25 19.30
C ASN L 89 -17.31 8.69 20.57
N VAL L 90 -18.64 8.60 20.57
CA VAL L 90 -19.36 8.08 21.74
C VAL L 90 -19.31 6.56 21.82
N GLN L 91 -18.80 6.04 22.92
CA GLN L 91 -18.66 4.60 23.11
C GLN L 91 -18.57 4.25 24.60
N GLY L 92 -18.74 2.97 24.92
CA GLY L 92 -18.64 2.51 26.29
C GLY L 92 -19.89 1.80 26.77
N ALA L 93 -19.98 1.57 28.07
CA ALA L 93 -21.12 0.91 28.67
C ALA L 93 -22.28 1.87 28.85
N ILE L 94 -23.47 1.33 29.11
CA ILE L 94 -24.67 2.14 29.27
C ILE L 94 -25.23 2.08 30.68
N THR L 95 -25.52 3.25 31.25
CA THR L 95 -26.13 3.34 32.56
C THR L 95 -27.37 4.24 32.52
N LEU L 96 -28.51 3.68 32.89
CA LEU L 96 -29.77 4.42 32.88
C LEU L 96 -29.90 5.28 34.13
N ILE L 97 -30.26 6.55 33.93
CA ILE L 97 -30.32 7.49 35.04
C ILE L 97 -31.63 8.28 35.07
N TYR L 98 -32.23 8.39 36.25
CA TYR L 98 -33.42 9.20 36.44
C TYR L 98 -33.03 10.68 36.49
N ASN L 99 -33.49 11.46 35.51
CA ASN L 99 -33.14 12.87 35.44
C ASN L 99 -33.66 13.67 36.62
N ASP L 100 -32.77 13.99 37.55
CA ASP L 100 -33.13 14.75 38.74
C ASP L 100 -32.01 15.73 39.08
N VAL L 101 -32.28 16.64 40.02
CA VAL L 101 -31.28 17.60 40.45
C VAL L 101 -30.32 16.96 41.45
N PRO L 102 -29.00 17.13 41.22
CA PRO L 102 -27.96 16.53 42.05
C PRO L 102 -28.20 16.72 43.54
N GLY L 103 -28.26 15.61 44.27
CA GLY L 103 -28.40 15.64 45.72
C GLY L 103 -29.83 15.67 46.21
N THR L 104 -30.79 15.58 45.29
CA THR L 104 -32.20 15.63 45.66
C THR L 104 -32.93 14.33 45.32
N TYR L 105 -32.19 13.23 45.27
CA TYR L 105 -32.77 11.94 44.89
C TYR L 105 -33.45 11.21 46.04
N GLY L 106 -33.23 11.68 47.26
CA GLY L 106 -33.76 11.02 48.44
C GLY L 106 -35.26 10.80 48.44
N ASN L 107 -36.01 11.85 48.13
CA ASN L 107 -37.47 11.80 48.19
C ASN L 107 -38.11 11.08 47.02
N ASN L 108 -37.31 10.63 46.07
CA ASN L 108 -37.82 9.99 44.86
C ASN L 108 -38.48 8.63 45.10
N SER L 109 -39.43 8.29 44.23
CA SER L 109 -40.12 7.01 44.31
C SER L 109 -40.48 6.51 42.91
N GLY L 110 -40.91 5.25 42.82
CA GLY L 110 -41.25 4.66 41.54
C GLY L 110 -40.02 4.22 40.77
N SER L 111 -40.24 3.55 39.64
CA SER L 111 -39.14 3.06 38.83
C SER L 111 -39.57 2.77 37.39
N PHE L 112 -38.59 2.71 36.49
CA PHE L 112 -38.84 2.42 35.09
C PHE L 112 -38.28 1.05 34.70
N SER L 113 -39.09 0.25 34.02
CA SER L 113 -38.61 -1.00 33.44
C SER L 113 -38.16 -0.73 32.02
N VAL L 114 -36.96 -1.22 31.66
CA VAL L 114 -36.38 -0.88 30.38
C VAL L 114 -35.81 -2.10 29.64
N ASN L 115 -35.90 -2.07 28.32
CA ASN L 115 -35.28 -3.09 27.47
C ASN L 115 -34.32 -2.48 26.47
N ILE L 116 -33.08 -2.95 26.48
CA ILE L 116 -32.07 -2.49 25.53
C ILE L 116 -31.67 -3.64 24.60
N GLY L 117 -31.47 -3.34 23.33
CA GLY L 117 -31.12 -4.36 22.37
C GLY L 117 -30.34 -3.85 21.17
N LYS L 118 -29.28 -4.56 20.82
CA LYS L 118 -28.51 -4.25 19.62
C LYS L 118 -29.25 -4.76 18.41
N ASP L 119 -29.58 -3.86 17.49
CA ASP L 119 -30.29 -4.24 16.27
C ASP L 119 -29.30 -4.63 15.18
N GLN L 120 -29.79 -5.31 14.15
CA GLN L 120 -28.94 -5.68 13.02
C GLN L 120 -28.50 -4.43 12.29
N SER L 121 -27.23 -4.38 11.90
CA SER L 121 -26.67 -3.20 11.24
C SER L 121 -25.56 -3.57 10.28
CA CA M . -20.26 41.83 -21.07
OBL LRD N . -16.21 40.56 -32.68
SBA LRD N . -16.16 39.12 -32.42
OBJ LRD N . -16.30 38.88 -30.98
OBK LRD N . -14.85 38.62 -32.85
CAW LRD N . -17.43 38.24 -33.27
CAV LRD N . -17.10 37.01 -33.81
CAU LRD N . -18.03 36.24 -34.49
CAZ LRD N . -19.33 36.71 -34.65
CAY LRD N . -19.68 37.95 -34.12
CAX LRD N . -18.74 38.72 -33.43
CAS LRD N . -19.25 40.07 -32.88
CBE LRD N . -18.80 41.36 -33.60
CBF LRD N . -19.19 42.59 -33.07
CBG LRD N . -18.80 43.79 -33.70
CLB LRD N . -19.29 45.31 -33.03
CBB LRD N . -18.03 43.74 -34.87
OBH LRD N . -17.65 44.92 -35.49
CBC LRD N . -17.64 42.51 -35.40
CBD LRD N . -18.03 41.31 -34.77
CAM LRD N . -19.18 40.09 -31.32
CAN LRD N . -20.02 39.22 -30.63
CAO LRD N . -20.02 39.19 -29.22
CLA LRD N . -21.06 38.11 -28.37
CAR LRD N . -18.31 40.95 -30.62
CAQ LRD N . -18.30 40.91 -29.20
CAP LRD N . -19.15 40.03 -28.51
O1 LRD N . -19.15 39.99 -27.10
C1 GAL O . -18.75 41.16 -26.58
C2 GAL O . -19.81 41.65 -25.65
C3 GAL O . -19.39 42.73 -24.84
C4 GAL O . -18.12 42.44 -24.15
C5 GAL O . -17.05 42.04 -25.13
C6 GAL O . -15.80 41.68 -24.39
O2 GAL O . -20.95 42.05 -26.42
O3 GAL O . -20.41 43.01 -23.85
O4 GAL O . -18.32 41.39 -23.23
O5 GAL O . -17.44 40.95 -25.91
O6 GAL O . -15.06 40.60 -24.90
CA CA P . 17.56 23.70 35.22
OBL LRD Q . 12.33 19.77 44.41
SBA LRD Q . 11.53 18.74 45.08
OBJ LRD Q . 10.45 18.26 44.18
OBK LRD Q . 10.93 19.32 46.27
CAW LRD Q . 12.52 17.37 45.55
CAV LRD Q . 11.91 16.12 45.59
CAU LRD Q . 12.61 14.97 45.96
CAZ LRD Q . 13.95 15.10 46.29
CAY LRD Q . 14.57 16.35 46.24
CAX LRD Q . 13.88 17.49 45.88
CAS LRD Q . 14.67 18.83 45.86
CBE LRD Q . 14.16 19.89 46.87
CBF LRD Q . 14.21 21.27 46.63
CBG LRD Q . 13.76 22.20 47.59
CLB LRD Q . 13.84 23.90 47.28
CBB LRD Q . 13.24 21.73 48.79
OBH LRD Q . 12.79 22.63 49.74
CBC LRD Q . 13.18 20.37 49.05
CBD LRD Q . 13.65 19.44 48.09
CAM LRD Q . 14.97 19.30 44.40
CAN LRD Q . 15.20 18.33 43.42
CAO LRD Q . 15.47 18.70 42.08
CLA LRD Q . 15.75 17.48 40.88
CAR LRD Q . 15.01 20.66 44.03
CAQ LRD Q . 15.28 21.04 42.69
CAP LRD Q . 15.51 20.06 41.72
O1 LRD Q . 15.78 20.41 40.38
C1 GAL R . 16.07 21.74 40.30
C2 GAL R . 17.16 21.97 39.30
C3 GAL R . 17.39 23.35 39.08
C4 GAL R . 16.16 24.05 38.69
C5 GAL R . 15.06 23.83 39.71
C6 GAL R . 13.80 24.46 39.20
O2 GAL R . 18.37 21.34 39.76
O3 GAL R . 18.39 23.51 38.04
O4 GAL R . 15.73 23.57 37.44
O5 GAL R . 14.83 22.48 39.95
O6 GAL R . 12.68 23.65 39.04
CA CA S . 10.99 -33.90 -3.42
OBL LRD T . 1.17 -33.61 -11.21
SBA LRD T . 2.06 -34.49 -11.97
OBJ LRD T . 3.38 -34.54 -11.33
OBK LRD T . 2.20 -33.96 -13.33
CAW LRD T . 1.39 -36.11 -12.03
CAV LRD T . 1.36 -36.79 -13.25
CAU LRD T . 0.85 -38.09 -13.32
CAZ LRD T . 0.37 -38.70 -12.18
CAY LRD T . 0.40 -38.02 -10.95
CAX LRD T . 0.91 -36.73 -10.88
CAS LRD T . 0.95 -35.99 -9.53
CBE LRD T . -0.17 -36.37 -8.54
CBF LRD T . 0.09 -36.49 -7.18
CBG LRD T . -0.95 -36.83 -6.28
CLB LRD T . -0.62 -36.99 -4.59
CBB LRD T . -2.24 -37.06 -6.77
OBH LRD T . -3.25 -37.39 -5.91
CBC LRD T . -2.50 -36.93 -8.14
CBD LRD T . -1.47 -36.58 -9.02
CAM LRD T . 2.38 -35.99 -8.91
CAN LRD T . 3.27 -37.03 -9.17
CAO LRD T . 4.58 -37.00 -8.61
CLA LRD T . 5.69 -38.29 -8.91
CAR LRD T . 2.77 -34.89 -8.12
CAQ LRD T . 4.07 -34.87 -7.56
CAP LRD T . 4.96 -35.92 -7.80
O1 LRD T . 6.27 -35.87 -7.24
C1 GAL U . 6.23 -35.19 -6.07
C2 GAL U . 7.34 -35.65 -5.19
C3 GAL U . 7.37 -34.90 -3.97
C4 GAL U . 7.47 -33.46 -4.24
C5 GAL U . 6.36 -32.99 -5.14
C6 GAL U . 6.59 -31.54 -5.46
O2 GAL U . 7.18 -37.04 -4.89
O3 GAL U . 8.50 -35.35 -3.16
O4 GAL U . 8.70 -33.18 -4.85
O5 GAL U . 6.31 -33.73 -6.32
O6 GAL U . 5.82 -30.97 -6.46
CA CA V . -2.31 -20.55 -6.78
OBL LRD W . -5.39 -31.24 -8.78
SBA LRD W . -5.13 -32.69 -8.80
OBJ LRD W . -5.33 -33.19 -10.16
OBK LRD W . -6.04 -33.37 -7.89
CAW LRD W . -3.47 -32.97 -8.30
CAV LRD W . -3.20 -33.64 -7.11
CAU LRD W . -1.88 -33.86 -6.72
CAZ LRD W . -0.84 -33.42 -7.52
CAY LRD W . -1.11 -32.74 -8.72
CAX LRD W . -2.42 -32.52 -9.10
CAS LRD W . -2.76 -31.77 -10.41
CBE LRD W . -2.06 -32.30 -11.69
CBF LRD W . -1.44 -31.45 -12.60
CBG LRD W . -0.82 -31.97 -13.76
CLB LRD W . -0.05 -30.91 -14.88
CBB LRD W . -0.83 -33.35 -13.98
OBH LRD W . -0.23 -33.86 -15.12
CBC LRD W . -1.46 -34.21 -13.08
CBD LRD W . -2.07 -33.69 -11.93
CAM LRD W . -2.70 -30.23 -10.17
CAN LRD W . -3.20 -29.35 -11.13
CAO LRD W . -3.15 -27.95 -10.90
CLA LRD W . -3.76 -26.86 -12.11
CAR LRD W . -2.17 -29.72 -8.97
CAQ LRD W . -2.12 -28.33 -8.73
CAP LRD W . -2.60 -27.44 -9.70
O1 LRD W . -2.58 -26.04 -9.49
C1 GAL X . -1.69 -25.69 -8.53
C2 GAL X . -1.33 -24.26 -8.72
C3 GAL X . -0.53 -23.75 -7.65
C4 GAL X . -1.14 -23.99 -6.34
C5 GAL X . -1.44 -25.46 -6.14
C6 GAL X . -2.15 -25.61 -4.83
O2 GAL X . -0.63 -24.08 -9.96
O3 GAL X . -0.32 -22.32 -7.84
O4 GAL X . -2.34 -23.28 -6.22
O5 GAL X . -2.25 -25.95 -7.18
O6 GAL X . -2.68 -26.86 -4.52
CA CA Y . -30.07 -36.60 -12.46
OBL LRD Z . -22.37 -40.99 -18.00
SBA LRD Z . -21.48 -39.95 -17.46
OBJ LRD Z . -20.45 -40.59 -16.62
OBK LRD Z . -22.26 -39.03 -16.64
CAW LRD Z . -20.68 -39.07 -18.76
CAV LRD Z . -19.33 -38.76 -18.65
CAU LRD Z . -18.68 -38.07 -19.65
CAZ LRD Z . -19.38 -37.67 -20.79
CAY LRD Z . -20.74 -37.97 -20.91
CAX LRD Z . -21.39 -38.66 -19.89
CAS LRD Z . -22.90 -39.00 -20.03
CBE LRD Z . -23.43 -39.11 -21.47
CBF LRD Z . -22.82 -39.99 -22.38
CBG LRD Z . -23.31 -40.10 -23.70
CLB LRD Z . -22.55 -41.18 -24.81
CBB LRD Z . -24.42 -39.34 -24.10
OBH LRD Z . -24.90 -39.46 -25.39
CBC LRD Z . -25.04 -38.48 -23.19
CBD LRD Z . -24.54 -38.36 -21.88
CAM LRD Z . -23.75 -38.07 -19.12
CAN LRD Z . -23.19 -36.91 -18.59
CAO LRD Z . -23.97 -36.07 -17.74
CLA LRD Z . -23.29 -34.61 -17.09
CAR LRD Z . -25.08 -38.43 -18.81
CAQ LRD Z . -25.85 -37.59 -17.97
CAP LRD Z . -25.30 -36.41 -17.44
O1 LRD Z . -26.09 -35.58 -16.60
C1 GAL AA . -27.40 -35.78 -16.85
C2 GAL AA . -28.01 -36.61 -15.78
C3 GAL AA . -29.38 -36.83 -16.05
C4 GAL AA . -30.10 -35.55 -16.11
C5 GAL AA . -29.49 -34.62 -17.13
C6 GAL AA . -30.14 -33.28 -17.01
O2 GAL AA . -27.34 -37.88 -15.68
O3 GAL AA . -29.96 -37.69 -15.04
O4 GAL AA . -30.05 -34.93 -14.84
O5 GAL AA . -28.10 -34.47 -16.98
O6 GAL AA . -29.34 -32.15 -17.13
CA CA BA . -18.35 10.59 -30.79
OBL LRD CA . -28.63 15.98 -32.81
SBA LRD CA . -29.09 17.24 -32.23
OBJ LRD CA . -28.47 17.46 -30.92
OBK LRD CA . -30.53 17.15 -32.05
CAW LRD CA . -28.73 18.62 -33.27
CAV LRD CA . -29.16 19.86 -32.78
CAU LRD CA . -28.94 21.03 -33.50
CAZ LRD CA . -28.30 20.97 -34.72
CAY LRD CA . -27.86 19.74 -35.21
CAX LRD CA . -28.07 18.56 -34.51
CAS LRD CA . -27.53 17.27 -35.19
CBE LRD CA . -28.61 16.29 -35.73
CBF LRD CA . -28.20 15.15 -36.43
CBG LRD CA . -29.17 14.26 -36.94
CLB LRD CA . -28.68 12.84 -37.80
CBB LRD CA . -30.53 14.53 -36.76
OBH LRD CA . -31.48 13.66 -37.26
CBC LRD CA . -30.93 15.67 -36.07
CBD LRD CA . -29.96 16.56 -35.55
CAM LRD CA . -26.34 16.60 -34.44
CAN LRD CA . -25.16 17.33 -34.29
CAO LRD CA . -24.04 16.76 -33.62
CLA LRD CA . -22.58 17.69 -33.42
CAR LRD CA . -26.39 15.27 -33.96
CAQ LRD CA . -25.28 14.70 -33.29
CAP LRD CA . -24.10 15.46 -33.13
O1 LRD CA . -22.97 14.92 -32.47
C1 GAL DA . -23.03 13.57 -32.39
C2 GAL DA . -21.69 13.01 -32.74
C3 GAL DA . -21.66 11.60 -32.53
C4 GAL DA . -21.99 11.27 -31.14
C5 GAL DA . -23.34 11.83 -30.76
C6 GAL DA . -23.56 11.60 -29.29
O2 GAL DA . -21.38 13.29 -34.11
O3 GAL DA . -20.34 11.09 -32.87
O4 GAL DA . -21.01 11.80 -30.27
O5 GAL DA . -23.47 13.20 -31.03
O6 GAL DA . -23.94 12.70 -28.53
CA CA EA . 2.39 -5.34 33.49
OBL LRD FA . 14.56 -6.41 38.13
SBA LRD FA . 14.33 -5.23 37.31
OBJ LRD FA . 13.05 -5.35 36.60
OBK LRD FA . 15.43 -5.16 36.34
CAW LRD FA . 14.34 -3.76 38.29
CAV LRD FA . 15.16 -2.72 37.86
CAU LRD FA . 15.24 -1.52 38.54
CAZ LRD FA . 14.49 -1.36 39.71
CAY LRD FA . 13.67 -2.39 40.15
CAX LRD FA . 13.58 -3.60 39.46
CAS LRD FA . 12.62 -4.68 40.03
CBE LRD FA . 13.27 -6.04 40.37
CBF LRD FA . 12.54 -7.23 40.27
CBG LRD FA . 13.14 -8.47 40.59
CLB LRD FA . 12.22 -9.93 40.44
CBB LRD FA . 14.46 -8.50 41.02
OBH LRD FA . 15.05 -9.71 41.34
CBC LRD FA . 15.20 -7.32 41.14
CBD LRD FA . 14.60 -6.09 40.82
CAM LRD FA . 11.28 -4.69 39.23
CAN LRD FA . 10.41 -3.61 39.40
CAO LRD FA . 9.17 -3.56 38.71
CLA LRD FA . 8.10 -2.22 38.96
CAR LRD FA . 10.94 -5.72 38.32
CAQ LRD FA . 9.71 -5.65 37.63
CAP LRD FA . 8.83 -4.58 37.81
O1 LRD FA . 7.59 -4.53 37.11
C1 GAL GA . 7.40 -5.70 36.47
C2 GAL GA . 5.96 -6.07 36.65
C3 GAL GA . 5.57 -7.20 35.89
C4 GAL GA . 5.88 -6.98 34.48
C5 GAL GA . 7.36 -6.70 34.31
C6 GAL GA . 7.66 -6.50 32.85
O2 GAL GA . 5.73 -6.32 38.04
O3 GAL GA . 4.13 -7.42 36.05
O4 GAL GA . 5.18 -5.85 34.00
O5 GAL GA . 7.76 -5.56 35.03
O6 GAL GA . 8.94 -6.11 32.49
CA CA HA . -62.32 12.71 24.71
OBL LRD IA . -63.78 12.23 36.29
SBA LRD IA . -62.47 12.85 36.46
OBJ LRD IA . -61.89 13.23 35.15
OBK LRD IA . -61.58 11.90 37.11
CAW LRD IA . -62.59 14.28 37.48
CAV LRD IA . -61.70 14.34 38.55
CAU LRD IA . -61.70 15.42 39.42
CAZ LRD IA . -62.60 16.45 39.25
CAY LRD IA . -63.50 16.41 38.18
CAX LRD IA . -63.51 15.34 37.29
CAS LRD IA . -64.57 15.44 36.15
CBE LRD IA . -66.00 14.96 36.52
CBF LRD IA . -66.97 14.85 35.51
CBG LRD IA . -68.28 14.42 35.84
CLB LRD IA . -69.47 14.28 34.59
CBB LRD IA . -68.60 14.10 37.16
OBH LRD IA . -69.87 13.68 37.48
CBC LRD IA . -67.63 14.22 38.16
CBD LRD IA . -66.33 14.65 37.84
CAM LRD IA . -64.06 15.02 34.74
CAN LRD IA . -63.21 15.90 34.07
CAO LRD IA . -62.72 15.57 32.78
CLA LRD IA . -61.66 16.67 31.96
CAR LRD IA . -64.43 13.81 34.13
CAQ LRD IA . -63.94 13.47 32.85
CAP LRD IA . -63.09 14.36 32.18
O1 LRD IA . -62.58 14.04 30.91
C1 GAL JA . -63.55 13.49 30.12
C2 GAL JA . -63.47 14.09 28.77
C3 GAL JA . -64.30 13.42 27.84
C4 GAL JA . -63.93 12.00 27.78
C5 GAL JA . -64.10 11.34 29.13
C6 GAL JA . -63.66 9.92 29.02
O2 GAL JA . -63.87 15.47 28.84
O3 GAL JA . -64.17 14.02 26.53
O4 GAL JA . -62.58 11.88 27.40
O5 GAL JA . -63.35 12.00 30.11
O6 GAL JA . -63.31 9.27 30.20
CA CA KA . 69.76 7.47 -26.83
OBL LRD LA . 67.98 17.63 -23.01
SBA LRD LA . 67.76 19.06 -23.19
OBJ LRD LA . 68.41 19.79 -22.10
OBK LRD LA . 66.32 19.34 -23.19
CAW LRD LA . 68.45 19.56 -24.74
CAV LRD LA . 67.64 20.17 -25.70
CAU LRD LA . 68.21 20.56 -26.91
CAZ LRD LA . 69.56 20.35 -27.16
CAY LRD LA . 70.36 19.73 -26.20
CAX LRD LA . 69.80 19.34 -24.99
CAS LRD LA . 70.65 18.65 -23.90
CBE LRD LA . 71.97 19.37 -23.53
CBF LRD LA . 73.18 18.68 -23.43
CBG LRD LA . 74.36 19.39 -23.08
CLB LRD LA . 75.86 18.55 -22.97
CBB LRD LA . 74.30 20.74 -22.80
OBH LRD LA . 75.45 21.42 -22.45
CBC LRD LA . 73.09 21.43 -22.89
CBD LRD LA . 71.91 20.73 -23.25
CAM LRD LA . 70.74 17.12 -24.20
CAN LRD LA . 71.31 16.24 -23.28
CAO LRD LA . 71.37 14.85 -23.56
CLA LRD LA . 72.09 13.77 -22.42
CAR LRD LA . 70.20 16.61 -25.41
CAQ LRD LA . 70.26 15.24 -25.69
CAP LRD LA . 70.84 14.36 -24.76
O1 LRD LA . 70.91 12.96 -25.02
C1 GAL MA . 70.73 12.67 -26.34
C2 GAL MA . 71.24 11.28 -26.56
C3 GAL MA . 71.02 10.86 -27.91
C4 GAL MA . 69.61 10.98 -28.29
C5 GAL MA . 69.07 12.37 -28.04
C6 GAL MA . 67.60 12.37 -28.33
O2 GAL MA . 72.65 11.23 -26.27
O3 GAL MA . 71.46 9.48 -28.06
O4 GAL MA . 68.84 10.06 -27.58
O5 GAL MA . 69.30 12.78 -26.72
O6 GAL MA . 66.89 13.53 -28.01
CA CA NA . 54.56 20.12 -1.05
OBL LRD OA . 63.76 25.48 -2.68
SBA LRD OA . 63.66 24.94 -4.04
OBJ LRD OA . 63.29 26.02 -4.96
OBK LRD OA . 62.61 23.91 -4.12
CAW LRD OA . 65.19 24.25 -4.56
CAV LRD OA . 65.64 24.61 -5.82
CAU LRD OA . 66.84 24.13 -6.33
CAZ LRD OA . 67.60 23.26 -5.57
CAY LRD OA . 67.16 22.88 -4.30
CAX LRD OA . 65.96 23.36 -3.78
CAS LRD OA . 65.57 22.87 -2.36
CBE LRD OA . 66.01 23.81 -1.21
CBF LRD OA . 65.94 23.39 0.12
CBG LRD OA . 66.35 24.24 1.16
CLB LRD OA . 66.24 23.73 2.81
CBB LRD OA . 66.86 25.51 0.87
OBH LRD OA . 67.26 26.36 1.88
CBC LRD OA . 66.94 25.93 -0.46
CBD LRD OA . 66.53 25.08 -1.50
CAM LRD OA . 64.10 22.36 -2.26
CAN LRD OA . 63.74 21.22 -2.98
CAO LRD OA . 62.42 20.72 -2.93
CLA LRD OA . 62.00 19.30 -3.82
CAR LRD OA . 63.13 23.03 -1.48
CAQ LRD OA . 61.80 22.53 -1.43
CAP LRD OA . 61.45 21.38 -2.15
O1 LRD OA . 60.12 20.87 -2.12
C1 GAL PA . 59.68 20.77 -0.84
C2 GAL PA . 58.31 21.34 -0.78
C3 GAL PA . 57.74 21.18 0.52
C4 GAL PA . 57.73 19.78 0.93
C5 GAL PA . 59.10 19.15 0.84
C6 GAL PA . 58.96 17.68 1.10
O2 GAL PA . 58.35 22.73 -1.12
O3 GAL PA . 56.40 21.72 0.52
O4 GAL PA . 56.86 19.05 0.11
O5 GAL PA . 59.71 19.34 -0.41
O6 GAL PA . 60.10 16.90 1.08
CA CA QA . 15.16 -35.08 -36.00
OBL LRD RA . 13.48 -46.09 -30.30
SBA LRD RA . 13.19 -45.33 -29.09
OBJ LRD RA . 13.43 -43.90 -29.31
OBK LRD RA . 14.07 -45.81 -28.02
CAW LRD RA . 11.51 -45.59 -28.60
CAV LRD RA . 11.27 -45.75 -27.24
CAU LRD RA . 9.98 -45.95 -26.76
CAZ LRD RA . 8.92 -45.99 -27.63
CAY LRD RA . 9.15 -45.84 -29.00
CAX LRD RA . 10.44 -45.63 -29.50
CAS LRD RA . 10.58 -45.45 -31.04
CBE LRD RA . 11.08 -46.72 -31.78
CBF LRD RA . 12.01 -46.65 -32.82
CBG LRD RA . 12.44 -47.84 -33.47
CLB LRD RA . 13.60 -47.75 -34.75
CBB LRD RA . 11.94 -49.07 -33.07
OBH LRD RA . 12.35 -50.22 -33.70
CBC LRD RA . 11.00 -49.14 -32.03
CBD LRD RA . 10.57 -47.96 -31.39
CAM LRD RA . 11.20 -44.08 -31.44
CAN LRD RA . 10.42 -42.93 -31.32
CAO LRD RA . 10.93 -41.66 -31.67
CLA LRD RA . 9.93 -40.25 -31.52
CAR LRD RA . 12.52 -43.95 -31.92
CAQ LRD RA . 13.04 -42.69 -32.27
CAP LRD RA . 12.25 -41.54 -32.15
O1 LRD RA . 12.76 -40.26 -32.50
C1 GAL SA . 13.39 -40.33 -33.71
C2 GAL SA . 12.91 -39.26 -34.63
C3 GAL SA . 13.63 -39.29 -35.85
C4 GAL SA . 15.05 -39.09 -35.58
C5 GAL SA . 15.58 -40.18 -34.69
C6 GAL SA . 17.02 -39.92 -34.37
O2 GAL SA . 11.51 -39.43 -34.89
O3 GAL SA . 13.14 -38.28 -36.77
O4 GAL SA . 15.23 -37.85 -34.95
O5 GAL SA . 14.86 -40.27 -33.49
O6 GAL SA . 17.51 -40.38 -33.16
CA CA TA . -36.48 15.08 43.60
OBL LRD UA . -41.09 25.24 41.52
SBA LRD UA . -42.30 24.85 40.81
OBJ LRD UA . -42.19 23.44 40.38
OBK LRD UA . -42.42 25.71 39.63
CAW LRD UA . -43.76 25.05 41.79
CAV LRD UA . -44.93 25.27 41.06
CAU LRD UA . -46.16 25.44 41.68
CAZ LRD UA . -46.24 25.41 43.06
CAY LRD UA . -45.07 25.19 43.81
CAX LRD UA . -43.84 25.01 43.20
CAS LRD UA . -42.66 24.78 44.18
CBE LRD UA . -41.76 26.00 44.50
CBF LRD UA . -41.55 26.35 45.84
CBG LRD UA . -40.75 27.46 46.18
CLB LRD UA . -40.50 27.88 47.84
CBB LRD UA . -40.16 28.22 45.17
OBH LRD UA . -39.38 29.31 45.49
CBC LRD UA . -40.36 27.88 43.83
CBD LRD UA . -41.17 26.77 43.50
CAM LRD UA . -41.90 23.42 43.96
CAN LRD UA . -42.48 22.25 44.46
CAO LRD UA . -41.84 21.00 44.28
CLA LRD UA . -42.57 19.55 44.90
CAR LRD UA . -40.66 23.36 43.29
CAQ LRD UA . -40.02 22.11 43.11
CAP LRD UA . -40.60 20.93 43.60
O1 LRD UA . -39.97 19.69 43.44
C1 GAL VA . -38.66 19.80 43.75
C2 GAL VA . -38.21 18.58 44.50
C3 GAL VA . -36.81 18.62 44.75
C4 GAL VA . -36.04 18.81 43.52
C5 GAL VA . -36.48 20.02 42.74
C6 GAL VA . -35.78 20.02 41.42
O2 GAL VA . -38.92 18.49 45.74
O3 GAL VA . -36.41 17.39 45.41
O4 GAL VA . -36.17 17.67 42.70
O5 GAL VA . -37.86 20.01 42.52
O6 GAL VA . -36.46 20.54 40.32
#